data_7CQ0
# 
_entry.id   7CQ0 
# 
_audit_conform.dict_name       mmcif_pdbx.dic 
_audit_conform.dict_version    5.380 
_audit_conform.dict_location   http://mmcif.pdb.org/dictionaries/ascii/mmcif_pdbx.dic 
# 
loop_
_database_2.database_id 
_database_2.database_code 
_database_2.pdbx_database_accession 
_database_2.pdbx_DOI 
PDB   7CQ0         pdb_00007cq0 10.2210/pdb7cq0/pdb 
WWPDB D_1300018042 ?            ?                   
# 
_pdbx_database_status.status_code                     REL 
_pdbx_database_status.status_code_sf                  REL 
_pdbx_database_status.status_code_mr                  ? 
_pdbx_database_status.entry_id                        7CQ0 
_pdbx_database_status.recvd_initial_deposition_date   2020-08-08 
_pdbx_database_status.SG_entry                        N 
_pdbx_database_status.deposit_site                    PDBJ 
_pdbx_database_status.process_site                    PDBJ 
_pdbx_database_status.status_code_cs                  ? 
_pdbx_database_status.status_code_nmr_data            ? 
_pdbx_database_status.methods_development_category    ? 
_pdbx_database_status.pdb_format_compatible           Y 
# 
loop_
_audit_author.name 
_audit_author.pdbx_ordinal 
_audit_author.identifier_ORCID 
'Jeon, B.J.'  1 ? 
'Kim, S.'     2 ? 
'Lee, J.-H.'  3 ? 
'Kim, M.S.'   4 ? 
'Hwang, K.Y.' 5 ? 
# 
_citation.abstract                  ? 
_citation.abstract_id_CAS           ? 
_citation.book_id_ISBN              ? 
_citation.book_publisher            ? 
_citation.book_publisher_city       ? 
_citation.book_title                ? 
_citation.coordinate_linkage        ? 
_citation.country                   UK 
_citation.database_id_Medline       ? 
_citation.details                   ? 
_citation.id                        primary 
_citation.journal_abbrev            Iucrj 
_citation.journal_id_ASTM           ? 
_citation.journal_id_CSD            ? 
_citation.journal_id_ISSN           2052-2525 
_citation.journal_full              ? 
_citation.journal_issue             ? 
_citation.journal_volume            8 
_citation.language                  ? 
_citation.page_first                168 
_citation.page_last                 177 
_citation.title                     
;Insights into the structure of mature streptavidin C1 from Streptomyces cinnamonensis reveal the self-binding of the extension C-terminal peptide to biotin-binding sites.
;
_citation.year                      2021 
_citation.database_id_CSD           ? 
_citation.pdbx_database_id_DOI      10.1107/S2052252520015675 
_citation.pdbx_database_id_PubMed   33708394 
_citation.unpublished_flag          ? 
# 
loop_
_citation_author.citation_id 
_citation_author.name 
_citation_author.ordinal 
_citation_author.identifier_ORCID 
primary 'Jeon, B.J.'  1 0000-0001-7302-4298 
primary 'Kim, S.'     2 ?                   
primary 'Kim, M.S.'   3 ?                   
primary 'Lee, J.H.'   4 ?                   
primary 'Kim, B.S.'   5 0000-0003-0817-8623 
primary 'Hwang, K.Y.' 6 0000-0002-2076-5030 
# 
_cell.angle_alpha                  90.000 
_cell.angle_alpha_esd              ? 
_cell.angle_beta                   90.000 
_cell.angle_beta_esd               ? 
_cell.angle_gamma                  90.000 
_cell.angle_gamma_esd              ? 
_cell.entry_id                     7CQ0 
_cell.details                      ? 
_cell.formula_units_Z              ? 
_cell.length_a                     58.442 
_cell.length_a_esd                 ? 
_cell.length_b                     58.442 
_cell.length_b_esd                 ? 
_cell.length_c                     78.492 
_cell.length_c_esd                 ? 
_cell.volume                       268086.864 
_cell.volume_esd                   ? 
_cell.Z_PDB                        8 
_cell.reciprocal_angle_alpha       ? 
_cell.reciprocal_angle_beta        ? 
_cell.reciprocal_angle_gamma       ? 
_cell.reciprocal_angle_alpha_esd   ? 
_cell.reciprocal_angle_beta_esd    ? 
_cell.reciprocal_angle_gamma_esd   ? 
_cell.reciprocal_length_a          ? 
_cell.reciprocal_length_b          ? 
_cell.reciprocal_length_c          ? 
_cell.reciprocal_length_a_esd      ? 
_cell.reciprocal_length_b_esd      ? 
_cell.reciprocal_length_c_esd      ? 
_cell.pdbx_unique_axis             ? 
# 
_symmetry.entry_id                         7CQ0 
_symmetry.cell_setting                     ? 
_symmetry.Int_Tables_number                94 
_symmetry.space_group_name_Hall            'P 4n 2n' 
_symmetry.space_group_name_H-M             'P 42 21 2' 
_symmetry.pdbx_full_space_group_name_H-M   ? 
# 
loop_
_entity.id 
_entity.type 
_entity.src_method 
_entity.pdbx_description 
_entity.formula_weight 
_entity.pdbx_number_of_molecules 
_entity.pdbx_ec 
_entity.pdbx_mutation 
_entity.pdbx_fragment 
_entity.details 
1 polymer man 'Mature Streptoavidin-C1' 20172.203 1  ? ? ? ? 
2 water   nat water                     18.015    97 ? ? ? ? 
# 
_entity_poly.entity_id                      1 
_entity_poly.type                           'polypeptide(L)' 
_entity_poly.nstd_linkage                   no 
_entity_poly.nstd_monomer                   no 
_entity_poly.pdbx_seq_one_letter_code       
;MTRVRQALVALCALSLTFVTVSASASADPRETVSADAAETGSATESRPGILGTWYNQLGSVMVVTRAANGGFVGTYESAV
GNAEKRYVMTGRYDSAPADGTGTAVGWTVAYRNAHRNAHSVATWSGQYVGGSQERIVTQWLLSYGTTPADQWKSTFLGHD
EFTRVKPSAADVEKARQLGVTSANPPASDGE
;
_entity_poly.pdbx_seq_one_letter_code_can   
;MTRVRQALVALCALSLTFVTVSASASADPRETVSADAAETGSATESRPGILGTWYNQLGSVMVVTRAANGGFVGTYESAV
GNAEKRYVMTGRYDSAPADGTGTAVGWTVAYRNAHRNAHSVATWSGQYVGGSQERIVTQWLLSYGTTPADQWKSTFLGHD
EFTRVKPSAADVEKARQLGVTSANPPASDGE
;
_entity_poly.pdbx_strand_id                 A 
_entity_poly.pdbx_target_identifier         ? 
# 
loop_
_entity_poly_seq.entity_id 
_entity_poly_seq.num 
_entity_poly_seq.mon_id 
_entity_poly_seq.hetero 
1 1   MET n 
1 2   THR n 
1 3   ARG n 
1 4   VAL n 
1 5   ARG n 
1 6   GLN n 
1 7   ALA n 
1 8   LEU n 
1 9   VAL n 
1 10  ALA n 
1 11  LEU n 
1 12  CYS n 
1 13  ALA n 
1 14  LEU n 
1 15  SER n 
1 16  LEU n 
1 17  THR n 
1 18  PHE n 
1 19  VAL n 
1 20  THR n 
1 21  VAL n 
1 22  SER n 
1 23  ALA n 
1 24  SER n 
1 25  ALA n 
1 26  SER n 
1 27  ALA n 
1 28  ASP n 
1 29  PRO n 
1 30  ARG n 
1 31  GLU n 
1 32  THR n 
1 33  VAL n 
1 34  SER n 
1 35  ALA n 
1 36  ASP n 
1 37  ALA n 
1 38  ALA n 
1 39  GLU n 
1 40  THR n 
1 41  GLY n 
1 42  SER n 
1 43  ALA n 
1 44  THR n 
1 45  GLU n 
1 46  SER n 
1 47  ARG n 
1 48  PRO n 
1 49  GLY n 
1 50  ILE n 
1 51  LEU n 
1 52  GLY n 
1 53  THR n 
1 54  TRP n 
1 55  TYR n 
1 56  ASN n 
1 57  GLN n 
1 58  LEU n 
1 59  GLY n 
1 60  SER n 
1 61  VAL n 
1 62  MET n 
1 63  VAL n 
1 64  VAL n 
1 65  THR n 
1 66  ARG n 
1 67  ALA n 
1 68  ALA n 
1 69  ASN n 
1 70  GLY n 
1 71  GLY n 
1 72  PHE n 
1 73  VAL n 
1 74  GLY n 
1 75  THR n 
1 76  TYR n 
1 77  GLU n 
1 78  SER n 
1 79  ALA n 
1 80  VAL n 
1 81  GLY n 
1 82  ASN n 
1 83  ALA n 
1 84  GLU n 
1 85  LYS n 
1 86  ARG n 
1 87  TYR n 
1 88  VAL n 
1 89  MET n 
1 90  THR n 
1 91  GLY n 
1 92  ARG n 
1 93  TYR n 
1 94  ASP n 
1 95  SER n 
1 96  ALA n 
1 97  PRO n 
1 98  ALA n 
1 99  ASP n 
1 100 GLY n 
1 101 THR n 
1 102 GLY n 
1 103 THR n 
1 104 ALA n 
1 105 VAL n 
1 106 GLY n 
1 107 TRP n 
1 108 THR n 
1 109 VAL n 
1 110 ALA n 
1 111 TYR n 
1 112 ARG n 
1 113 ASN n 
1 114 ALA n 
1 115 HIS n 
1 116 ARG n 
1 117 ASN n 
1 118 ALA n 
1 119 HIS n 
1 120 SER n 
1 121 VAL n 
1 122 ALA n 
1 123 THR n 
1 124 TRP n 
1 125 SER n 
1 126 GLY n 
1 127 GLN n 
1 128 TYR n 
1 129 VAL n 
1 130 GLY n 
1 131 GLY n 
1 132 SER n 
1 133 GLN n 
1 134 GLU n 
1 135 ARG n 
1 136 ILE n 
1 137 VAL n 
1 138 THR n 
1 139 GLN n 
1 140 TRP n 
1 141 LEU n 
1 142 LEU n 
1 143 SER n 
1 144 TYR n 
1 145 GLY n 
1 146 THR n 
1 147 THR n 
1 148 PRO n 
1 149 ALA n 
1 150 ASP n 
1 151 GLN n 
1 152 TRP n 
1 153 LYS n 
1 154 SER n 
1 155 THR n 
1 156 PHE n 
1 157 LEU n 
1 158 GLY n 
1 159 HIS n 
1 160 ASP n 
1 161 GLU n 
1 162 PHE n 
1 163 THR n 
1 164 ARG n 
1 165 VAL n 
1 166 LYS n 
1 167 PRO n 
1 168 SER n 
1 169 ALA n 
1 170 ALA n 
1 171 ASP n 
1 172 VAL n 
1 173 GLU n 
1 174 LYS n 
1 175 ALA n 
1 176 ARG n 
1 177 GLN n 
1 178 LEU n 
1 179 GLY n 
1 180 VAL n 
1 181 THR n 
1 182 SER n 
1 183 ALA n 
1 184 ASN n 
1 185 PRO n 
1 186 PRO n 
1 187 ALA n 
1 188 SER n 
1 189 ASP n 
1 190 GLY n 
1 191 GLU n 
# 
_entity_src_gen.entity_id                          1 
_entity_src_gen.pdbx_src_id                        1 
_entity_src_gen.pdbx_alt_source_flag               sample 
_entity_src_gen.pdbx_seq_type                      'Biological sequence' 
_entity_src_gen.pdbx_beg_seq_num                   1 
_entity_src_gen.pdbx_end_seq_num                   191 
_entity_src_gen.gene_src_common_name               ? 
_entity_src_gen.gene_src_genus                     ? 
_entity_src_gen.pdbx_gene_src_gene                 ADK98_07690 
_entity_src_gen.gene_src_species                   ? 
_entity_src_gen.gene_src_strain                    ? 
_entity_src_gen.gene_src_tissue                    ? 
_entity_src_gen.gene_src_tissue_fraction           ? 
_entity_src_gen.gene_src_details                   ? 
_entity_src_gen.pdbx_gene_src_fragment             ? 
_entity_src_gen.pdbx_gene_src_scientific_name      'Streptomyces sp. H036' 
_entity_src_gen.pdbx_gene_src_ncbi_taxonomy_id     1519487 
_entity_src_gen.pdbx_gene_src_variant              ? 
_entity_src_gen.pdbx_gene_src_cell_line            ? 
_entity_src_gen.pdbx_gene_src_atcc                 ? 
_entity_src_gen.pdbx_gene_src_organ                ? 
_entity_src_gen.pdbx_gene_src_organelle            ? 
_entity_src_gen.pdbx_gene_src_cell                 ? 
_entity_src_gen.pdbx_gene_src_cellular_location    ? 
_entity_src_gen.host_org_common_name               ? 
_entity_src_gen.pdbx_host_org_scientific_name      
;Escherichia coli 'BL21-Gold(DE3)pLysS AG'
;
_entity_src_gen.pdbx_host_org_ncbi_taxonomy_id     866768 
_entity_src_gen.host_org_genus                     ? 
_entity_src_gen.pdbx_host_org_gene                 ? 
_entity_src_gen.pdbx_host_org_organ                ? 
_entity_src_gen.host_org_species                   ? 
_entity_src_gen.pdbx_host_org_tissue               ? 
_entity_src_gen.pdbx_host_org_tissue_fraction      ? 
_entity_src_gen.pdbx_host_org_strain               ? 
_entity_src_gen.pdbx_host_org_variant              ? 
_entity_src_gen.pdbx_host_org_cell_line            ? 
_entity_src_gen.pdbx_host_org_atcc                 ? 
_entity_src_gen.pdbx_host_org_culture_collection   ? 
_entity_src_gen.pdbx_host_org_cell                 ? 
_entity_src_gen.pdbx_host_org_organelle            ? 
_entity_src_gen.pdbx_host_org_cellular_location    ? 
_entity_src_gen.pdbx_host_org_vector_type          ? 
_entity_src_gen.pdbx_host_org_vector               ? 
_entity_src_gen.host_org_details                   ? 
_entity_src_gen.expression_system_id               ? 
_entity_src_gen.plasmid_name                       ? 
_entity_src_gen.plasmid_details                    ? 
_entity_src_gen.pdbx_description                   ? 
# 
_struct_ref.id                         1 
_struct_ref.db_name                    UNP 
_struct_ref.db_code                    A0A0M8UVL7_9ACTN 
_struct_ref.pdbx_db_accession          A0A0M8UVL7 
_struct_ref.pdbx_db_isoform            ? 
_struct_ref.entity_id                  1 
_struct_ref.pdbx_seq_one_letter_code   
;MTRVRQALVALCALSLTFVTVSASASADPRETVSADAAETGSATESRPGILGTWYNQLGSVMVVTRAANGGFVGTYESAV
GNAEKRYVMTGRYDSAPADGTGTAVGWTVAYRNAHRNAHSVATWSGQYVGGSQERIVTQWLLSYGTTPADQWKSTFLGHD
EFTRVKPSAADVEKARQLGVTSANPPASDGE
;
_struct_ref.pdbx_align_begin           1 
# 
_struct_ref_seq.align_id                      1 
_struct_ref_seq.ref_id                        1 
_struct_ref_seq.pdbx_PDB_id_code              7CQ0 
_struct_ref_seq.pdbx_strand_id                A 
_struct_ref_seq.seq_align_beg                 1 
_struct_ref_seq.pdbx_seq_align_beg_ins_code   ? 
_struct_ref_seq.seq_align_end                 191 
_struct_ref_seq.pdbx_seq_align_end_ins_code   ? 
_struct_ref_seq.pdbx_db_accession             A0A0M8UVL7 
_struct_ref_seq.db_align_beg                  1 
_struct_ref_seq.pdbx_db_align_beg_ins_code    ? 
_struct_ref_seq.db_align_end                  191 
_struct_ref_seq.pdbx_db_align_end_ins_code    ? 
_struct_ref_seq.pdbx_auth_seq_align_beg       1 
_struct_ref_seq.pdbx_auth_seq_align_end       191 
# 
loop_
_chem_comp.id 
_chem_comp.type 
_chem_comp.mon_nstd_flag 
_chem_comp.name 
_chem_comp.pdbx_synonyms 
_chem_comp.formula 
_chem_comp.formula_weight 
ALA 'L-peptide linking' y ALANINE         ? 'C3 H7 N O2'     89.093  
ARG 'L-peptide linking' y ARGININE        ? 'C6 H15 N4 O2 1' 175.209 
ASN 'L-peptide linking' y ASPARAGINE      ? 'C4 H8 N2 O3'    132.118 
ASP 'L-peptide linking' y 'ASPARTIC ACID' ? 'C4 H7 N O4'     133.103 
CYS 'L-peptide linking' y CYSTEINE        ? 'C3 H7 N O2 S'   121.158 
GLN 'L-peptide linking' y GLUTAMINE       ? 'C5 H10 N2 O3'   146.144 
GLU 'L-peptide linking' y 'GLUTAMIC ACID' ? 'C5 H9 N O4'     147.129 
GLY 'peptide linking'   y GLYCINE         ? 'C2 H5 N O2'     75.067  
HIS 'L-peptide linking' y HISTIDINE       ? 'C6 H10 N3 O2 1' 156.162 
HOH non-polymer         . WATER           ? 'H2 O'           18.015  
ILE 'L-peptide linking' y ISOLEUCINE      ? 'C6 H13 N O2'    131.173 
LEU 'L-peptide linking' y LEUCINE         ? 'C6 H13 N O2'    131.173 
LYS 'L-peptide linking' y LYSINE          ? 'C6 H15 N2 O2 1' 147.195 
MET 'L-peptide linking' y METHIONINE      ? 'C5 H11 N O2 S'  149.211 
PHE 'L-peptide linking' y PHENYLALANINE   ? 'C9 H11 N O2'    165.189 
PRO 'L-peptide linking' y PROLINE         ? 'C5 H9 N O2'     115.130 
SER 'L-peptide linking' y SERINE          ? 'C3 H7 N O3'     105.093 
THR 'L-peptide linking' y THREONINE       ? 'C4 H9 N O3'     119.119 
TRP 'L-peptide linking' y TRYPTOPHAN      ? 'C11 H12 N2 O2'  204.225 
TYR 'L-peptide linking' y TYROSINE        ? 'C9 H11 N O3'    181.189 
VAL 'L-peptide linking' y VALINE          ? 'C5 H11 N O2'    117.146 
# 
_exptl.absorpt_coefficient_mu     ? 
_exptl.absorpt_correction_T_max   ? 
_exptl.absorpt_correction_T_min   ? 
_exptl.absorpt_correction_type    ? 
_exptl.absorpt_process_details    ? 
_exptl.entry_id                   7CQ0 
_exptl.crystals_number            1 
_exptl.details                    ? 
_exptl.method                     'X-RAY DIFFRACTION' 
_exptl.method_details             ? 
# 
_exptl_crystal.colour                      ? 
_exptl_crystal.density_diffrn              ? 
_exptl_crystal.density_Matthews            1.66 
_exptl_crystal.density_method              ? 
_exptl_crystal.density_percent_sol         25.96 
_exptl_crystal.description                 ? 
_exptl_crystal.F_000                       ? 
_exptl_crystal.id                          1 
_exptl_crystal.preparation                 ? 
_exptl_crystal.size_max                    ? 
_exptl_crystal.size_mid                    ? 
_exptl_crystal.size_min                    ? 
_exptl_crystal.size_rad                    ? 
_exptl_crystal.colour_lustre               ? 
_exptl_crystal.colour_modifier             ? 
_exptl_crystal.colour_primary              ? 
_exptl_crystal.density_meas                ? 
_exptl_crystal.density_meas_esd            ? 
_exptl_crystal.density_meas_gt             ? 
_exptl_crystal.density_meas_lt             ? 
_exptl_crystal.density_meas_temp           ? 
_exptl_crystal.density_meas_temp_esd       ? 
_exptl_crystal.density_meas_temp_gt        ? 
_exptl_crystal.density_meas_temp_lt        ? 
_exptl_crystal.pdbx_crystal_image_url      ? 
_exptl_crystal.pdbx_crystal_image_format   ? 
_exptl_crystal.pdbx_mosaicity              ? 
_exptl_crystal.pdbx_mosaicity_esd          ? 
# 
_exptl_crystal_grow.apparatus       ? 
_exptl_crystal_grow.atmosphere      ? 
_exptl_crystal_grow.crystal_id      1 
_exptl_crystal_grow.details         ? 
_exptl_crystal_grow.method          'BATCH MODE' 
_exptl_crystal_grow.method_ref      ? 
_exptl_crystal_grow.pH              ? 
_exptl_crystal_grow.pressure        ? 
_exptl_crystal_grow.pressure_esd    ? 
_exptl_crystal_grow.seeding         ? 
_exptl_crystal_grow.seeding_ref     ? 
_exptl_crystal_grow.temp            298.15 
_exptl_crystal_grow.temp_details    ? 
_exptl_crystal_grow.temp_esd        ? 
_exptl_crystal_grow.time            ? 
_exptl_crystal_grow.pdbx_details    PEG3350 
_exptl_crystal_grow.pdbx_pH_range   ? 
# 
_diffrn.ambient_environment              ? 
_diffrn.ambient_temp                     100 
_diffrn.ambient_temp_details             ? 
_diffrn.ambient_temp_esd                 ? 
_diffrn.crystal_id                       1 
_diffrn.crystal_support                  ? 
_diffrn.crystal_treatment                ? 
_diffrn.details                          ? 
_diffrn.id                               1 
_diffrn.ambient_pressure                 ? 
_diffrn.ambient_pressure_esd             ? 
_diffrn.ambient_pressure_gt              ? 
_diffrn.ambient_pressure_lt              ? 
_diffrn.ambient_temp_gt                  ? 
_diffrn.ambient_temp_lt                  ? 
_diffrn.pdbx_serial_crystal_experiment   N 
# 
_diffrn_detector.details                      ? 
_diffrn_detector.detector                     PIXEL 
_diffrn_detector.diffrn_id                    1 
_diffrn_detector.type                         'DECTRIS PILATUS3 R CdTe 300K' 
_diffrn_detector.area_resol_mean              ? 
_diffrn_detector.dtime                        ? 
_diffrn_detector.pdbx_frames_total            ? 
_diffrn_detector.pdbx_collection_time_total   ? 
_diffrn_detector.pdbx_collection_date         2020-05-08 
_diffrn_detector.pdbx_frequency               ? 
# 
_diffrn_radiation.collimation                      ? 
_diffrn_radiation.diffrn_id                        1 
_diffrn_radiation.filter_edge                      ? 
_diffrn_radiation.inhomogeneity                    ? 
_diffrn_radiation.monochromator                    ? 
_diffrn_radiation.polarisn_norm                    ? 
_diffrn_radiation.polarisn_ratio                   ? 
_diffrn_radiation.probe                            ? 
_diffrn_radiation.type                             ? 
_diffrn_radiation.xray_symbol                      ? 
_diffrn_radiation.wavelength_id                    1 
_diffrn_radiation.pdbx_monochromatic_or_laue_m_l   M 
_diffrn_radiation.pdbx_wavelength_list             ? 
_diffrn_radiation.pdbx_wavelength                  ? 
_diffrn_radiation.pdbx_diffrn_protocol             'SINGLE WAVELENGTH' 
_diffrn_radiation.pdbx_analyzer                    ? 
_diffrn_radiation.pdbx_scattering_type             x-ray 
# 
_diffrn_radiation_wavelength.id           1 
_diffrn_radiation_wavelength.wavelength   0.9794 
_diffrn_radiation_wavelength.wt           1.0 
# 
_diffrn_source.current                     ? 
_diffrn_source.details                     ? 
_diffrn_source.diffrn_id                   1 
_diffrn_source.power                       ? 
_diffrn_source.size                        ? 
_diffrn_source.source                      SYNCHROTRON 
_diffrn_source.target                      ? 
_diffrn_source.type                        'PAL/PLS BEAMLINE 11C' 
_diffrn_source.voltage                     ? 
_diffrn_source.take-off_angle              ? 
_diffrn_source.pdbx_wavelength_list        0.9794 
_diffrn_source.pdbx_wavelength             ? 
_diffrn_source.pdbx_synchrotron_beamline   11C 
_diffrn_source.pdbx_synchrotron_site       PAL/PLS 
# 
_reflns.B_iso_Wilson_estimate            24.97 
_reflns.entry_id                         7CQ0 
_reflns.data_reduction_details           ? 
_reflns.data_reduction_method            ? 
_reflns.d_resolution_high                2.03 
_reflns.d_resolution_low                 46.88 
_reflns.details                          ? 
_reflns.limit_h_max                      ? 
_reflns.limit_h_min                      ? 
_reflns.limit_k_max                      ? 
_reflns.limit_k_min                      ? 
_reflns.limit_l_max                      ? 
_reflns.limit_l_min                      ? 
_reflns.number_all                       ? 
_reflns.number_obs                       16769 
_reflns.observed_criterion               ? 
_reflns.observed_criterion_F_max         ? 
_reflns.observed_criterion_F_min         ? 
_reflns.observed_criterion_I_max         ? 
_reflns.observed_criterion_I_min         ? 
_reflns.observed_criterion_sigma_F       ? 
_reflns.observed_criterion_sigma_I       ? 
_reflns.percent_possible_obs             99.8 
_reflns.R_free_details                   ? 
_reflns.Rmerge_F_all                     ? 
_reflns.Rmerge_F_obs                     ? 
_reflns.Friedel_coverage                 ? 
_reflns.number_gt                        ? 
_reflns.threshold_expression             ? 
_reflns.pdbx_redundancy                  20 
_reflns.pdbx_Rmerge_I_obs                ? 
_reflns.pdbx_Rmerge_I_all                ? 
_reflns.pdbx_Rsym_value                  ? 
_reflns.pdbx_netI_over_av_sigmaI         ? 
_reflns.pdbx_netI_over_sigmaI            6.3 
_reflns.pdbx_res_netI_over_av_sigmaI_2   ? 
_reflns.pdbx_res_netI_over_sigmaI_2      ? 
_reflns.pdbx_chi_squared                 ? 
_reflns.pdbx_scaling_rejects             ? 
_reflns.pdbx_d_res_high_opt              ? 
_reflns.pdbx_d_res_low_opt               ? 
_reflns.pdbx_d_res_opt_method            ? 
_reflns.phase_calculation_details        ? 
_reflns.pdbx_Rrim_I_all                  0.315 
_reflns.pdbx_Rpim_I_all                  ? 
_reflns.pdbx_d_opt                       ? 
_reflns.pdbx_number_measured_all         ? 
_reflns.pdbx_diffrn_id                   1 
_reflns.pdbx_ordinal                     1 
_reflns.pdbx_CC_half                     ? 
_reflns.pdbx_CC_star                     ? 
_reflns.pdbx_R_split                     ? 
# 
_reflns_shell.d_res_high                  2.03 
_reflns_shell.d_res_low                   2.09 
_reflns_shell.meanI_over_sigI_all         ? 
_reflns_shell.meanI_over_sigI_obs         ? 
_reflns_shell.number_measured_all         ? 
_reflns_shell.number_measured_obs         ? 
_reflns_shell.number_possible             ? 
_reflns_shell.number_unique_all           ? 
_reflns_shell.number_unique_obs           16769 
_reflns_shell.percent_possible_all        ? 
_reflns_shell.percent_possible_obs        ? 
_reflns_shell.Rmerge_F_all                ? 
_reflns_shell.Rmerge_F_obs                ? 
_reflns_shell.Rmerge_I_all                ? 
_reflns_shell.Rmerge_I_obs                ? 
_reflns_shell.meanI_over_sigI_gt          ? 
_reflns_shell.meanI_over_uI_all           ? 
_reflns_shell.meanI_over_uI_gt            ? 
_reflns_shell.number_measured_gt          ? 
_reflns_shell.number_unique_gt            ? 
_reflns_shell.percent_possible_gt         ? 
_reflns_shell.Rmerge_F_gt                 ? 
_reflns_shell.Rmerge_I_gt                 ? 
_reflns_shell.pdbx_redundancy             ? 
_reflns_shell.pdbx_Rsym_value             ? 
_reflns_shell.pdbx_chi_squared            ? 
_reflns_shell.pdbx_netI_over_sigmaI_all   ? 
_reflns_shell.pdbx_netI_over_sigmaI_obs   ? 
_reflns_shell.pdbx_Rrim_I_all             0.315 
_reflns_shell.pdbx_Rpim_I_all             ? 
_reflns_shell.pdbx_rejects                ? 
_reflns_shell.pdbx_ordinal                1 
_reflns_shell.pdbx_diffrn_id              1 
_reflns_shell.pdbx_CC_half                ? 
_reflns_shell.pdbx_CC_star                ? 
_reflns_shell.pdbx_R_split                ? 
# 
_refine.aniso_B[1][1]                            ? 
_refine.aniso_B[1][2]                            ? 
_refine.aniso_B[1][3]                            ? 
_refine.aniso_B[2][2]                            ? 
_refine.aniso_B[2][3]                            ? 
_refine.aniso_B[3][3]                            ? 
_refine.B_iso_max                                ? 
_refine.B_iso_mean                               30.64 
_refine.B_iso_min                                ? 
_refine.correlation_coeff_Fo_to_Fc               ? 
_refine.correlation_coeff_Fo_to_Fc_free          ? 
_refine.details                                  ? 
_refine.diff_density_max                         ? 
_refine.diff_density_max_esd                     ? 
_refine.diff_density_min                         ? 
_refine.diff_density_min_esd                     ? 
_refine.diff_density_rms                         ? 
_refine.diff_density_rms_esd                     ? 
_refine.entry_id                                 7CQ0 
_refine.pdbx_refine_id                           'X-RAY DIFFRACTION' 
_refine.ls_abs_structure_details                 ? 
_refine.ls_abs_structure_Flack                   ? 
_refine.ls_abs_structure_Flack_esd               ? 
_refine.ls_abs_structure_Rogers                  ? 
_refine.ls_abs_structure_Rogers_esd              ? 
_refine.ls_d_res_high                            2.03 
_refine.ls_d_res_low                             46.88 
_refine.ls_extinction_coef                       ? 
_refine.ls_extinction_coef_esd                   ? 
_refine.ls_extinction_expression                 ? 
_refine.ls_extinction_method                     ? 
_refine.ls_goodness_of_fit_all                   ? 
_refine.ls_goodness_of_fit_all_esd               ? 
_refine.ls_goodness_of_fit_obs                   ? 
_refine.ls_goodness_of_fit_obs_esd               ? 
_refine.ls_hydrogen_treatment                    ? 
_refine.ls_matrix_type                           ? 
_refine.ls_number_constraints                    ? 
_refine.ls_number_parameters                     ? 
_refine.ls_number_reflns_all                     ? 
_refine.ls_number_reflns_obs                     16769 
_refine.ls_number_reflns_R_free                  1691 
_refine.ls_number_reflns_R_work                  15078 
_refine.ls_number_restraints                     ? 
_refine.ls_percent_reflns_obs                    99.80 
_refine.ls_percent_reflns_R_free                 10.08 
_refine.ls_R_factor_all                          ? 
_refine.ls_R_factor_obs                          0.2054 
_refine.ls_R_factor_R_free                       0.2256 
_refine.ls_R_factor_R_free_error                 ? 
_refine.ls_R_factor_R_free_error_details         ? 
_refine.ls_R_factor_R_work                       0.2030 
_refine.ls_R_Fsqd_factor_obs                     ? 
_refine.ls_R_I_factor_obs                        ? 
_refine.ls_redundancy_reflns_all                 ? 
_refine.ls_redundancy_reflns_obs                 ? 
_refine.ls_restrained_S_all                      ? 
_refine.ls_restrained_S_obs                      ? 
_refine.ls_shift_over_esd_max                    ? 
_refine.ls_shift_over_esd_mean                   ? 
_refine.ls_structure_factor_coef                 ? 
_refine.ls_weighting_details                     ? 
_refine.ls_weighting_scheme                      ? 
_refine.ls_wR_factor_all                         ? 
_refine.ls_wR_factor_obs                         ? 
_refine.ls_wR_factor_R_free                      ? 
_refine.ls_wR_factor_R_work                      ? 
_refine.occupancy_max                            ? 
_refine.occupancy_min                            ? 
_refine.solvent_model_details                    'FLAT BULK SOLVENT MODEL' 
_refine.solvent_model_param_bsol                 ? 
_refine.solvent_model_param_ksol                 ? 
_refine.pdbx_R_complete                          ? 
_refine.ls_R_factor_gt                           ? 
_refine.ls_goodness_of_fit_gt                    ? 
_refine.ls_goodness_of_fit_ref                   ? 
_refine.ls_shift_over_su_max                     ? 
_refine.ls_shift_over_su_max_lt                  ? 
_refine.ls_shift_over_su_mean                    ? 
_refine.ls_shift_over_su_mean_lt                 ? 
_refine.pdbx_ls_sigma_I                          ? 
_refine.pdbx_ls_sigma_F                          1.33 
_refine.pdbx_ls_sigma_Fsqd                       ? 
_refine.pdbx_data_cutoff_high_absF               ? 
_refine.pdbx_data_cutoff_high_rms_absF           ? 
_refine.pdbx_data_cutoff_low_absF                ? 
_refine.pdbx_isotropic_thermal_model             ? 
_refine.pdbx_ls_cross_valid_method               'FREE R-VALUE' 
_refine.pdbx_method_to_determine_struct          'MOLECULAR REPLACEMENT' 
_refine.pdbx_starting_model                      6hds 
_refine.pdbx_stereochemistry_target_values       'GeoStd + Monomer Library + CDL v1.2' 
_refine.pdbx_R_Free_selection_details            ? 
_refine.pdbx_stereochem_target_val_spec_case     ? 
_refine.pdbx_overall_ESU_R                       ? 
_refine.pdbx_overall_ESU_R_Free                  ? 
_refine.pdbx_solvent_vdw_probe_radii             1.1100 
_refine.pdbx_solvent_ion_probe_radii             ? 
_refine.pdbx_solvent_shrinkage_radii             0.9000 
_refine.pdbx_real_space_R                        ? 
_refine.pdbx_density_correlation                 ? 
_refine.pdbx_pd_number_of_powder_patterns        ? 
_refine.pdbx_pd_number_of_points                 ? 
_refine.pdbx_pd_meas_number_of_points            ? 
_refine.pdbx_pd_proc_ls_prof_R_factor            ? 
_refine.pdbx_pd_proc_ls_prof_wR_factor           ? 
_refine.pdbx_pd_Marquardt_correlation_coeff      ? 
_refine.pdbx_pd_Fsqrd_R_factor                   ? 
_refine.pdbx_pd_ls_matrix_band_width             ? 
_refine.pdbx_overall_phase_error                 24.1929 
_refine.pdbx_overall_SU_R_free_Cruickshank_DPI   ? 
_refine.pdbx_overall_SU_R_free_Blow_DPI          ? 
_refine.pdbx_overall_SU_R_Blow_DPI               ? 
_refine.pdbx_TLS_residual_ADP_flag               ? 
_refine.pdbx_diffrn_id                           1 
_refine.overall_SU_B                             ? 
_refine.overall_SU_ML                            0.2100 
_refine.overall_SU_R_Cruickshank_DPI             ? 
_refine.overall_SU_R_free                        ? 
_refine.overall_FOM_free_R_set                   ? 
_refine.overall_FOM_work_R_set                   ? 
_refine.pdbx_average_fsc_overall                 ? 
_refine.pdbx_average_fsc_work                    ? 
_refine.pdbx_average_fsc_free                    ? 
# 
_refine_hist.pdbx_refine_id                   'X-RAY DIFFRACTION' 
_refine_hist.cycle_id                         LAST 
_refine_hist.details                          ? 
_refine_hist.d_res_high                       2.03 
_refine_hist.d_res_low                        46.88 
_refine_hist.number_atoms_solvent             97 
_refine_hist.number_atoms_total               1156 
_refine_hist.number_reflns_all                ? 
_refine_hist.number_reflns_obs                ? 
_refine_hist.number_reflns_R_free             ? 
_refine_hist.number_reflns_R_work             ? 
_refine_hist.R_factor_all                     ? 
_refine_hist.R_factor_obs                     ? 
_refine_hist.R_factor_R_free                  ? 
_refine_hist.R_factor_R_work                  ? 
_refine_hist.pdbx_number_residues_total       ? 
_refine_hist.pdbx_B_iso_mean_ligand           ? 
_refine_hist.pdbx_B_iso_mean_solvent          ? 
_refine_hist.pdbx_number_atoms_protein        1059 
_refine_hist.pdbx_number_atoms_nucleic_acid   0 
_refine_hist.pdbx_number_atoms_ligand         0 
_refine_hist.pdbx_number_atoms_lipid          ? 
_refine_hist.pdbx_number_atoms_carb           ? 
_refine_hist.pdbx_pseudo_atom_details         ? 
# 
loop_
_refine_ls_restr.pdbx_refine_id 
_refine_ls_restr.criterion 
_refine_ls_restr.dev_ideal 
_refine_ls_restr.dev_ideal_target 
_refine_ls_restr.number 
_refine_ls_restr.rejects 
_refine_ls_restr.type 
_refine_ls_restr.weight 
_refine_ls_restr.pdbx_restraint_function 
'X-RAY DIFFRACTION' ? 0.0038  ? 1087 ? f_bond_d           ? ? 
'X-RAY DIFFRACTION' ? 0.6214  ? 1483 ? f_angle_d          ? ? 
'X-RAY DIFFRACTION' ? 0.0496  ? 159  ? f_chiral_restr     ? ? 
'X-RAY DIFFRACTION' ? 0.0038  ? 192  ? f_plane_restr      ? ? 
'X-RAY DIFFRACTION' ? 25.7251 ? 154  ? f_dihedral_angle_d ? ? 
# 
loop_
_refine_ls_shell.pdbx_refine_id 
_refine_ls_shell.d_res_high 
_refine_ls_shell.d_res_low 
_refine_ls_shell.number_reflns_all 
_refine_ls_shell.number_reflns_obs 
_refine_ls_shell.number_reflns_R_free 
_refine_ls_shell.number_reflns_R_work 
_refine_ls_shell.percent_reflns_obs 
_refine_ls_shell.percent_reflns_R_free 
_refine_ls_shell.R_factor_all 
_refine_ls_shell.R_factor_obs 
_refine_ls_shell.R_factor_R_free 
_refine_ls_shell.R_factor_R_free_error 
_refine_ls_shell.R_factor_R_work 
_refine_ls_shell.redundancy_reflns_all 
_refine_ls_shell.redundancy_reflns_obs 
_refine_ls_shell.wR_factor_all 
_refine_ls_shell.wR_factor_obs 
_refine_ls_shell.wR_factor_R_free 
_refine_ls_shell.wR_factor_R_work 
_refine_ls_shell.pdbx_R_complete 
_refine_ls_shell.pdbx_total_number_of_bins_used 
_refine_ls_shell.pdbx_phase_error 
_refine_ls_shell.pdbx_fsc_work 
_refine_ls_shell.pdbx_fsc_free 
'X-RAY DIFFRACTION' 2.03 2.09  . . 141 1254 99.01  . . . 0.2644 . 0.2962 . . . . . . . . . . . 
'X-RAY DIFFRACTION' 2.09 2.16  . . 142 1234 99.57  . . . 0.3011 . 0.2884 . . . . . . . . . . . 
'X-RAY DIFFRACTION' 2.16 2.23  . . 143 1290 100.00 . . . 0.3178 . 0.2567 . . . . . . . . . . . 
'X-RAY DIFFRACTION' 2.23 2.32  . . 139 1236 99.78  . . . 0.3037 . 0.2437 . . . . . . . . . . . 
'X-RAY DIFFRACTION' 2.32 2.43  . . 142 1272 100.00 . . . 0.2797 . 0.2411 . . . . . . . . . . . 
'X-RAY DIFFRACTION' 2.43 2.56  . . 136 1238 99.85  . . . 0.2610 . 0.2352 . . . . . . . . . . . 
'X-RAY DIFFRACTION' 2.56 2.72  . . 143 1267 99.86  . . . 0.2871 . 0.2220 . . . . . . . . . . . 
'X-RAY DIFFRACTION' 2.72 2.93  . . 139 1264 100.00 . . . 0.2205 . 0.2026 . . . . . . . . . . . 
'X-RAY DIFFRACTION' 2.93 3.22  . . 136 1249 99.93  . . . 0.2215 . 0.1905 . . . . . . . . . . . 
'X-RAY DIFFRACTION' 3.22 3.69  . . 142 1253 99.86  . . . 0.1870 . 0.1776 . . . . . . . . . . . 
'X-RAY DIFFRACTION' 3.69 4.64  . . 138 1266 99.93  . . . 0.1819 . 0.1500 . . . . . . . . . . . 
'X-RAY DIFFRACTION' 4.65 46.88 . . 150 1255 99.79  . . . 0.1874 . 0.1810 . . . . . . . . . . . 
# 
_struct.entry_id                     7CQ0 
_struct.title                        'Crystal structure of Streptoavidin-C1 from Streptomyces cinamonensis' 
_struct.pdbx_model_details           ? 
_struct.pdbx_formula_weight          ? 
_struct.pdbx_formula_weight_method   ? 
_struct.pdbx_model_type_details      ? 
_struct.pdbx_CASP_flag               N 
# 
_struct_keywords.entry_id        7CQ0 
_struct_keywords.text            'Avidin, Antifungal, Biotin, ANTIMICROBIAL PROTEIN' 
_struct_keywords.pdbx_keywords   'ANTIMICROBIAL PROTEIN' 
# 
loop_
_struct_asym.id 
_struct_asym.pdbx_blank_PDB_chainid_flag 
_struct_asym.pdbx_modified 
_struct_asym.entity_id 
_struct_asym.details 
A N N 1 ? 
B N N 2 ? 
# 
loop_
_struct_conf.conf_type_id 
_struct_conf.id 
_struct_conf.pdbx_PDB_helix_id 
_struct_conf.beg_label_comp_id 
_struct_conf.beg_label_asym_id 
_struct_conf.beg_label_seq_id 
_struct_conf.pdbx_beg_PDB_ins_code 
_struct_conf.end_label_comp_id 
_struct_conf.end_label_asym_id 
_struct_conf.end_label_seq_id 
_struct_conf.pdbx_end_PDB_ins_code 
_struct_conf.beg_auth_comp_id 
_struct_conf.beg_auth_asym_id 
_struct_conf.beg_auth_seq_id 
_struct_conf.end_auth_comp_id 
_struct_conf.end_auth_asym_id 
_struct_conf.end_auth_seq_id 
_struct_conf.pdbx_PDB_helix_class 
_struct_conf.details 
_struct_conf.pdbx_PDB_helix_length 
HELX_P HELX_P1 AA1 THR A 147 ? LYS A 153 ? THR A 147 LYS A 153 5 ? 7  
HELX_P HELX_P2 AA2 SER A 168 ? GLY A 179 ? SER A 168 GLY A 179 1 ? 12 
# 
_struct_conf_type.id          HELX_P 
_struct_conf_type.criteria    ? 
_struct_conf_type.reference   ? 
# 
_struct_sheet.id               AA1 
_struct_sheet.type             ? 
_struct_sheet.number_strands   9 
_struct_sheet.details          ? 
# 
loop_
_struct_sheet_order.sheet_id 
_struct_sheet_order.range_id_1 
_struct_sheet_order.range_id_2 
_struct_sheet_order.offset 
_struct_sheet_order.sense 
AA1 1 2 ? anti-parallel 
AA1 2 3 ? anti-parallel 
AA1 3 4 ? anti-parallel 
AA1 4 5 ? anti-parallel 
AA1 5 6 ? anti-parallel 
AA1 6 7 ? anti-parallel 
AA1 7 8 ? anti-parallel 
AA1 8 9 ? anti-parallel 
# 
loop_
_struct_sheet_range.sheet_id 
_struct_sheet_range.id 
_struct_sheet_range.beg_label_comp_id 
_struct_sheet_range.beg_label_asym_id 
_struct_sheet_range.beg_label_seq_id 
_struct_sheet_range.pdbx_beg_PDB_ins_code 
_struct_sheet_range.end_label_comp_id 
_struct_sheet_range.end_label_asym_id 
_struct_sheet_range.end_label_seq_id 
_struct_sheet_range.pdbx_end_PDB_ins_code 
_struct_sheet_range.beg_auth_comp_id 
_struct_sheet_range.beg_auth_asym_id 
_struct_sheet_range.beg_auth_seq_id 
_struct_sheet_range.end_auth_comp_id 
_struct_sheet_range.end_auth_asym_id 
_struct_sheet_range.end_auth_seq_id 
AA1 1 GLY A 52  ? TYR A 55  ? GLY A 52  TYR A 55  
AA1 2 VAL A 61  ? ALA A 68  ? VAL A 61  ALA A 68  
AA1 3 GLY A 71  ? GLU A 77  ? GLY A 71  GLU A 77  
AA1 4 ARG A 86  ? TYR A 93  ? ARG A 86  TYR A 93  
AA1 5 THR A 103 ? ARG A 112 ? THR A 103 ARG A 112 
AA1 6 ASN A 117 ? VAL A 129 ? ASN A 117 VAL A 129 
AA1 7 ARG A 135 ? TYR A 144 ? ARG A 135 TYR A 144 
AA1 8 THR A 155 ? THR A 163 ? THR A 155 THR A 163 
AA1 9 GLY A 52  ? TYR A 55  ? GLY A 52  TYR A 55  
# 
loop_
_pdbx_struct_sheet_hbond.sheet_id 
_pdbx_struct_sheet_hbond.range_id_1 
_pdbx_struct_sheet_hbond.range_id_2 
_pdbx_struct_sheet_hbond.range_1_label_atom_id 
_pdbx_struct_sheet_hbond.range_1_label_comp_id 
_pdbx_struct_sheet_hbond.range_1_label_asym_id 
_pdbx_struct_sheet_hbond.range_1_label_seq_id 
_pdbx_struct_sheet_hbond.range_1_PDB_ins_code 
_pdbx_struct_sheet_hbond.range_1_auth_atom_id 
_pdbx_struct_sheet_hbond.range_1_auth_comp_id 
_pdbx_struct_sheet_hbond.range_1_auth_asym_id 
_pdbx_struct_sheet_hbond.range_1_auth_seq_id 
_pdbx_struct_sheet_hbond.range_2_label_atom_id 
_pdbx_struct_sheet_hbond.range_2_label_comp_id 
_pdbx_struct_sheet_hbond.range_2_label_asym_id 
_pdbx_struct_sheet_hbond.range_2_label_seq_id 
_pdbx_struct_sheet_hbond.range_2_PDB_ins_code 
_pdbx_struct_sheet_hbond.range_2_auth_atom_id 
_pdbx_struct_sheet_hbond.range_2_auth_comp_id 
_pdbx_struct_sheet_hbond.range_2_auth_asym_id 
_pdbx_struct_sheet_hbond.range_2_auth_seq_id 
AA1 1 2 N TRP A 54  ? N TRP A 54  O MET A 62  ? O MET A 62  
AA1 2 3 N VAL A 61  ? N VAL A 61  O GLU A 77  ? O GLU A 77  
AA1 3 4 N GLY A 74  ? N GLY A 74  O MET A 89  ? O MET A 89  
AA1 4 5 N THR A 90  ? N THR A 90  O THR A 108 ? O THR A 108 
AA1 5 6 N THR A 103 ? N THR A 103 O TYR A 128 ? O TYR A 128 
AA1 6 7 N VAL A 129 ? N VAL A 129 O ARG A 135 ? O ARG A 135 
AA1 7 8 N ILE A 136 ? N ILE A 136 O PHE A 162 ? O PHE A 162 
AA1 8 9 O THR A 163 ? O THR A 163 N TYR A 55  ? N TYR A 55  
# 
_atom_sites.entry_id                    7CQ0 
_atom_sites.Cartn_transf_matrix[1][1]   ? 
_atom_sites.Cartn_transf_matrix[1][2]   ? 
_atom_sites.Cartn_transf_matrix[1][3]   ? 
_atom_sites.Cartn_transf_matrix[2][1]   ? 
_atom_sites.Cartn_transf_matrix[2][2]   ? 
_atom_sites.Cartn_transf_matrix[2][3]   ? 
_atom_sites.Cartn_transf_matrix[3][1]   ? 
_atom_sites.Cartn_transf_matrix[3][2]   ? 
_atom_sites.Cartn_transf_matrix[3][3]   ? 
_atom_sites.Cartn_transf_vector[1]      ? 
_atom_sites.Cartn_transf_vector[2]      ? 
_atom_sites.Cartn_transf_vector[3]      ? 
_atom_sites.fract_transf_matrix[1][1]   -0.01312134 
_atom_sites.fract_transf_matrix[1][2]   0.00711937 
_atom_sites.fract_transf_matrix[1][3]   0.00836249 
_atom_sites.fract_transf_matrix[2][1]   -0.00719688 
_atom_sites.fract_transf_matrix[2][2]   0.00426774 
_atom_sites.fract_transf_matrix[2][3]   -0.01492574 
_atom_sites.fract_transf_matrix[3][1]   -0.00617670 
_atom_sites.fract_transf_matrix[3][2]   -0.01114060 
_atom_sites.fract_transf_matrix[3][3]   -0.00020717 
_atom_sites.fract_transf_vector[1]      0.460084 
_atom_sites.fract_transf_vector[2]      -0.234109 
_atom_sites.fract_transf_vector[3]      -0.043826 
_atom_sites.solution_primary            ? 
_atom_sites.solution_secondary          ? 
_atom_sites.solution_hydrogens          ? 
_atom_sites.special_details             ? 
# 
loop_
_atom_type.symbol 
_atom_type.scat_dispersion_real 
_atom_type.scat_dispersion_imag 
_atom_type.scat_Cromer_Mann_a1 
_atom_type.scat_Cromer_Mann_a2 
_atom_type.scat_Cromer_Mann_a3 
_atom_type.scat_Cromer_Mann_a4 
_atom_type.scat_Cromer_Mann_b1 
_atom_type.scat_Cromer_Mann_b2 
_atom_type.scat_Cromer_Mann_b3 
_atom_type.scat_Cromer_Mann_b4 
_atom_type.scat_Cromer_Mann_c 
_atom_type.scat_source 
_atom_type.scat_dispersion_source 
C ? ? 3.54356 2.42580 ? ? 25.62398 1.50364  ? ? 0.0 
;2-Gaussian fit: Grosse-Kunstleve RW, Sauter NK, Adams PD: Newsletter of the IUCr Commission on Crystallographic Computing 2004, 3, 22-31.
;
? 
N ? ? 4.01032 2.96436 ? ? 19.97189 1.75589  ? ? 0.0 
;2-Gaussian fit: Grosse-Kunstleve RW, Sauter NK, Adams PD: Newsletter of the IUCr Commission on Crystallographic Computing 2004, 3, 22-31.
;
? 
O ? ? 4.49882 3.47563 ? ? 15.80542 1.70748  ? ? 0.0 
;2-Gaussian fit: Grosse-Kunstleve RW, Sauter NK, Adams PD: Newsletter of the IUCr Commission on Crystallographic Computing 2004, 3, 22-31.
;
? 
S ? ? 9.55732 6.39887 ? ? 1.23737  29.19336 ? ? 0.0 
;2-Gaussian fit: Grosse-Kunstleve RW, Sauter NK, Adams PD: Newsletter of the IUCr Commission on Crystallographic Computing 2004, 3, 22-31.
;
? 
# 
loop_
_atom_site.group_PDB 
_atom_site.id 
_atom_site.type_symbol 
_atom_site.label_atom_id 
_atom_site.label_alt_id 
_atom_site.label_comp_id 
_atom_site.label_asym_id 
_atom_site.label_entity_id 
_atom_site.label_seq_id 
_atom_site.pdbx_PDB_ins_code 
_atom_site.Cartn_x 
_atom_site.Cartn_y 
_atom_site.Cartn_z 
_atom_site.occupancy 
_atom_site.B_iso_or_equiv 
_atom_site.pdbx_formal_charge 
_atom_site.auth_seq_id 
_atom_site.auth_comp_id 
_atom_site.auth_asym_id 
_atom_site.auth_atom_id 
_atom_site.pdbx_PDB_model_num 
ATOM   1    N N   . PRO A 1 48  ? -7.39875  -12.75284 -12.14940 1.000 53.97363 ? 48  PRO A N   1 
ATOM   2    C CA  . PRO A 1 48  ? -7.02704  -12.33115 -10.79517 1.000 50.91788 ? 48  PRO A CA  1 
ATOM   3    C C   . PRO A 1 48  ? -7.62593  -10.97967 -10.41716 1.000 52.21018 ? 48  PRO A C   1 
ATOM   4    O O   . PRO A 1 48  ? -7.46771  -9.99521  -11.14180 1.000 38.34030 ? 48  PRO A O   1 
ATOM   5    C CB  . PRO A 1 48  ? -5.50305  -12.26488 -10.86719 1.000 46.32001 ? 48  PRO A CB  1 
ATOM   6    C CG  . PRO A 1 48  ? -5.16109  -13.35794 -11.81874 1.000 54.04640 ? 48  PRO A CG  1 
ATOM   7    C CD  . PRO A 1 48  ? -6.24598  -13.31303 -12.87715 1.000 63.70380 ? 48  PRO A CD  1 
ATOM   8    N N   . GLY A 1 49  ? -8.30088  -10.94515 -9.26593  1.000 47.56068 ? 49  GLY A N   1 
ATOM   9    C CA  . GLY A 1 49  ? -9.10925  -9.79670  -8.90519  1.000 35.47969 ? 49  GLY A CA  1 
ATOM   10   C C   . GLY A 1 49  ? -8.33643  -8.56395  -8.49530  1.000 31.57599 ? 49  GLY A C   1 
ATOM   11   O O   . GLY A 1 49  ? -8.89305  -7.46313  -8.53908  1.000 30.80935 ? 49  GLY A O   1 
ATOM   12   N N   . ILE A 1 50  ? -7.06665  -8.71009  -8.10869  1.000 29.78263 ? 50  ILE A N   1 
ATOM   13   C CA  . ILE A 1 50  ? -6.32488  -7.56859  -7.58243  1.000 29.10609 ? 50  ILE A CA  1 
ATOM   14   C C   . ILE A 1 50  ? -5.90110  -6.58000  -8.65390  1.000 25.58041 ? 50  ILE A C   1 
ATOM   15   O O   . ILE A 1 50  ? -5.41346  -5.49400  -8.31694  1.000 18.44589 ? 50  ILE A O   1 
ATOM   16   C CB  . ILE A 1 50  ? -5.07086  -8.02296  -6.81389  1.000 31.62004 ? 50  ILE A CB  1 
ATOM   17   C CG1 . ILE A 1 50  ? -4.25327  -8.98254  -7.67495  1.000 25.63199 ? 50  ILE A CG1 1 
ATOM   18   C CG2 . ILE A 1 50  ? -5.46515  -8.66527  -5.49412  1.000 31.80684 ? 50  ILE A CG2 1 
ATOM   19   C CD1 . ILE A 1 50  ? -2.84177  -9.12970  -7.22101  1.000 31.31858 ? 50  ILE A CD1 1 
ATOM   20   N N   . LEU A 1 51  ? -6.05957  -6.92575  -9.92927  1.000 25.16505 ? 51  LEU A N   1 
ATOM   21   C CA  . LEU A 1 51  ? -5.71479  -6.00014  -10.99848 1.000 24.32309 ? 51  LEU A CA  1 
ATOM   22   C C   . LEU A 1 51  ? -6.54894  -4.72878  -10.88853 1.000 20.91083 ? 51  LEU A C   1 
ATOM   23   O O   . LEU A 1 51  ? -7.69680  -4.75079  -10.43278 1.000 22.67323 ? 51  LEU A O   1 
ATOM   24   C CB  . LEU A 1 51  ? -5.93471  -6.66033  -12.36014 1.000 27.16793 ? 51  LEU A CB  1 
ATOM   25   C CG  . LEU A 1 51  ? -5.10460  -6.18838  -13.55897 1.000 26.04047 ? 51  LEU A CG  1 
ATOM   26   C CD1 . LEU A 1 51  ? -3.63461  -6.58006  -13.43810 1.000 24.72551 ? 51  LEU A CD1 1 
ATOM   27   C CD2 . LEU A 1 51  ? -5.70017  -6.73796  -14.85285 1.000 32.64858 ? 51  LEU A CD2 1 
ATOM   28   N N   . GLY A 1 52  ? -5.95925  -3.61128  -11.29697 1.000 18.87281 ? 52  GLY A N   1 
ATOM   29   C CA  . GLY A 1 52  ? -6.68286  -2.35741  -11.30484 1.000 25.31475 ? 52  GLY A CA  1 
ATOM   30   C C   . GLY A 1 52  ? -6.15978  -1.33314  -10.32036 1.000 24.99468 ? 52  GLY A C   1 
ATOM   31   O O   . GLY A 1 52  ? -5.02467  -1.43575  -9.84924  1.000 26.29484 ? 52  GLY A O   1 
ATOM   32   N N   . THR A 1 53  ? -6.98899  -0.34165  -10.00224 1.000 26.48581 ? 53  THR A N   1 
ATOM   33   C CA  . THR A 1 53  ? -6.60315  0.79211   -9.17411  1.000 28.42019 ? 53  THR A CA  1 
ATOM   34   C C   . THR A 1 53  ? -7.29937  0.72437   -7.82021  1.000 24.86877 ? 53  THR A C   1 
ATOM   35   O O   . THR A 1 53  ? -8.49008  0.40848   -7.73669  1.000 24.06420 ? 53  THR A O   1 
ATOM   36   C CB  . THR A 1 53  ? -6.94561  2.11320   -9.86900  1.000 37.40603 ? 53  THR A CB  1 
ATOM   37   O OG1 . THR A 1 53  ? -6.33792  2.14022   -11.16909 1.000 31.06289 ? 53  THR A OG1 1 
ATOM   38   C CG2 . THR A 1 53  ? -6.45415  3.30103   -9.04359  1.000 25.65469 ? 53  THR A CG2 1 
ATOM   39   N N   . TRP A 1 54  ? -6.54599  1.02730   -6.76228  1.000 27.07328 ? 54  TRP A N   1 
ATOM   40   C CA  . TRP A 1 54  ? -7.02263  0.94923   -5.39034  1.000 25.38577 ? 54  TRP A CA  1 
ATOM   41   C C   . TRP A 1 54  ? -6.72964  2.25688   -4.66798  1.000 27.74427 ? 54  TRP A C   1 
ATOM   42   O O   . TRP A 1 54  ? -5.64756  2.83182   -4.82368  1.000 24.68376 ? 54  TRP A O   1 
ATOM   43   C CB  . TRP A 1 54  ? -6.35582  -0.20895  -4.63789  1.000 24.69504 ? 54  TRP A CB  1 
ATOM   44   C CG  . TRP A 1 54  ? -6.66386  -1.57564  -5.17464  1.000 21.08304 ? 54  TRP A CG  1 
ATOM   45   C CD1 . TRP A 1 54  ? -5.93155  -2.29364  -6.08185  1.000 24.32282 ? 54  TRP A CD1 1 
ATOM   46   C CD2 . TRP A 1 54  ? -7.78613  -2.39586  -4.82583  1.000 23.86705 ? 54  TRP A CD2 1 
ATOM   47   N NE1 . TRP A 1 54  ? -6.52941  -3.51318  -6.31324  1.000 23.50155 ? 54  TRP A NE1 1 
ATOM   48   C CE2 . TRP A 1 54  ? -7.67036  -3.59800  -5.55574  1.000 25.94556 ? 54  TRP A CE2 1 
ATOM   49   C CE3 . TRP A 1 54  ? -8.87713  -2.22996  -3.96523  1.000 23.40910 ? 54  TRP A CE3 1 
ATOM   50   C CZ2 . TRP A 1 54  ? -8.60416  -4.62818  -5.44827  1.000 20.96762 ? 54  TRP A CZ2 1 
ATOM   51   C CZ3 . TRP A 1 54  ? -9.80436  -3.25059  -3.86409  1.000 21.35194 ? 54  TRP A CZ3 1 
ATOM   52   C CH2 . TRP A 1 54  ? -9.66093  -4.43527  -4.60016  1.000 21.20311 ? 54  TRP A CH2 1 
ATOM   53   N N   . TYR A 1 55  ? -7.68878  2.71302   -3.86462  1.000 18.04096 ? 55  TYR A N   1 
ATOM   54   C CA  . TYR A 1 55  ? -7.56619  3.95422   -3.11336  1.000 24.84592 ? 55  TYR A CA  1 
ATOM   55   C C   . TYR A 1 55  ? -7.73193  3.68787   -1.62128  1.000 26.42545 ? 55  TYR A C   1 
ATOM   56   O O   . TYR A 1 55  ? -8.48456  2.79666   -1.21510  1.000 20.27556 ? 55  TYR A O   1 
ATOM   57   C CB  . TYR A 1 55  ? -8.61553  4.99012   -3.56119  1.000 26.23920 ? 55  TYR A CB  1 
ATOM   58   C CG  . TYR A 1 55  ? -8.69357  5.22723   -5.05916  1.000 25.06513 ? 55  TYR A CG  1 
ATOM   59   C CD1 . TYR A 1 55  ? -9.53045  4.45818   -5.86442  1.000 26.21845 ? 55  TYR A CD1 1 
ATOM   60   C CD2 . TYR A 1 55  ? -7.94896  6.23434   -5.66353  1.000 25.24928 ? 55  TYR A CD2 1 
ATOM   61   C CE1 . TYR A 1 55  ? -9.61116  4.67547   -7.23624  1.000 30.02122 ? 55  TYR A CE1 1 
ATOM   62   C CE2 . TYR A 1 55  ? -8.02315  6.46059   -7.03532  1.000 29.43866 ? 55  TYR A CE2 1 
ATOM   63   C CZ  . TYR A 1 55  ? -8.85706  5.67816   -7.81554  1.000 27.10176 ? 55  TYR A CZ  1 
ATOM   64   O OH  . TYR A 1 55  ? -8.93642  5.89775   -9.17565  1.000 26.57731 ? 55  TYR A OH  1 
ATOM   65   N N   . ASN A 1 56  ? -7.02093  4.46682   -0.80296  1.000 25.22450 ? 56  ASN A N   1 
ATOM   66   C CA  . ASN A 1 56  ? -7.29434  4.51421   0.62541   1.000 32.17899 ? 56  ASN A CA  1 
ATOM   67   C C   . ASN A 1 56  ? -8.10137  5.77992   0.93001   1.000 31.07007 ? 56  ASN A C   1 
ATOM   68   O O   . ASN A 1 56  ? -8.57281  6.47560   0.02421   1.000 31.57351 ? 56  ASN A O   1 
ATOM   69   C CB  . ASN A 1 56  ? -5.98888  4.39422   1.43126   1.000 21.74671 ? 56  ASN A CB  1 
ATOM   70   C CG  . ASN A 1 56  ? -5.11374  5.64287   1.36354   1.000 25.50647 ? 56  ASN A CG  1 
ATOM   71   O OD1 . ASN A 1 56  ? -5.38927  6.58567   0.62601   1.000 28.56518 ? 56  ASN A OD1 1 
ATOM   72   N ND2 . ASN A 1 56  ? -4.02135  5.62350   2.11018   1.000 23.10592 ? 56  ASN A ND2 1 
ATOM   73   N N   . GLN A 1 57  ? -8.28634  6.07483   2.21308   1.000 31.57790 ? 57  GLN A N   1 
ATOM   74   C CA  . GLN A 1 57  ? -9.09841  7.20557   2.64232   1.000 29.99773 ? 57  GLN A CA  1 
ATOM   75   C C   . GLN A 1 57  ? -8.29097  8.48441   2.82711   1.000 34.02972 ? 57  GLN A C   1 
ATOM   76   O O   . GLN A 1 57  ? -8.87881  9.53267   3.11695   1.000 32.02776 ? 57  GLN A O   1 
ATOM   77   C CB  . GLN A 1 57  ? -9.82225  6.85931   3.94941   1.000 33.95171 ? 57  GLN A CB  1 
ATOM   78   C CG  . GLN A 1 57  ? -11.05409 5.98761   3.76581   1.000 25.93664 ? 57  GLN A CG  1 
ATOM   79   C CD  . GLN A 1 57  ? -11.96295 6.49466   2.65253   1.000 42.32258 ? 57  GLN A CD  1 
ATOM   80   O OE1 . GLN A 1 57  ? -12.63178 7.51711   2.80141   1.000 39.23632 ? 57  GLN A OE1 1 
ATOM   81   N NE2 . GLN A 1 57  ? -11.98687 5.78255   1.53135   1.000 37.75127 ? 57  GLN A NE2 1 
ATOM   82   N N   . LEU A 1 58  ? -6.96857  8.42674   2.66361   1.000 24.93093 ? 58  LEU A N   1 
ATOM   83   C CA  . LEU A 1 58  ? -6.09682  9.56837   2.90570   1.000 29.85049 ? 58  LEU A CA  1 
ATOM   84   C C   . LEU A 1 58  ? -5.48832  10.14936  1.63749   1.000 27.80086 ? 58  LEU A C   1 
ATOM   85   O O   . LEU A 1 58  ? -4.71559  11.10956  1.72389   1.000 33.35666 ? 58  LEU A O   1 
ATOM   86   C CB  . LEU A 1 58  ? -4.97766  9.17991   3.88021   1.000 28.17897 ? 58  LEU A CB  1 
ATOM   87   C CG  . LEU A 1 58  ? -5.46808  8.60786   5.20954   1.000 36.15915 ? 58  LEU A CG  1 
ATOM   88   C CD1 . LEU A 1 58  ? -4.36423  7.84400   5.92950   1.000 27.52544 ? 58  LEU A CD1 1 
ATOM   89   C CD2 . LEU A 1 58  ? -6.02515  9.72333   6.08380   1.000 31.80006 ? 58  LEU A CD2 1 
ATOM   90   N N   . GLY A 1 59  ? -5.80629  9.60258   0.46988   1.000 19.72808 ? 59  GLY A N   1 
ATOM   91   C CA  . GLY A 1 59  ? -5.30697  10.13210  -0.78189  1.000 26.95090 ? 59  GLY A CA  1 
ATOM   92   C C   . GLY A 1 59  ? -4.21002  9.33738   -1.46748  1.000 26.84763 ? 59  GLY A C   1 
ATOM   93   O O   . GLY A 1 59  ? -3.64677  9.82884   -2.45267  1.000 27.09958 ? 59  GLY A O   1 
ATOM   94   N N   . SER A 1 60  ? -3.87869  8.14108   -0.98535  1.000 24.12023 ? 60  SER A N   1 
ATOM   95   C CA  . SER A 1 60  ? -2.88296  7.30379   -1.64086  1.000 27.09060 ? 60  SER A CA  1 
ATOM   96   C C   . SER A 1 60  ? -3.55012  6.40146   -2.67218  1.000 26.17364 ? 60  SER A C   1 
ATOM   97   O O   . SER A 1 60  ? -4.72158  6.03552   -2.54372  1.000 23.34760 ? 60  SER A O   1 
ATOM   98   C CB  . SER A 1 60  ? -2.11834  6.45324   -0.62496  1.000 28.25833 ? 60  SER A CB  1 
ATOM   99   O OG  . SER A 1 60  ? -1.84664  7.18294   0.55730   1.000 29.77733 ? 60  SER A OG  1 
ATOM   100  N N   . VAL A 1 61  ? -2.78901  6.04864   -3.70615  1.000 29.00189 ? 61  VAL A N   1 
ATOM   101  C CA  . VAL A 1 61  ? -3.29715  5.29711   -4.84875  1.000 27.95773 ? 61  VAL A CA  1 
ATOM   102  C C   . VAL A 1 61  ? -2.30941  4.18849   -5.18140  1.000 20.86637 ? 61  VAL A C   1 
ATOM   103  O O   . VAL A 1 61  ? -1.12051  4.45496   -5.38683  1.000 22.89566 ? 61  VAL A O   1 
ATOM   104  C CB  . VAL A 1 61  ? -3.51330  6.20503   -6.07516  1.000 25.80995 ? 61  VAL A CB  1 
ATOM   105  C CG1 . VAL A 1 61  ? -3.99293  5.38412   -7.26461  1.000 32.83627 ? 61  VAL A CG1 1 
ATOM   106  C CG2 . VAL A 1 61  ? -4.50222  7.32034   -5.75247  1.000 24.24485 ? 61  VAL A CG2 1 
ATOM   107  N N   . MET A 1 62  ? -2.79591  2.94996   -5.23392  1.000 21.50230 ? 62  MET A N   1 
ATOM   108  C CA  . MET A 1 62  ? -2.00190  1.81745   -5.69314  1.000 22.10823 ? 62  MET A CA  1 
ATOM   109  C C   . MET A 1 62  ? -2.57055  1.30482   -7.00955  1.000 26.21810 ? 62  MET A C   1 
ATOM   110  O O   . MET A 1 62  ? -3.77686  1.05859   -7.11536  1.000 20.60868 ? 62  MET A O   1 
ATOM   111  C CB  . MET A 1 62  ? -1.97115  0.68875   -4.65948  1.000 26.80727 ? 62  MET A CB  1 
ATOM   112  C CG  . MET A 1 62  ? -1.40325  -0.61775  -5.21128  1.000 27.43771 ? 62  MET A CG  1 
ATOM   113  S SD  . MET A 1 62  ? -1.08267  -1.87039  -3.95644  1.000 34.44491 ? 62  MET A SD  1 
ATOM   114  C CE  . MET A 1 62  ? -2.75354  -2.17980  -3.39260  1.000 28.02996 ? 62  MET A CE  1 
ATOM   115  N N   . VAL A 1 63  ? -1.69947  1.13914   -8.00277  1.000 27.38294 ? 63  VAL A N   1 
ATOM   116  C CA  . VAL A 1 63  ? -2.07270  0.65213   -9.32720  1.000 26.31024 ? 63  VAL A CA  1 
ATOM   117  C C   . VAL A 1 63  ? -1.35697  -0.67117  -9.56981  1.000 20.12662 ? 63  VAL A C   1 
ATOM   118  O O   . VAL A 1 63  ? -0.12077  -0.72668  -9.55422  1.000 20.33044 ? 63  VAL A O   1 
ATOM   119  C CB  . VAL A 1 63  ? -1.72706  1.66793   -10.42737 1.000 30.70506 ? 63  VAL A CB  1 
ATOM   120  C CG1 . VAL A 1 63  ? -1.98472  1.06934   -11.80330 1.000 25.48405 ? 63  VAL A CG1 1 
ATOM   121  C CG2 . VAL A 1 63  ? -2.52467  2.95008   -10.23962 1.000 26.81217 ? 63  VAL A CG2 1 
ATOM   122  N N   . VAL A 1 64  ? -2.13094  -1.73000  -9.78914  1.000 21.16206 ? 64  VAL A N   1 
ATOM   123  C CA  . VAL A 1 64  ? -1.60665  -3.04177  -10.15577 1.000 24.42683 ? 64  VAL A CA  1 
ATOM   124  C C   . VAL A 1 64  ? -1.72811  -3.17473  -11.67188 1.000 22.76789 ? 64  VAL A C   1 
ATOM   125  O O   . VAL A 1 64  ? -2.83945  -3.23439  -12.20922 1.000 22.57200 ? 64  VAL A O   1 
ATOM   126  C CB  . VAL A 1 64  ? -2.35170  -4.17108  -9.42985  1.000 21.52335 ? 64  VAL A CB  1 
ATOM   127  C CG1 . VAL A 1 64  ? -1.76160  -5.53199  -9.79850  1.000 22.41887 ? 64  VAL A CG1 1 
ATOM   128  C CG2 . VAL A 1 64  ? -2.31826  -3.95370  -7.90870  1.000 26.34425 ? 64  VAL A CG2 1 
ATOM   129  N N   . THR A 1 65  ? -0.58262  -3.21788  -12.36492 1.000 19.65897 ? 65  THR A N   1 
ATOM   130  C CA  . THR A 1 65  ? -0.54023  -3.25808  -13.82582 1.000 25.80686 ? 65  THR A CA  1 
ATOM   131  C C   . THR A 1 65  ? -0.50903  -4.67290  -14.39240 1.000 28.41571 ? 65  THR A C   1 
ATOM   132  O O   . THR A 1 65  ? -0.91315  -4.87781  -15.54293 1.000 27.85580 ? 65  THR A O   1 
ATOM   133  C CB  . THR A 1 65  ? 0.68882   -2.50313  -14.34936 1.000 23.54180 ? 65  THR A CB  1 
ATOM   134  O OG1 . THR A 1 65  ? 1.85817   -2.93558  -13.64051 1.000 30.07320 ? 65  THR A OG1 1 
ATOM   135  C CG2 . THR A 1 65  ? 0.52207   -1.00405  -14.16410 1.000 25.19198 ? 65  THR A CG2 1 
ATOM   136  N N   . ARG A 1 66  ? -0.03060  -5.64912  -13.62330 1.000 22.67410 ? 66  ARG A N   1 
ATOM   137  C CA  . ARG A 1 66  ? 0.11610   -7.01601  -14.10623 1.000 26.69897 ? 66  ARG A CA  1 
ATOM   138  C C   . ARG A 1 66  ? 0.00417   -7.98113  -12.93520 1.000 29.24131 ? 66  ARG A C   1 
ATOM   139  O O   . ARG A 1 66  ? 0.55168   -7.72153  -11.86030 1.000 25.40568 ? 66  ARG A O   1 
ATOM   140  C CB  . ARG A 1 66  ? 1.46249   -7.20842  -14.81490 1.000 34.92274 ? 66  ARG A CB  1 
ATOM   141  C CG  . ARG A 1 66  ? 1.79577   -8.65283  -15.14571 1.000 49.11827 ? 66  ARG A CG  1 
ATOM   142  C CD  . ARG A 1 66  ? 2.73526   -8.73442  -16.33149 1.000 66.51271 ? 66  ARG A CD  1 
ATOM   143  N NE  . ARG A 1 66  ? 3.04600   -10.11330 -16.69519 1.000 76.42187 ? 66  ARG A NE  1 
ATOM   144  C CZ  . ARG A 1 66  ? 2.19553   -10.93710 -17.29945 1.000 71.13849 ? 66  ARG A CZ  1 
ATOM   145  N NH1 . ARG A 1 66  ? 0.97413   -10.52278 -17.61474 1.000 69.11246 ? 66  ARG A NH1 1 
ATOM   146  N NH2 . ARG A 1 66  ? 2.56813   -12.17576 -17.59522 1.000 73.96100 ? 66  ARG A NH2 1 
ATOM   147  N N   . ALA A 1 67  ? -0.69232  -9.09717  -13.15343 1.000 27.59835 ? 67  ALA A N   1 
ATOM   148  C CA  . ALA A 1 67  ? -0.86271  -10.11149 -12.11208 1.000 24.69562 ? 67  ALA A CA  1 
ATOM   149  C C   . ALA A 1 67  ? -1.08176  -11.46422 -12.76920 1.000 32.04955 ? 67  ALA A C   1 
ATOM   150  O O   . ALA A 1 67  ? -2.02493  -11.61983 -13.55172 1.000 31.78838 ? 67  ALA A O   1 
ATOM   151  C CB  . ALA A 1 67  ? -2.03824  -9.76360  -11.19624 1.000 30.91686 ? 67  ALA A CB  1 
ATOM   152  N N   . ALA A 1 68  ? -0.23296  -12.44082 -12.44238 1.000 21.60059 ? 68  ALA A N   1 
ATOM   153  C CA  . ALA A 1 68  ? -0.32726  -13.76392 -13.04545 1.000 22.31478 ? 68  ALA A CA  1 
ATOM   154  C C   . ALA A 1 68  ? 0.54870   -14.74466 -12.27988 1.000 28.21075 ? 68  ALA A C   1 
ATOM   155  O O   . ALA A 1 68  ? 1.66545   -14.40515 -11.87707 1.000 29.09769 ? 68  ALA A O   1 
ATOM   156  C CB  . ALA A 1 68  ? 0.09080   -13.73472 -14.52233 1.000 28.92322 ? 68  ALA A CB  1 
ATOM   157  N N   . ASN A 1 69  ? 0.03134   -15.96176 -12.09391 1.000 27.30215 ? 69  ASN A N   1 
ATOM   158  C CA  . ASN A 1 69  ? 0.77429   -17.07590 -11.49371 1.000 31.16372 ? 69  ASN A CA  1 
ATOM   159  C C   . ASN A 1 69  ? 1.30110   -16.74472 -10.09684 1.000 25.32632 ? 69  ASN A C   1 
ATOM   160  O O   . ASN A 1 69  ? 2.36301   -17.22347 -9.69547  1.000 25.10476 ? 69  ASN A O   1 
ATOM   161  C CB  . ASN A 1 69  ? 1.92122   -17.52979 -12.40389 1.000 33.70866 ? 69  ASN A CB  1 
ATOM   162  C CG  . ASN A 1 69  ? 1.42880   -18.08436 -13.73467 1.000 45.00413 ? 69  ASN A CG  1 
ATOM   163  O OD1 . ASN A 1 69  ? 1.25835   -17.34495 -14.70504 1.000 47.16146 ? 69  ASN A OD1 1 
ATOM   164  N ND2 . ASN A 1 69  ? 1.19477   -19.39090 -13.78166 1.000 37.62139 ? 69  ASN A ND2 1 
ATOM   165  N N   . GLY A 1 70  ? 0.56589   -15.92829 -9.34371  1.000 29.47758 ? 70  GLY A N   1 
ATOM   166  C CA  . GLY A 1 70  ? 0.91648   -15.63017 -7.97189  1.000 19.23646 ? 70  GLY A CA  1 
ATOM   167  C C   . GLY A 1 70  ? 1.78315   -14.40869 -7.76622  1.000 24.05178 ? 70  GLY A C   1 
ATOM   168  O O   . GLY A 1 70  ? 2.13598   -14.10975 -6.62094  1.000 25.64719 ? 70  GLY A O   1 
ATOM   169  N N   . GLY A 1 71  ? 2.13758   -13.69208 -8.82181  1.000 20.73350 ? 71  GLY A N   1 
ATOM   170  C CA  . GLY A 1 71  ? 2.93046   -12.48576 -8.68649  1.000 20.22728 ? 71  GLY A CA  1 
ATOM   171  C C   . GLY A 1 71  ? 2.22301   -11.30979 -9.30681  1.000 26.95647 ? 71  GLY A C   1 
ATOM   172  O O   . GLY A 1 71  ? 1.42342   -11.45075 -10.23441 1.000 21.95597 ? 71  GLY A O   1 
ATOM   173  N N   . PHE A 1 72  ? 2.51229   -10.12166 -8.77556  1.000 20.46738 ? 72  PHE A N   1 
ATOM   174  C CA  . PHE A 1 72  ? 1.97213   -8.91321  -9.37358  1.000 23.46744 ? 72  PHE A CA  1 
ATOM   175  C C   . PHE A 1 72  ? 2.94792   -7.76203  -9.18543  1.000 22.87147 ? 72  PHE A C   1 
ATOM   176  O O   . PHE A 1 72  ? 3.87301   -7.82386  -8.37018  1.000 19.64410 ? 72  PHE A O   1 
ATOM   177  C CB  . PHE A 1 72  ? 0.56370   -8.57781  -8.83678  1.000 23.90696 ? 72  PHE A CB  1 
ATOM   178  C CG  . PHE A 1 72  ? 0.50505   -8.17227  -7.37911  1.000 24.54916 ? 72  PHE A CG  1 
ATOM   179  C CD1 . PHE A 1 72  ? 0.52211   -9.12679  -6.37112  1.000 19.05971 ? 72  PHE A CD1 1 
ATOM   180  C CD2 . PHE A 1 72  ? 0.35592   -6.83880  -7.02604  1.000 26.74296 ? 72  PHE A CD2 1 
ATOM   181  C CE1 . PHE A 1 72  ? 0.43013   -8.75613  -5.03779  1.000 21.08210 ? 72  PHE A CE1 1 
ATOM   182  C CE2 . PHE A 1 72  ? 0.26486   -6.45951  -5.69318  1.000 28.61370 ? 72  PHE A CE2 1 
ATOM   183  C CZ  . PHE A 1 72  ? 0.30046   -7.41864  -4.69805  1.000 17.53837 ? 72  PHE A CZ  1 
ATOM   184  N N   . VAL A 1 73  ? 2.73532   -6.71566  -9.98356  1.000 19.35846 ? 73  VAL A N   1 
ATOM   185  C CA  . VAL A 1 73  ? 3.63939   -5.57877  -10.08442 1.000 23.86256 ? 73  VAL A CA  1 
ATOM   186  C C   . VAL A 1 73  ? 2.80209   -4.33201  -10.34916 1.000 22.37073 ? 73  VAL A C   1 
ATOM   187  O O   . VAL A 1 73  ? 1.67366   -4.40667  -10.84163 1.000 19.15481 ? 73  VAL A O   1 
ATOM   188  C CB  . VAL A 1 73  ? 4.69284   -5.77852  -11.20148 1.000 29.95019 ? 73  VAL A CB  1 
ATOM   189  C CG1 . VAL A 1 73  ? 4.04370   -5.70911  -12.59238 1.000 22.02649 ? 73  VAL A CG1 1 
ATOM   190  C CG2 . VAL A 1 73  ? 5.82642   -4.78203  -11.06403 1.000 37.66325 ? 73  VAL A CG2 1 
ATOM   191  N N   . GLY A 1 74  ? 3.36834   -3.17542  -10.01476 1.000 21.66013 ? 74  GLY A N   1 
ATOM   192  C CA  . GLY A 1 74  ? 2.69270   -1.91574  -10.28752 1.000 18.71488 ? 74  GLY A CA  1 
ATOM   193  C C   . GLY A 1 74  ? 3.42351   -0.74127  -9.66923  1.000 23.18212 ? 74  GLY A C   1 
ATOM   194  O O   . GLY A 1 74  ? 4.65728   -0.72624  -9.59728  1.000 17.69091 ? 74  GLY A O   1 
ATOM   195  N N   . THR A 1 75  ? 2.64228   0.24651   -9.22713  1.000 21.93131 ? 75  THR A N   1 
ATOM   196  C CA  . THR A 1 75  ? 3.16747   1.45669   -8.60663  1.000 24.42180 ? 75  THR A CA  1 
ATOM   197  C C   . THR A 1 75  ? 2.37451   1.78731   -7.34641  1.000 28.37845 ? 75  THR A C   1 
ATOM   198  O O   . THR A 1 75  ? 1.27571   1.27018   -7.11540  1.000 22.94931 ? 75  THR A O   1 
ATOM   199  C CB  . THR A 1 75  ? 3.12693   2.66040   -9.56552  1.000 28.54610 ? 75  THR A CB  1 
ATOM   200  O OG1 . THR A 1 75  ? 1.77964   2.89663   -9.98971  1.000 22.59057 ? 75  THR A OG1 1 
ATOM   201  C CG2 . THR A 1 75  ? 4.01036   2.41942   -10.78645 1.000 31.21289 ? 75  THR A CG2 1 
ATOM   202  N N   . TYR A 1 76  ? 2.94892   2.67812   -6.53415  1.000 24.61332 ? 76  TYR A N   1 
ATOM   203  C CA  . TYR A 1 76  ? 2.31645   3.16439   -5.30871  1.000 24.50880 ? 76  TYR A CA  1 
ATOM   204  C C   . TYR A 1 76  ? 2.62646   4.64639   -5.15646  1.000 26.64439 ? 76  TYR A C   1 
ATOM   205  O O   . TYR A 1 76  ? 3.79992   5.03158   -5.12072  1.000 27.26599 ? 76  TYR A O   1 
ATOM   206  C CB  . TYR A 1 76  ? 2.79965   2.38483   -4.07686  1.000 18.10707 ? 76  TYR A CB  1 
ATOM   207  C CG  . TYR A 1 76  ? 2.01627   2.69515   -2.81246  1.000 23.86615 ? 76  TYR A CG  1 
ATOM   208  C CD1 . TYR A 1 76  ? 2.30736   3.81806   -2.04573  1.000 23.51539 ? 76  TYR A CD1 1 
ATOM   209  C CD2 . TYR A 1 76  ? 0.98377   1.86714   -2.38990  1.000 21.97142 ? 76  TYR A CD2 1 
ATOM   210  C CE1 . TYR A 1 76  ? 1.59007   4.10980   -0.89946  1.000 24.19251 ? 76  TYR A CE1 1 
ATOM   211  C CE2 . TYR A 1 76  ? 0.26285   2.14775   -1.23891  1.000 24.39957 ? 76  TYR A CE2 1 
ATOM   212  C CZ  . TYR A 1 76  ? 0.57073   3.27037   -0.49980  1.000 27.90047 ? 76  TYR A CZ  1 
ATOM   213  O OH  . TYR A 1 76  ? -0.14208  3.55663   0.64189   1.000 31.31900 ? 76  TYR A OH  1 
ATOM   214  N N   . GLU A 1 77  ? 1.57947   5.47141   -5.07022  1.000 23.70766 ? 77  GLU A N   1 
ATOM   215  C CA  . GLU A 1 77  ? 1.70692   6.91779   -4.91913  1.000 31.35221 ? 77  GLU A CA  1 
ATOM   216  C C   . GLU A 1 77  ? 1.05866   7.34784   -3.60851  1.000 32.06494 ? 77  GLU A C   1 
ATOM   217  O O   . GLU A 1 77  ? -0.12424  7.07669   -3.37374  1.000 35.83079 ? 77  GLU A O   1 
ATOM   218  C CB  . GLU A 1 77  ? 1.06454   7.68290   -6.08955  1.000 28.27665 ? 77  GLU A CB  1 
ATOM   219  C CG  . GLU A 1 77  ? 1.19297   7.02164   -7.45124  1.000 38.68890 ? 77  GLU A CG  1 
ATOM   220  C CD  . GLU A 1 77  ? 0.18138   7.55114   -8.46988  1.000 42.96626 ? 77  GLU A CD  1 
ATOM   221  O OE1 . GLU A 1 77  ? -0.66609  8.38972   -8.09816  1.000 58.32754 ? 77  GLU A OE1 1 
ATOM   222  O OE2 . GLU A 1 77  ? 0.23513   7.13539   -9.64801  1.000 52.37944 ? 77  GLU A OE2 1 
ATOM   223  N N   . SER A 1 78  ? 1.83710   8.01058   -2.75280  1.000 39.28832 ? 78  SER A N   1 
ATOM   224  C CA  . SER A 1 78  ? 1.26987   8.60853   -1.54995  1.000 41.99017 ? 78  SER A CA  1 
ATOM   225  C C   . SER A 1 78  ? 0.50820   9.88818   -1.86888  1.000 53.79750 ? 78  SER A C   1 
ATOM   226  O O   . SER A 1 78  ? -0.35066  10.31017  -1.08257  1.000 58.00409 ? 78  SER A O   1 
ATOM   227  C CB  . SER A 1 78  ? 2.37395   8.89537   -0.53301  1.000 41.04987 ? 78  SER A CB  1 
ATOM   228  O OG  . SER A 1 78  ? 2.54514   7.80042   0.35728   1.000 46.64202 ? 78  SER A OG  1 
ATOM   229  N N   . ALA A 1 79  ? 0.81846   10.51816  -3.00162  1.000 53.91119 ? 79  ALA A N   1 
ATOM   230  C CA  . ALA A 1 79  ? 0.08288   11.64220  -3.53422  1.000 58.80870 ? 79  ALA A CA  1 
ATOM   231  C C   . ALA A 1 79  ? -0.72015  11.15386  -4.73723  1.000 64.48894 ? 79  ALA A C   1 
ATOM   232  O O   . ALA A 1 79  ? -1.03188  9.95867   -4.85510  1.000 70.36874 ? 79  ALA A O   1 
ATOM   233  C CB  . ALA A 1 79  ? 1.05559   12.76848  -3.89214  1.000 62.11275 ? 79  ALA A CB  1 
ATOM   234  N N   . VAL A 1 80  ? -1.06430  12.07411  -5.62524  1.000 69.66426 ? 80  VAL A N   1 
ATOM   235  C CA  . VAL A 1 80  ? -1.85344  11.75075  -6.80352  1.000 68.77428 ? 80  VAL A CA  1 
ATOM   236  C C   . VAL A 1 80  ? -1.26382  12.49687  -7.98926  1.000 67.56943 ? 80  VAL A C   1 
ATOM   237  O O   . VAL A 1 80  ? -1.19751  13.73082  -7.97830  1.000 67.12184 ? 80  VAL A O   1 
ATOM   238  C CB  . VAL A 1 80  ? -3.34130  12.12239  -6.61749  1.000 66.93037 ? 80  VAL A CB  1 
ATOM   239  C CG1 . VAL A 1 80  ? -4.13104  11.84510  -7.88464  1.000 58.65504 ? 80  VAL A CG1 1 
ATOM   240  C CG2 . VAL A 1 80  ? -3.96754  11.39138  -5.42293  1.000 55.98809 ? 80  VAL A CG2 1 
ATOM   241  N N   . GLY A 1 81  ? -0.87012  11.75268  -9.02131  1.000 63.85247 ? 81  GLY A N   1 
ATOM   242  C CA  . GLY A 1 81  ? -0.49023  12.33873  -10.29248 1.000 60.53218 ? 81  GLY A CA  1 
ATOM   243  C C   . GLY A 1 81  ? 0.72768   13.24171  -10.27098 1.000 61.78758 ? 81  GLY A C   1 
ATOM   244  O O   . GLY A 1 81  ? 0.70722   14.33166  -10.84898 1.000 63.34702 ? 81  GLY A O   1 
ATOM   245  N N   . ASN A 1 82  ? 1.79819   12.79645  -9.61657  1.000 66.14873 ? 82  ASN A N   1 
ATOM   246  C CA  . ASN A 1 82  ? 3.04965   13.55142  -9.56422  1.000 67.29782 ? 82  ASN A CA  1 
ATOM   247  C C   . ASN A 1 82  ? 4.18060   12.54067  -9.45870  1.000 49.13516 ? 82  ASN A C   1 
ATOM   248  O O   . ASN A 1 82  ? 4.21642   11.74252  -8.52292  1.000 42.21961 ? 82  ASN A O   1 
ATOM   249  C CB  . ASN A 1 82  ? 3.06741   14.55242  -8.40471  1.000 62.43833 ? 82  ASN A CB  1 
ATOM   250  C CG  . ASN A 1 82  ? 2.61283   13.94213  -7.10556  1.000 69.74193 ? 82  ASN A CG  1 
ATOM   251  O OD1 . ASN A 1 82  ? 1.60893   13.23090  -7.08287  1.000 70.42628 ? 82  ASN A OD1 1 
ATOM   252  N ND2 . ASN A 1 82  ? 3.33732   14.20319  -6.01971  1.000 66.68575 ? 82  ASN A ND2 1 
ATOM   253  N N   . ALA A 1 83  ? 5.09194   12.58192  -10.42701 1.000 38.78192 ? 83  ALA A N   1 
ATOM   254  C CA  . ALA A 1 83  ? 6.11880   11.56471  -10.61864 1.000 49.11251 ? 83  ALA A CA  1 
ATOM   255  C C   . ALA A 1 83  ? 7.17971   11.57980  -9.52278  1.000 57.64078 ? 83  ALA A C   1 
ATOM   256  O O   . ALA A 1 83  ? 8.13774   10.80206  -9.57743  1.000 57.45726 ? 83  ALA A O   1 
ATOM   257  C CB  . ALA A 1 83  ? 6.79252   11.74402  -11.97659 1.000 49.19060 ? 83  ALA A CB  1 
ATOM   258  N N   . GLU A 1 84  ? 7.03683   12.46314  -8.53143  1.000 48.79053 ? 84  GLU A N   1 
ATOM   259  C CA  . GLU A 1 84  ? 8.02646   12.58780  -7.46843  1.000 51.18028 ? 84  GLU A CA  1 
ATOM   260  C C   . GLU A 1 84  ? 7.67210   11.79798  -6.21514  1.000 50.33962 ? 84  GLU A C   1 
ATOM   261  O O   . GLU A 1 84  ? 8.56360   11.53051  -5.40212  1.000 36.58698 ? 84  GLU A O   1 
ATOM   262  C CB  . GLU A 1 84  ? 8.23813   14.06434  -7.10852  1.000 52.70216 ? 84  GLU A CB  1 
ATOM   263  C CG  . GLU A 1 84  ? 9.13984   14.77647  -8.10761  1.000 67.57652 ? 84  GLU A CG  1 
ATOM   264  C CD  . GLU A 1 84  ? 9.53259   16.16285  -7.65604  1.000 73.73250 ? 84  GLU A CD  1 
ATOM   265  O OE1 . GLU A 1 84  ? 8.95333   16.64456  -6.65828  1.000 73.09178 ? 84  GLU A OE1 1 
ATOM   266  O OE2 . GLU A 1 84  ? 10.42037  16.76880  -8.29315  1.000 76.44450 ? 84  GLU A OE2 1 
ATOM   267  N N   . LYS A 1 85  ? 6.40898   11.41052  -6.03857  1.000 41.47814 ? 85  LYS A N   1 
ATOM   268  C CA  . LYS A 1 85  ? 6.01802   10.49659  -4.97200  1.000 38.04175 ? 85  LYS A CA  1 
ATOM   269  C C   . LYS A 1 85  ? 5.30508   9.26567   -5.52418  1.000 27.93803 ? 85  LYS A C   1 
ATOM   270  O O   . LYS A 1 85  ? 4.36267   8.75133   -4.91893  1.000 31.68333 ? 85  LYS A O   1 
ATOM   271  C CB  . LYS A 1 85  ? 5.15997   11.20220  -3.92350  1.000 46.55882 ? 85  LYS A CB  1 
ATOM   272  C CG  . LYS A 1 85  ? 5.61565   12.61670  -3.59307  1.000 57.52403 ? 85  LYS A CG  1 
ATOM   273  C CD  . LYS A 1 85  ? 4.81634   13.19942  -2.43520  1.000 56.21836 ? 85  LYS A CD  1 
ATOM   274  C CE  . LYS A 1 85  ? 5.36301   12.74429  -1.08692  1.000 59.73828 ? 85  LYS A CE  1 
ATOM   275  N NZ  . LYS A 1 85  ? 4.33161   12.85466  -0.01522  1.000 58.04499 ? 85  LYS A NZ  1 
ATOM   276  N N   . ARG A 1 86  ? 5.74855   8.78009   -6.68319  1.000 31.22037 ? 86  ARG A N   1 
ATOM   277  C CA  . ARG A 1 86  ? 5.39907   7.45180   -7.17010  1.000 31.17695 ? 86  ARG A CA  1 
ATOM   278  C C   . ARG A 1 86  ? 6.60415   6.52835   -7.03360  1.000 27.26394 ? 86  ARG A C   1 
ATOM   279  O O   . ARG A 1 86  ? 7.74751   6.95504   -7.22651  1.000 22.52407 ? 86  ARG A O   1 
ATOM   280  C CB  . ARG A 1 86  ? 4.93209   7.48820   -8.62820  1.000 40.03369 ? 86  ARG A CB  1 
ATOM   281  C CG  . ARG A 1 86  ? 4.31235   6.17619   -9.09019  1.000 32.41536 ? 86  ARG A CG  1 
ATOM   282  C CD  . ARG A 1 86  ? 3.30404   6.37099   -10.21265 1.000 48.41736 ? 86  ARG A CD  1 
ATOM   283  N NE  . ARG A 1 86  ? 3.54859   7.58975   -10.97222 1.000 41.18186 ? 86  ARG A NE  1 
ATOM   284  C CZ  . ARG A 1 86  ? 4.36647   7.64972   -12.01561 1.000 57.16374 ? 86  ARG A CZ  1 
ATOM   285  N NH1 . ARG A 1 86  ? 4.54501   8.79358   -12.66231 1.000 55.84628 ? 86  ARG A NH1 1 
ATOM   286  N NH2 . ARG A 1 86  ? 5.00822   6.55814   -12.40892 1.000 63.77352 ? 86  ARG A NH2 1 
ATOM   287  N N   . TYR A 1 87  ? 6.34180   5.26168   -6.70441  1.000 24.69947 ? 87  TYR A N   1 
ATOM   288  C CA  . TYR A 1 87  ? 7.38453   4.28812   -6.40886  1.000 18.73864 ? 87  TYR A CA  1 
ATOM   289  C C   . TYR A 1 87  ? 6.99179   2.93284   -6.97826  1.000 18.36918 ? 87  TYR A C   1 
ATOM   290  O O   . TYR A 1 87  ? 5.80982   2.63987   -7.17310  1.000 26.14714 ? 87  TYR A O   1 
ATOM   291  C CB  . TYR A 1 87  ? 7.62076   4.15782   -4.89642  1.000 24.16710 ? 87  TYR A CB  1 
ATOM   292  C CG  . TYR A 1 87  ? 7.76596   5.47857   -4.18014  1.000 20.05950 ? 87  TYR A CG  1 
ATOM   293  C CD1 . TYR A 1 87  ? 9.01792   6.06643   -4.01467  1.000 22.09636 ? 87  TYR A CD1 1 
ATOM   294  C CD2 . TYR A 1 87  ? 6.65360   6.14273   -3.67977  1.000 20.14992 ? 87  TYR A CD2 1 
ATOM   295  C CE1 . TYR A 1 87  ? 9.16011   7.27398   -3.35999  1.000 21.38133 ? 87  TYR A CE1 1 
ATOM   296  C CE2 . TYR A 1 87  ? 6.78027   7.35426   -3.02630  1.000 27.63817 ? 87  TYR A CE2 1 
ATOM   297  C CZ  . TYR A 1 87  ? 8.03520   7.91639   -2.86948  1.000 31.10218 ? 87  TYR A CZ  1 
ATOM   298  O OH  . TYR A 1 87  ? 8.16629   9.12268   -2.21865  1.000 31.42677 ? 87  TYR A OH  1 
ATOM   299  N N   . VAL A 1 88  ? 8.00081   2.09373   -7.21129  1.000 17.41222 ? 88  VAL A N   1 
ATOM   300  C CA  . VAL A 1 88  ? 7.78923   0.76002   -7.76977  1.000 25.74883 ? 88  VAL A CA  1 
ATOM   301  C C   . VAL A 1 88  ? 7.22015   -0.15547  -6.69238  1.000 23.30568 ? 88  VAL A C   1 
ATOM   302  O O   . VAL A 1 88  ? 7.61557   -0.08662  -5.52372  1.000 21.19681 ? 88  VAL A O   1 
ATOM   303  C CB  . VAL A 1 88  ? 9.10743   0.20025   -8.34392  1.000 23.04183 ? 88  VAL A CB  1 
ATOM   304  C CG1 . VAL A 1 88  ? 8.97898   -1.29161  -8.67146  1.000 21.94133 ? 88  VAL A CG1 1 
ATOM   305  C CG2 . VAL A 1 88  ? 9.53076   0.98420   -9.58336  1.000 24.15464 ? 88  VAL A CG2 1 
ATOM   306  N N   . MET A 1 89  ? 6.29149   -1.02583  -7.08425  1.000 21.97698 ? 89  MET A N   1 
ATOM   307  C CA  . MET A 1 89  ? 5.67536   -1.98358  -6.17937  1.000 20.62059 ? 89  MET A CA  1 
ATOM   308  C C   . MET A 1 89  ? 5.81629   -3.39411  -6.73908  1.000 22.17963 ? 89  MET A C   1 
ATOM   309  O O   . MET A 1 89  ? 5.70749   -3.60114  -7.95259  1.000 22.27143 ? 89  MET A O   1 
ATOM   310  C CB  . MET A 1 89  ? 4.19141   -1.64348  -5.96541  1.000 14.39554 ? 89  MET A CB  1 
ATOM   311  C CG  . MET A 1 89  ? 3.45038   -2.62532  -5.08004  1.000 26.71159 ? 89  MET A CG  1 
ATOM   312  S SD  . MET A 1 89  ? 2.76566   -4.00566  -6.01269  1.000 33.34342 ? 89  MET A SD  1 
ATOM   313  C CE  . MET A 1 89  ? 1.43101   -3.18891  -6.89724  1.000 28.43029 ? 89  MET A CE  1 
ATOM   314  N N   . THR A 1 90  ? 6.03657   -4.36558  -5.84927  1.000 14.50982 ? 90  THR A N   1 
ATOM   315  C CA  . THR A 1 90  ? 6.05865   -5.77347  -6.22852  1.000 19.06574 ? 90  THR A CA  1 
ATOM   316  C C   . THR A 1 90  ? 5.46265   -6.60581  -5.09772  1.000 19.09863 ? 90  THR A C   1 
ATOM   317  O O   . THR A 1 90  ? 5.60318   -6.26131  -3.92241  1.000 20.97540 ? 90  THR A O   1 
ATOM   318  C CB  . THR A 1 90  ? 7.48414   -6.25089  -6.56449  1.000 20.38530 ? 90  THR A CB  1 
ATOM   319  O OG1 . THR A 1 90  ? 7.43401   -7.57435  -7.10864  1.000 25.05890 ? 90  THR A OG1 1 
ATOM   320  C CG2 . THR A 1 90  ? 8.38272   -6.25001  -5.32696  1.000 20.26220 ? 90  THR A CG2 1 
ATOM   321  N N   . GLY A 1 91  ? 4.79935   -7.70181  -5.45529  1.000 19.39198 ? 91  GLY A N   1 
ATOM   322  C CA  . GLY A 1 91  ? 4.14168   -8.50500  -4.44015  1.000 17.67643 ? 91  GLY A CA  1 
ATOM   323  C C   . GLY A 1 91  ? 3.80335   -9.90247  -4.91821  1.000 21.16576 ? 91  GLY A C   1 
ATOM   324  O O   . GLY A 1 91  ? 4.12938   -10.29520 -6.04151  1.000 18.76720 ? 91  GLY A O   1 
ATOM   325  N N   . ARG A 1 92  ? 3.14523   -10.65435 -4.02520  1.000 22.30156 ? 92  ARG A N   1 
ATOM   326  C CA  . ARG A 1 92  ? 2.68932   -12.01868 -4.28391  1.000 23.48959 ? 92  ARG A CA  1 
ATOM   327  C C   . ARG A 1 92  ? 1.27404   -12.18651 -3.74197  1.000 22.38137 ? 92  ARG A C   1 
ATOM   328  O O   . ARG A 1 92  ? 0.84366   -11.45672 -2.84394  1.000 20.98698 ? 92  ARG A O   1 
ATOM   329  C CB  . ARG A 1 92  ? 3.60617   -13.08025 -3.63971  1.000 18.64805 ? 92  ARG A CB  1 
ATOM   330  C CG  . ARG A 1 92  ? 5.09054   -12.95805 -3.96319  1.000 23.23590 ? 92  ARG A CG  1 
ATOM   331  C CD  . ARG A 1 92  ? 5.39097   -13.44426 -5.38051  1.000 22.89200 ? 92  ARG A CD  1 
ATOM   332  N NE  . ARG A 1 92  ? 5.08334   -14.86004 -5.56401  1.000 17.26066 ? 92  ARG A NE  1 
ATOM   333  C CZ  . ARG A 1 92  ? 5.06338   -15.47122 -6.74513  1.000 23.85318 ? 92  ARG A CZ  1 
ATOM   334  N NH1 . ARG A 1 92  ? 5.32298   -14.78783 -7.85449  1.000 19.15835 ? 92  ARG A NH1 1 
ATOM   335  N NH2 . ARG A 1 92  ? 4.77262   -16.76301 -6.81950  1.000 19.89352 ? 92  ARG A NH2 1 
ATOM   336  N N   . TYR A 1 93  ? 0.55620   -13.17626 -4.27915  1.000 17.80411 ? 93  TYR A N   1 
ATOM   337  C CA  . TYR A 1 93  ? -0.81186  -13.45105 -3.84839  1.000 25.35714 ? 93  TYR A CA  1 
ATOM   338  C C   . TYR A 1 93  ? -1.10157  -14.94120 -3.98677  1.000 24.54845 ? 93  TYR A C   1 
ATOM   339  O O   . TYR A 1 93  ? -0.39439  -15.66761 -4.68888  1.000 19.77191 ? 93  TYR A O   1 
ATOM   340  C CB  . TYR A 1 93  ? -1.83264  -12.62788 -4.65296  1.000 21.46310 ? 93  TYR A CB  1 
ATOM   341  C CG  . TYR A 1 93  ? -1.90350  -13.00815 -6.11838  1.000 25.38772 ? 93  TYR A CG  1 
ATOM   342  C CD1 . TYR A 1 93  ? -1.02049  -12.46171 -7.04080  1.000 23.64467 ? 93  TYR A CD1 1 
ATOM   343  C CD2 . TYR A 1 93  ? -2.85549  -13.91228 -6.57897  1.000 24.15051 ? 93  TYR A CD2 1 
ATOM   344  C CE1 . TYR A 1 93  ? -1.07926  -12.80827 -8.38125  1.000 27.36756 ? 93  TYR A CE1 1 
ATOM   345  C CE2 . TYR A 1 93  ? -2.92148  -14.26405 -7.91590  1.000 26.78706 ? 93  TYR A CE2 1 
ATOM   346  C CZ  . TYR A 1 93  ? -2.02853  -13.71338 -8.81153  1.000 32.76192 ? 93  TYR A CZ  1 
ATOM   347  O OH  . TYR A 1 93  ? -2.08840  -14.06465 -10.14289 1.000 28.97973 ? 93  TYR A OH  1 
ATOM   348  N N   . ASP A 1 94  ? -2.15806  -15.39251 -3.30458  1.000 21.83052 ? 94  ASP A N   1 
ATOM   349  C CA  . ASP A 1 94  ? -2.61583  -16.77838 -3.40973  1.000 25.17217 ? 94  ASP A CA  1 
ATOM   350  C C   . ASP A 1 94  ? -3.40483  -16.93479 -4.70711  1.000 24.56280 ? 94  ASP A C   1 
ATOM   351  O O   . ASP A 1 94  ? -4.49056  -16.36428 -4.85154  1.000 20.10618 ? 94  ASP A O   1 
ATOM   352  C CB  . ASP A 1 94  ? -3.45771  -17.15587 -2.19058  1.000 22.80726 ? 94  ASP A CB  1 
ATOM   353  C CG  . ASP A 1 94  ? -3.91460  -18.61697 -2.20521  1.000 25.03672 ? 94  ASP A CG  1 
ATOM   354  O OD1 . ASP A 1 94  ? -3.61362  -19.34520 -3.17285  1.000 24.01774 ? 94  ASP A OD1 1 
ATOM   355  O OD2 . ASP A 1 94  ? -4.57183  -19.04518 -1.23049  1.000 23.49677 ? 94  ASP A OD2 1 
ATOM   356  N N   . SER A 1 95  ? -2.86727  -17.71815 -5.64801  1.000 19.40728 ? 95  SER A N   1 
ATOM   357  C CA  . SER A 1 95  ? -3.49146  -17.88426 -6.95598  1.000 28.18266 ? 95  SER A CA  1 
ATOM   358  C C   . SER A 1 95  ? -4.60585  -18.92565 -6.96726  1.000 31.73374 ? 95  SER A C   1 
ATOM   359  O O   . SER A 1 95  ? -5.16343  -19.19278 -8.03783  1.000 33.37301 ? 95  SER A O   1 
ATOM   360  C CB  . SER A 1 95  ? -2.43425  -18.24526 -8.01281  1.000 28.88323 ? 95  SER A CB  1 
ATOM   361  O OG  . SER A 1 95  ? -1.57755  -19.29113 -7.57827  1.000 33.47793 ? 95  SER A OG  1 
ATOM   362  N N   . ALA A 1 96  ? -4.95593  -19.50992 -5.81883  1.000 30.02607 ? 96  ALA A N   1 
ATOM   363  C CA  . ALA A 1 96  ? -6.02617  -20.50884 -5.74370  1.000 29.40062 ? 96  ALA A CA  1 
ATOM   364  C C   . ALA A 1 96  ? -6.61804  -20.51434 -4.34066  1.000 24.24433 ? 96  ALA A C   1 
ATOM   365  O O   . ALA A 1 96  ? -6.46823  -21.48179 -3.58167  1.000 26.84804 ? 96  ALA A O   1 
ATOM   366  C CB  . ALA A 1 96  ? -5.50147  -21.89177 -6.13222  1.000 26.95500 ? 96  ALA A CB  1 
ATOM   367  N N   . PRO A 1 97  ? -7.33462  -19.45449 -3.96755  1.000 25.61634 ? 97  PRO A N   1 
ATOM   368  C CA  . PRO A 1 97  ? -7.84266  -19.34657 -2.59663  1.000 26.93189 ? 97  PRO A CA  1 
ATOM   369  C C   . PRO A 1 97  ? -8.95105  -20.34585 -2.30249  1.000 28.33777 ? 97  PRO A C   1 
ATOM   370  O O   . PRO A 1 97  ? -9.70120  -20.76105 -3.18870  1.000 29.58592 ? 97  PRO A O   1 
ATOM   371  C CB  . PRO A 1 97  ? -8.37269  -17.90959 -2.52892  1.000 24.69208 ? 97  PRO A CB  1 
ATOM   372  C CG  . PRO A 1 97  ? -8.76330  -17.59711 -3.93305  1.000 26.93071 ? 97  PRO A CG  1 
ATOM   373  C CD  . PRO A 1 97  ? -7.76573  -18.32037 -4.80816  1.000 29.84713 ? 97  PRO A CD  1 
ATOM   374  N N   . ALA A 1 98  ? -9.05419  -20.71306 -1.02530  1.000 22.18170 ? 98  ALA A N   1 
ATOM   375  C CA  . ALA A 1 98  ? -10.10500 -21.61626 -0.57754  1.000 30.16243 ? 98  ALA A CA  1 
ATOM   376  C C   . ALA A 1 98  ? -11.47956 -21.00216 -0.81784  1.000 31.12244 ? 98  ALA A C   1 
ATOM   377  O O   . ALA A 1 98  ? -11.67536 -19.78857 -0.70589  1.000 28.14999 ? 98  ALA A O   1 
ATOM   378  C CB  . ALA A 1 98  ? -9.93004  -21.94873 0.90656   1.000 28.47859 ? 98  ALA A CB  1 
ATOM   379  N N   . ASP A 1 99  ? -12.43773 -21.85997 -1.15225  1.000 36.27773 ? 99  ASP A N   1 
ATOM   380  C CA  . ASP A 1 99  ? -13.76661 -21.39470 -1.52154  1.000 34.16730 ? 99  ASP A CA  1 
ATOM   381  C C   . ASP A 1 99  ? -14.42326 -20.66472 -0.35444  1.000 32.96682 ? 99  ASP A C   1 
ATOM   382  O O   . ASP A 1 99  ? -14.45355 -21.16550 0.77277   1.000 33.84698 ? 99  ASP A O   1 
ATOM   383  C CB  . ASP A 1 99  ? -14.62023 -22.58050 -1.97081  1.000 37.64865 ? 99  ASP A CB  1 
ATOM   384  C CG  . ASP A 1 99  ? -16.03301 -22.17917 -2.33420  1.000 45.44077 ? 99  ASP A CG  1 
ATOM   385  O OD1 . ASP A 1 99  ? -16.21657 -21.48667 -3.35896  1.000 50.11916 ? 99  ASP A OD1 1 
ATOM   386  O OD2 . ASP A 1 99  ? -16.96194 -22.55556 -1.58741  1.000 61.80277 ? 99  ASP A OD2 1 
ATOM   387  N N   . GLY A 1 100 ? -14.92988 -19.46527 -0.62574  1.000 33.02026 ? 100 GLY A N   1 
ATOM   388  C CA  . GLY A 1 100 ? -15.58422 -18.66820 0.38819   1.000 34.42442 ? 100 GLY A CA  1 
ATOM   389  C C   . GLY A 1 100 ? -14.67193 -17.84967 1.27279   1.000 34.34388 ? 100 GLY A C   1 
ATOM   390  O O   . GLY A 1 100 ? -15.15343 -17.26794 2.25129   1.000 31.54073 ? 100 GLY A O   1 
ATOM   391  N N   . THR A 1 101 ? -13.37698 -17.78024 0.96967   1.000 27.11026 ? 101 THR A N   1 
ATOM   392  C CA  . THR A 1 101 ? -12.44123 -16.98976 1.75483   1.000 34.65850 ? 101 THR A CA  1 
ATOM   393  C C   . THR A 1 101 ? -11.83727 -15.88727 0.89277   1.000 35.80510 ? 101 THR A C   1 
ATOM   394  O O   . THR A 1 101 ? -11.92994 -15.90848 -0.34009  1.000 21.76923 ? 101 THR A O   1 
ATOM   395  C CB  . THR A 1 101 ? -11.31804 -17.85956 2.34647   1.000 30.78677 ? 101 THR A CB  1 
ATOM   396  O OG1 . THR A 1 101 ? -10.47304 -18.33827 1.29542   1.000 22.19352 ? 101 THR A OG1 1 
ATOM   397  C CG2 . THR A 1 101 ? -11.90048 -19.04677 3.10082   1.000 31.02305 ? 101 THR A CG2 1 
ATOM   398  N N   . GLY A 1 102 ? -11.21863 -14.91471 1.56260   1.000 29.13417 ? 102 GLY A N   1 
ATOM   399  C CA  . GLY A 1 102 ? -10.46720 -13.89214 0.86640   1.000 24.60783 ? 102 GLY A CA  1 
ATOM   400  C C   . GLY A 1 102 ? -9.14967  -14.42709 0.32890   1.000 24.61254 ? 102 GLY A C   1 
ATOM   401  O O   . GLY A 1 102 ? -8.70711  -15.53256 0.64550   1.000 22.15800 ? 102 GLY A O   1 
ATOM   402  N N   . THR A 1 103 ? -8.50943  -13.60869 -0.50684  1.000 17.86583 ? 103 THR A N   1 
ATOM   403  C CA  . THR A 1 103 ? -7.26779  -13.97246 -1.18401  1.000 23.26793 ? 103 THR A CA  1 
ATOM   404  C C   . THR A 1 103 ? -6.09908  -13.32459 -0.45105  1.000 25.52808 ? 103 THR A C   1 
ATOM   405  O O   . THR A 1 103 ? -5.97077  -12.09516 -0.44686  1.000 24.81295 ? 103 THR A O   1 
ATOM   406  C CB  . THR A 1 103 ? -7.30666  -13.53000 -2.64550  1.000 29.78863 ? 103 THR A CB  1 
ATOM   407  O OG1 . THR A 1 103 ? -8.31279  -14.27599 -3.34533  1.000 21.97748 ? 103 THR A OG1 1 
ATOM   408  C CG2 . THR A 1 103 ? -5.95096  -13.74236 -3.30738  1.000 16.14865 ? 103 THR A CG2 1 
ATOM   409  N N   . ALA A 1 104 ? -5.24936  -14.14998 0.16395   1.000 18.03878 ? 104 ALA A N   1 
ATOM   410  C CA  . ALA A 1 104 ? -4.11128  -13.63277 0.91172   1.000 16.43341 ? 104 ALA A CA  1 
ATOM   411  C C   . ALA A 1 104 ? -3.13960  -12.91674 -0.02087  1.000 21.62597 ? 104 ALA A C   1 
ATOM   412  O O   . ALA A 1 104 ? -2.83178  -13.40175 -1.11312  1.000 20.39711 ? 104 ALA A O   1 
ATOM   413  C CB  . ALA A 1 104 ? -3.40507  -14.77087 1.64743   1.000 20.50163 ? 104 ALA A CB  1 
ATOM   414  N N   . VAL A 1 105 ? -2.65570  -11.74699 0.41152   1.000 16.05158 ? 105 VAL A N   1 
ATOM   415  C CA  . VAL A 1 105 ? -1.79803  -10.90422 -0.41645  1.000 16.11701 ? 105 VAL A CA  1 
ATOM   416  C C   . VAL A 1 105 ? -0.66509  -10.31110 0.41284   1.000 18.93234 ? 105 VAL A C   1 
ATOM   417  O O   . VAL A 1 105 ? -0.72385  -10.24927 1.64147   1.000 18.26297 ? 105 VAL A O   1 
ATOM   418  C CB  . VAL A 1 105 ? -2.57245  -9.74871  -1.09133  1.000 23.09108 ? 105 VAL A CB  1 
ATOM   419  C CG1 . VAL A 1 105 ? -3.46859  -10.26613 -2.21541  1.000 28.29370 ? 105 VAL A CG1 1 
ATOM   420  C CG2 . VAL A 1 105 ? -3.37083  -8.95854  -0.04697  1.000 32.87651 ? 105 VAL A CG2 1 
ATOM   421  N N   . GLY A 1 106 ? 0.35784   -9.83166  -0.29404  1.000 22.51208 ? 106 GLY A N   1 
ATOM   422  C CA  . GLY A 1 106 ? 1.44612   -9.08279  0.30974   1.000 20.25723 ? 106 GLY A CA  1 
ATOM   423  C C   . GLY A 1 106 ? 2.24044   -8.37821  -0.76039  1.000 20.85833 ? 106 GLY A C   1 
ATOM   424  O O   . GLY A 1 106 ? 2.32867   -8.84918  -1.90071  1.000 15.48737 ? 106 GLY A O   1 
ATOM   425  N N   . TRP A 1 107 ? 2.82312   -7.23094  -0.40540  1.000 14.50801 ? 107 TRP A N   1 
ATOM   426  C CA  . TRP A 1 107 ? 3.62220   -6.46758  -1.35608  1.000 15.29036 ? 107 TRP A CA  1 
ATOM   427  C C   . TRP A 1 107 ? 4.56215   -5.51869  -0.61473  1.000 24.10497 ? 107 TRP A C   1 
ATOM   428  O O   . TRP A 1 107 ? 4.40804   -5.25302  0.58261   1.000 17.34811 ? 107 TRP A O   1 
ATOM   429  C CB  . TRP A 1 107 ? 2.73227   -5.71041  -2.36270  1.000 17.80761 ? 107 TRP A CB  1 
ATOM   430  C CG  . TRP A 1 107 ? 1.97976   -4.49402  -1.84483  1.000 18.81943 ? 107 TRP A CG  1 
ATOM   431  C CD1 . TRP A 1 107 ? 2.42616   -3.20130  -1.81624  1.000 20.85677 ? 107 TRP A CD1 1 
ATOM   432  C CD2 . TRP A 1 107 ? 0.63487   -4.46190  -1.33349  1.000 18.50286 ? 107 TRP A CD2 1 
ATOM   433  N NE1 . TRP A 1 107 ? 1.44800   -2.36952  -1.30489  1.000 17.56522 ? 107 TRP A NE1 1 
ATOM   434  C CE2 . TRP A 1 107 ? 0.34383   -3.12051  -0.99665  1.000 12.72793 ? 107 TRP A CE2 1 
ATOM   435  C CE3 . TRP A 1 107 ? -0.34642  -5.43849  -1.12026  1.000 19.23085 ? 107 TRP A CE3 1 
ATOM   436  C CZ2 . TRP A 1 107 ? -0.88271  -2.73437  -0.45924  1.000 18.47097 ? 107 TRP A CZ2 1 
ATOM   437  C CZ3 . TRP A 1 107 ? -1.56504  -5.05241  -0.58156  1.000 19.31765 ? 107 TRP A CZ3 1 
ATOM   438  C CH2 . TRP A 1 107 ? -1.82306  -3.71229  -0.26040  1.000 20.93385 ? 107 TRP A CH2 1 
ATOM   439  N N   . THR A 1 108 ? 5.55173   -5.00828  -1.35610  1.000 13.29755 ? 108 THR A N   1 
ATOM   440  C CA  . THR A 1 108 ? 6.64334   -4.20476  -0.82011  1.000 17.96312 ? 108 THR A CA  1 
ATOM   441  C C   . THR A 1 108 ? 6.84645   -2.96693  -1.68127  1.000 18.07787 ? 108 THR A C   1 
ATOM   442  O O   . THR A 1 108 ? 6.68621   -3.02180  -2.90436  1.000 17.23581 ? 108 THR A O   1 
ATOM   443  C CB  . THR A 1 108 ? 7.96227   -5.00836  -0.78461  1.000 25.04932 ? 108 THR A CB  1 
ATOM   444  O OG1 . THR A 1 108 ? 7.71396   -6.33361  -0.30116  1.000 25.40567 ? 108 THR A OG1 1 
ATOM   445  C CG2 . THR A 1 108 ? 8.98581   -4.33888  0.10825   1.000 19.86505 ? 108 THR A CG2 1 
ATOM   446  N N   . VAL A 1 109 ? 7.24424   -1.86404  -1.04582  1.000 16.92750 ? 109 VAL A N   1 
ATOM   447  C CA  . VAL A 1 109 ? 7.53598   -0.61272  -1.73833  1.000 15.76922 ? 109 VAL A CA  1 
ATOM   448  C C   . VAL A 1 109 ? 8.76092   0.01098   -1.08090  1.000 22.63259 ? 109 VAL A C   1 
ATOM   449  O O   . VAL A 1 109 ? 8.74872   0.28303   0.12526   1.000 19.38900 ? 109 VAL A O   1 
ATOM   450  C CB  . VAL A 1 109 ? 6.34770   0.36870   -1.69638  1.000 23.07099 ? 109 VAL A CB  1 
ATOM   451  C CG1 . VAL A 1 109 ? 6.75739   1.73642   -2.23186  1.000 27.61129 ? 109 VAL A CG1 1 
ATOM   452  C CG2 . VAL A 1 109 ? 5.15159   -0.18055  -2.47138  1.000 17.02961 ? 109 VAL A CG2 1 
ATOM   453  N N   . ALA A 1 110 ? 9.82342   0.22127   -1.85785  1.000 18.50768 ? 110 ALA A N   1 
ATOM   454  C CA  . ALA A 1 110 ? 10.96827  0.99344   -1.38893  1.000 19.06308 ? 110 ALA A CA  1 
ATOM   455  C C   . ALA A 1 110 ? 10.72671  2.46610   -1.69488  1.000 23.39508 ? 110 ALA A C   1 
ATOM   456  O O   . ALA A 1 110 ? 10.43206  2.82745   -2.84016  1.000 21.79798 ? 110 ALA A O   1 
ATOM   457  C CB  . ALA A 1 110 ? 12.26562  0.51545   -2.04042  1.000 18.42213 ? 110 ALA A CB  1 
ATOM   458  N N   . TYR A 1 111 ? 10.83706  3.31108   -0.66727  1.000 18.02246 ? 111 TYR A N   1 
ATOM   459  C CA  . TYR A 1 111 ? 10.53037  4.73606   -0.80052  1.000 26.91584 ? 111 TYR A CA  1 
ATOM   460  C C   . TYR A 1 111 ? 11.74800  5.50804   -1.31447  1.000 24.48374 ? 111 TYR A C   1 
ATOM   461  O O   . TYR A 1 111 ? 12.28958  6.40129   -0.66378  1.000 19.39857 ? 111 TYR A O   1 
ATOM   462  C CB  . TYR A 1 111 ? 10.03239  5.30387   0.52215   1.000 20.90595 ? 111 TYR A CB  1 
ATOM   463  C CG  . TYR A 1 111 ? 8.57461   5.01239   0.78624   1.000 24.69106 ? 111 TYR A CG  1 
ATOM   464  C CD1 . TYR A 1 111 ? 7.57471   5.66422   0.07250   1.000 31.16568 ? 111 TYR A CD1 1 
ATOM   465  C CD2 . TYR A 1 111 ? 8.19617   4.07619   1.74081   1.000 22.87118 ? 111 TYR A CD2 1 
ATOM   466  C CE1 . TYR A 1 111 ? 6.23951   5.39538   0.30820   1.000 31.31486 ? 111 TYR A CE1 1 
ATOM   467  C CE2 . TYR A 1 111 ? 6.86489   3.80216   1.98302   1.000 26.45929 ? 111 TYR A CE2 1 
ATOM   468  C CZ  . TYR A 1 111 ? 5.89029   4.46477   1.26493   1.000 37.08167 ? 111 TYR A CZ  1 
ATOM   469  O OH  . TYR A 1 111 ? 4.56117   4.19440   1.50319   1.000 37.27513 ? 111 TYR A OH  1 
ATOM   470  N N   . ARG A 1 112 ? 12.16820  5.13793   -2.51975  1.000 19.16673 ? 112 ARG A N   1 
ATOM   471  C CA  . ARG A 1 112 ? 13.18783  5.87339   -3.24904  1.000 21.40233 ? 112 ARG A CA  1 
ATOM   472  C C   . ARG A 1 112 ? 12.82379  5.86165   -4.72469  1.000 20.16161 ? 112 ARG A C   1 
ATOM   473  O O   . ARG A 1 112 ? 12.44324  4.81674   -5.26101  1.000 24.02865 ? 112 ARG A O   1 
ATOM   474  C CB  . ARG A 1 112 ? 14.57579  5.26161   -3.04539  1.000 19.98569 ? 112 ARG A CB  1 
ATOM   475  C CG  . ARG A 1 112 ? 15.60712  5.77786   -4.02480  1.000 27.83015 ? 112 ARG A CG  1 
ATOM   476  C CD  . ARG A 1 112 ? 16.95110  5.12643   -3.79761  1.000 36.45244 ? 112 ARG A CD  1 
ATOM   477  N NE  . ARG A 1 112 ? 17.91713  5.50841   -4.82247  1.000 45.37135 ? 112 ARG A NE  1 
ATOM   478  C CZ  . ARG A 1 112 ? 18.60365  6.64719   -4.81454  1.000 52.94898 ? 112 ARG A CZ  1 
ATOM   479  N NH1 . ARG A 1 112 ? 18.42555  7.52893   -3.83706  1.000 42.98865 ? 112 ARG A NH1 1 
ATOM   480  N NH2 . ARG A 1 112 ? 19.46682  6.90797   -5.78700  1.000 48.42458 ? 112 ARG A NH2 1 
ATOM   481  N N   . ASN A 1 113 ? 12.93050  7.02115   -5.36787  1.000 27.05727 ? 113 ASN A N   1 
ATOM   482  C CA  . ASN A 1 113 ? 12.81961  7.12444   -6.81847  1.000 26.36987 ? 113 ASN A CA  1 
ATOM   483  C C   . ASN A 1 113 ? 13.90756  8.08197   -7.29228  1.000 29.98611 ? 113 ASN A C   1 
ATOM   484  O O   . ASN A 1 113 ? 14.81729  8.43690   -6.53533  1.000 23.66246 ? 113 ASN A O   1 
ATOM   485  C CB  . ASN A 1 113 ? 11.40668  7.55771   -7.24531  1.000 22.70383 ? 113 ASN A CB  1 
ATOM   486  C CG  . ASN A 1 113 ? 10.96821  8.87268   -6.61703  1.000 26.52860 ? 113 ASN A CG  1 
ATOM   487  O OD1 . ASN A 1 113 ? 11.78634  9.74699   -6.33229  1.000 25.46223 ? 113 ASN A OD1 1 
ATOM   488  N ND2 . ASN A 1 113 ? 9.66006   9.02245   -6.41312  1.000 22.94642 ? 113 ASN A ND2 1 
ATOM   489  N N   . ALA A 1 114 ? 13.80847  8.51163   -8.55327  1.000 28.52353 ? 114 ALA A N   1 
ATOM   490  C CA  . ALA A 1 114 ? 14.81901  9.38788   -9.13429  1.000 32.90022 ? 114 ALA A CA  1 
ATOM   491  C C   . ALA A 1 114 ? 14.86959  10.75667  -8.47245  1.000 24.73029 ? 114 ALA A C   1 
ATOM   492  O O   . ALA A 1 114 ? 15.82977  11.50009  -8.69990  1.000 28.08375 ? 114 ALA A O   1 
ATOM   493  C CB  . ALA A 1 114 ? 14.56911  9.55860   -10.63478 1.000 36.54527 ? 114 ALA A CB  1 
ATOM   494  N N   . HIS A 1 115 ? 13.87579  11.10644  -7.66156  1.000 26.13689 ? 115 HIS A N   1 
ATOM   495  C CA  . HIS A 1 115 ? 13.78380  12.44496  -7.10273  1.000 25.90251 ? 115 HIS A CA  1 
ATOM   496  C C   . HIS A 1 115 ? 13.91556  12.50230  -5.58859  1.000 33.30828 ? 115 HIS A C   1 
ATOM   497  O O   . HIS A 1 115 ? 14.28538  13.55563  -5.06473  1.000 24.55516 ? 115 HIS A O   1 
ATOM   498  C CB  . HIS A 1 115 ? 12.45375  13.09574  -7.52089  1.000 32.35160 ? 115 HIS A CB  1 
ATOM   499  C CG  . HIS A 1 115 ? 12.16015  12.96664  -8.98402  1.000 43.68449 ? 115 HIS A CG  1 
ATOM   500  N ND1 . HIS A 1 115 ? 12.83838  13.68614  -9.94494  1.000 40.58638 ? 115 HIS A ND1 1 
ATOM   501  C CD2 . HIS A 1 115 ? 11.27836  12.18491  -9.65220  1.000 44.90465 ? 115 HIS A CD2 1 
ATOM   502  C CE1 . HIS A 1 115 ? 12.38073  13.36014  -11.14096 1.000 42.45994 ? 115 HIS A CE1 1 
ATOM   503  N NE2 . HIS A 1 115 ? 11.43475  12.45020  -10.99132 1.000 44.58160 ? 115 HIS A NE2 1 
ATOM   504  N N   . ARG A 1 116 ? 13.61356  11.41890  -4.86885  1.000 32.27240 ? 116 ARG A N   1 
ATOM   505  C CA  . ARG A 1 116 ? 13.66039  11.42333  -3.40985  1.000 35.32751 ? 116 ARG A CA  1 
ATOM   506  C C   . ARG A 1 116 ? 14.13898  10.06683  -2.90120  1.000 25.51884 ? 116 ARG A C   1 
ATOM   507  O O   . ARG A 1 116 ? 14.05109  9.05116   -3.59558  1.000 22.38667 ? 116 ARG A O   1 
ATOM   508  C CB  . ARG A 1 116 ? 12.28704  11.74987  -2.78324  1.000 31.49643 ? 116 ARG A CB  1 
ATOM   509  C CG  . ARG A 1 116 ? 11.41450  12.71627  -3.57323  1.000 51.52617 ? 116 ARG A CG  1 
ATOM   510  C CD  . ARG A 1 116 ? 10.11694  13.04009  -2.84229  1.000 60.73111 ? 116 ARG A CD  1 
ATOM   511  N NE  . ARG A 1 116 ? 9.37125   14.12971  -3.47626  1.000 73.22474 ? 116 ARG A NE  1 
ATOM   512  C CZ  . ARG A 1 116 ? 9.79155   15.39017  -3.58088  1.000 76.96772 ? 116 ARG A CZ  1 
ATOM   513  N NH1 . ARG A 1 116 ? 9.02385   16.29227  -4.18051  1.000 72.98188 ? 116 ARG A NH1 1 
ATOM   514  N NH2 . ARG A 1 116 ? 10.96003  15.76257  -3.07188  1.000 70.47736 ? 116 ARG A NH2 1 
ATOM   515  N N   . ASN A 1 117 ? 14.64719  10.06061  -1.66730  1.000 27.20054 ? 117 ASN A N   1 
ATOM   516  C CA  . ASN A 1 117 ? 14.98548  8.81499   -0.97549  1.000 27.09217 ? 117 ASN A CA  1 
ATOM   517  C C   . ASN A 1 117 ? 14.74215  9.02470   0.51347   1.000 31.87396 ? 117 ASN A C   1 
ATOM   518  O O   . ASN A 1 117 ? 15.44017  9.82205   1.14793   1.000 22.86608 ? 117 ASN A O   1 
ATOM   519  C CB  . ASN A 1 117 ? 16.43406  8.39588   -1.24668  1.000 27.10948 ? 117 ASN A CB  1 
ATOM   520  C CG  . ASN A 1 117 ? 16.75363  7.00200   -0.71581  1.000 28.23054 ? 117 ASN A CG  1 
ATOM   521  O OD1 . ASN A 1 117 ? 15.90482  6.34330   -0.11144  1.000 21.70023 ? 117 ASN A OD1 1 
ATOM   522  N ND2 . ASN A 1 117 ? 17.97690  6.53823   -0.96255  1.000 20.14168 ? 117 ASN A ND2 1 
ATOM   523  N N   . ALA A 1 118 ? 13.75192  8.31691   1.06083   1.000 23.34535 ? 118 ALA A N   1 
ATOM   524  C CA  . ALA A 1 118 ? 13.42528  8.36522   2.48045   1.000 25.59506 ? 118 ALA A CA  1 
ATOM   525  C C   . ALA A 1 118 ? 14.20234  7.34288   3.30063   1.000 28.09822 ? 118 ALA A C   1 
ATOM   526  O O   . ALA A 1 118 ? 14.06571  7.32282   4.53043   1.000 26.13406 ? 118 ALA A O   1 
ATOM   527  C CB  . ALA A 1 118 ? 11.92135  8.14522   2.68231   1.000 23.64011 ? 118 ALA A CB  1 
ATOM   528  N N   . HIS A 1 119 ? 14.99750  6.49481   2.64497   1.000 22.38351 ? 119 HIS A N   1 
ATOM   529  C CA  . HIS A 1 119 ? 15.79729  5.45663   3.30199   1.000 22.98463 ? 119 HIS A CA  1 
ATOM   530  C C   . HIS A 1 119 ? 14.92306  4.47143   4.07849   1.000 22.09019 ? 119 HIS A C   1 
ATOM   531  O O   . HIS A 1 119 ? 15.33118  3.94239   5.11579   1.000 22.84795 ? 119 HIS A O   1 
ATOM   532  C CB  . HIS A 1 119 ? 16.86895  6.07062   4.21365   1.000 20.27066 ? 119 HIS A CB  1 
ATOM   533  C CG  . HIS A 1 119 ? 17.87250  6.90953   3.48465   1.000 27.07521 ? 119 HIS A CG  1 
ATOM   534  N ND1 . HIS A 1 119 ? 18.69461  6.40127   2.50111   1.000 22.02166 ? 119 HIS A ND1 1 
ATOM   535  C CD2 . HIS A 1 119 ? 18.17456  8.22659   3.58394   1.000 26.45154 ? 119 HIS A CD2 1 
ATOM   536  C CE1 . HIS A 1 119 ? 19.47032  7.36585   2.03713   1.000 26.26644 ? 119 HIS A CE1 1 
ATOM   537  N NE2 . HIS A 1 119 ? 19.17140  8.48453   2.67325   1.000 25.54709 ? 119 HIS A NE2 1 
ATOM   538  N N   . SER A 1 120 ? 13.71556  4.21164   3.57130   1.000 17.49601 ? 120 SER A N   1 
ATOM   539  C CA  . SER A 1 120 ? 12.79574  3.28574   4.21764   1.000 21.65978 ? 120 SER A CA  1 
ATOM   540  C C   . SER A 1 120 ? 12.12302  2.40274   3.17281   1.000 20.68009 ? 120 SER A C   1 
ATOM   541  O O   . SER A 1 120 ? 12.02958  2.76054   1.99445   1.000 18.10705 ? 120 SER A O   1 
ATOM   542  C CB  . SER A 1 120 ? 11.72993  4.02313   5.05208   1.000 33.07670 ? 120 SER A CB  1 
ATOM   543  O OG  . SER A 1 120 ? 11.29273  5.21555   4.41854   1.000 25.06891 ? 120 SER A OG  1 
ATOM   544  N N   . VAL A 1 121 ? 11.66649  1.23271   3.62432   1.000 18.45497 ? 121 VAL A N   1 
ATOM   545  C CA  . VAL A 1 121 ? 10.96227  0.25779   2.79617   1.000 16.62722 ? 121 VAL A CA  1 
ATOM   546  C C   . VAL A 1 121 ? 9.75954   -0.25351  3.57983   1.000 22.35377 ? 121 VAL A C   1 
ATOM   547  O O   . VAL A 1 121 ? 9.88810   -0.62578  4.75278   1.000 17.51664 ? 121 VAL A O   1 
ATOM   548  C CB  . VAL A 1 121 ? 11.87756  -0.91896  2.38698   1.000 19.21922 ? 121 VAL A CB  1 
ATOM   549  C CG1 . VAL A 1 121 ? 11.12155  -1.90568  1.51632   1.000 18.87277 ? 121 VAL A CG1 1 
ATOM   550  C CG2 . VAL A 1 121 ? 13.12254  -0.42432  1.66514   1.000 19.82869 ? 121 VAL A CG2 1 
ATOM   551  N N   . ALA A 1 122 ? 8.59145   -0.28064  2.93550   1.000 15.70145 ? 122 ALA A N   1 
ATOM   552  C CA  . ALA A 1 122 ? 7.36834   -0.73455  3.58106   1.000 16.56726 ? 122 ALA A CA  1 
ATOM   553  C C   . ALA A 1 122 ? 6.89997   -2.05924  2.99069   1.000 18.33685 ? 122 ALA A C   1 
ATOM   554  O O   . ALA A 1 122 ? 7.11247   -2.34275  1.80921   1.000 16.50984 ? 122 ALA A O   1 
ATOM   555  C CB  . ALA A 1 122 ? 6.24775   0.30746   3.45616   1.000 23.22586 ? 122 ALA A CB  1 
ATOM   556  N N   . THR A 1 123 ? 6.25869   -2.87008  3.83593   1.000 18.60491 ? 123 THR A N   1 
ATOM   557  C CA  . THR A 1 123 ? 5.58811   -4.09950  3.43021   1.000 19.54329 ? 123 THR A CA  1 
ATOM   558  C C   . THR A 1 123 ? 4.15129   -4.07476  3.93587   1.000 19.37808 ? 123 THR A C   1 
ATOM   559  O O   . THR A 1 123 ? 3.88840   -3.59931  5.04366   1.000 22.20063 ? 123 THR A O   1 
ATOM   560  C CB  . THR A 1 123 ? 6.29953   -5.35846  3.97280   1.000 20.57859 ? 123 THR A CB  1 
ATOM   561  O OG1 . THR A 1 123 ? 6.02114   -5.51035  5.37428   1.000 16.50078 ? 123 THR A OG1 1 
ATOM   562  C CG2 . THR A 1 123 ? 7.80715   -5.26492  3.76412   1.000 17.07348 ? 123 THR A CG2 1 
ATOM   563  N N   . TRP A 1 124 ? 3.22884   -4.59423  3.12453   1.000 19.66433 ? 124 TRP A N   1 
ATOM   564  C CA  . TRP A 1 124 ? 1.81588   -4.70979  3.46996   1.000 13.52261 ? 124 TRP A CA  1 
ATOM   565  C C   . TRP A 1 124 ? 1.41406   -6.17959  3.47145   1.000 17.41354 ? 124 TRP A C   1 
ATOM   566  O O   . TRP A 1 124 ? 1.79792   -6.93338  2.57293   1.000 17.09814 ? 124 TRP A O   1 
ATOM   567  C CB  . TRP A 1 124 ? 0.92175   -3.96580  2.46445   1.000 16.99075 ? 124 TRP A CB  1 
ATOM   568  C CG  . TRP A 1 124 ? 0.92376   -2.45683  2.51096   1.000 17.90550 ? 124 TRP A CG  1 
ATOM   569  C CD1 . TRP A 1 124 ? -0.03592  -1.65116  3.05463   1.000 15.06931 ? 124 TRP A CD1 1 
ATOM   570  C CD2 . TRP A 1 124 ? 1.89930   -1.57939  1.93178   1.000 18.76715 ? 124 TRP A CD2 1 
ATOM   571  N NE1 . TRP A 1 124 ? 0.29741   -0.32765  2.87770   1.000 15.33953 ? 124 TRP A NE1 1 
ATOM   572  C CE2 . TRP A 1 124 ? 1.47679   -0.25673  2.18525   1.000 18.02905 ? 124 TRP A CE2 1 
ATOM   573  C CE3 . TRP A 1 124 ? 3.09661   -1.78424  1.23954   1.000 15.79303 ? 124 TRP A CE3 1 
ATOM   574  C CZ2 . TRP A 1 124 ? 2.20678   0.85326   1.76715   1.000 20.47852 ? 124 TRP A CZ2 1 
ATOM   575  C CZ3 . TRP A 1 124 ? 3.81616   -0.68736  0.82296   1.000 15.61699 ? 124 TRP A CZ3 1 
ATOM   576  C CH2 . TRP A 1 124 ? 3.37111   0.61926   1.08845   1.000 21.81344 ? 124 TRP A CH2 1 
ATOM   577  N N   . SER A 1 125 ? 0.61063   -6.58112  4.45519   1.000 17.96848 ? 125 SER A N   1 
ATOM   578  C CA  . SER A 1 125 ? 0.21124   -7.97828  4.60262   1.000 18.59413 ? 125 SER A CA  1 
ATOM   579  C C   . SER A 1 125 ? -1.26352  -8.06353  4.96979   1.000 17.95119 ? 125 SER A C   1 
ATOM   580  O O   . SER A 1 125 ? -1.70028  -7.43646  5.94067   1.000 20.37543 ? 125 SER A O   1 
ATOM   581  C CB  . SER A 1 125 ? 1.05908   -8.67891  5.67245   1.000 20.48187 ? 125 SER A CB  1 
ATOM   582  O OG  . SER A 1 125 ? 0.56094   -9.97679  5.95284   1.000 21.08340 ? 125 SER A OG  1 
ATOM   583  N N   . GLY A 1 126 ? -2.02380  -8.85073  4.21137   1.000 14.54763 ? 126 GLY A N   1 
ATOM   584  C CA  . GLY A 1 126 ? -3.45194  -8.95471  4.45964   1.000 21.64161 ? 126 GLY A CA  1 
ATOM   585  C C   . GLY A 1 126 ? -4.20864  -9.82956  3.47803   1.000 23.80589 ? 126 GLY A C   1 
ATOM   586  O O   . GLY A 1 126 ? -3.75741  -10.93030 3.14683   1.000 20.75971 ? 126 GLY A O   1 
ATOM   587  N N   . GLN A 1 127 ? -5.36877  -9.36865  3.01323   1.000 18.93567 ? 127 GLN A N   1 
ATOM   588  C CA  . GLN A 1 127 ? -6.14658  -10.17884 2.08649   1.000 19.81863 ? 127 GLN A CA  1 
ATOM   589  C C   . GLN A 1 127 ? -7.06930  -9.29009  1.26865   1.000 21.73771 ? 127 GLN A C   1 
ATOM   590  O O   . GLN A 1 127 ? -7.54723  -8.25504  1.74212   1.000 17.18095 ? 127 GLN A O   1 
ATOM   591  C CB  . GLN A 1 127 ? -6.96539  -11.25610 2.81123   1.000 18.16913 ? 127 GLN A CB  1 
ATOM   592  C CG  . GLN A 1 127 ? -8.02876  -10.71402 3.75377   1.000 24.59824 ? 127 GLN A CG  1 
ATOM   593  C CD  . GLN A 1 127 ? -8.83861  -11.80945 4.43035   1.000 28.63967 ? 127 GLN A CD  1 
ATOM   594  O OE1 . GLN A 1 127 ? -9.33375  -12.72960 3.77961   1.000 25.52526 ? 127 GLN A OE1 1 
ATOM   595  N NE2 . GLN A 1 127 ? -8.95808  -11.72301 5.75261   1.000 23.04779 ? 127 GLN A NE2 1 
ATOM   596  N N   . TYR A 1 128 ? -7.30661  -9.71876  0.03396   1.000 19.82571 ? 128 TYR A N   1 
ATOM   597  C CA  . TYR A 1 128 ? -8.27653  -9.10662  -0.85761  1.000 19.61230 ? 128 TYR A CA  1 
ATOM   598  C C   . TYR A 1 128 ? -9.59961  -9.84499  -0.71501  1.000 22.50962 ? 128 TYR A C   1 
ATOM   599  O O   . TYR A 1 128 ? -9.63058  -11.07945 -0.68231  1.000 23.23967 ? 128 TYR A O   1 
ATOM   600  C CB  . TYR A 1 128 ? -7.77151  -9.15467  -2.30631  1.000 27.76850 ? 128 TYR A CB  1 
ATOM   601  C CG  . TYR A 1 128 ? -8.84219  -9.13291  -3.38000  1.000 24.30868 ? 128 TYR A CG  1 
ATOM   602  C CD1 . TYR A 1 128 ? -9.36885  -10.31225 -3.89306  1.000 28.95111 ? 128 TYR A CD1 1 
ATOM   603  C CD2 . TYR A 1 128 ? -9.30700  -7.93039  -3.89759  1.000 31.48787 ? 128 TYR A CD2 1 
ATOM   604  C CE1 . TYR A 1 128 ? -10.33760 -10.29384 -4.87982  1.000 27.17752 ? 128 TYR A CE1 1 
ATOM   605  C CE2 . TYR A 1 128 ? -10.28084 -7.90082  -4.88526  1.000 26.64563 ? 128 TYR A CE2 1 
ATOM   606  C CZ  . TYR A 1 128 ? -10.79049 -9.08451  -5.37137  1.000 27.72349 ? 128 TYR A CZ  1 
ATOM   607  O OH  . TYR A 1 128 ? -11.75347 -9.06326  -6.35316  1.000 29.94931 ? 128 TYR A OH  1 
ATOM   608  N N   . VAL A 1 129 ? -10.68918 -9.08797  -0.61094  1.000 18.16996 ? 129 VAL A N   1 
ATOM   609  C CA  . VAL A 1 129 ? -12.02119 -9.64683  -0.40544  1.000 22.74922 ? 129 VAL A CA  1 
ATOM   610  C C   . VAL A 1 129 ? -12.88974 -9.22454  -1.58049  1.000 33.26946 ? 129 VAL A C   1 
ATOM   611  O O   . VAL A 1 129 ? -13.13112 -8.02715  -1.78406  1.000 26.98072 ? 129 VAL A O   1 
ATOM   612  C CB  . VAL A 1 129 ? -12.63515 -9.19654  0.93024   1.000 30.12803 ? 129 VAL A CB  1 
ATOM   613  C CG1 . VAL A 1 129 ? -14.06968 -9.67917  1.04211   1.000 34.54093 ? 129 VAL A CG1 1 
ATOM   614  C CG2 . VAL A 1 129 ? -11.80232 -9.72029  2.10213   1.000 28.49861 ? 129 VAL A CG2 1 
ATOM   615  N N   . GLY A 1 130 ? -13.34925 -10.20541 -2.35449  1.000 34.14427 ? 130 GLY A N   1 
ATOM   616  C CA  . GLY A 1 130 ? -14.14553 -9.94633  -3.53587  1.000 40.53094 ? 130 GLY A CA  1 
ATOM   617  C C   . GLY A 1 130 ? -15.59467 -9.60761  -3.25352  1.000 50.12316 ? 130 GLY A C   1 
ATOM   618  O O   . GLY A 1 130 ? -15.88727 -8.64335  -2.54002  1.000 53.65760 ? 130 GLY A O   1 
ATOM   619  N N   . GLY A 1 131 ? -16.51452 -10.39891 -3.80282  1.000 57.43733 ? 131 GLY A N   1 
ATOM   620  C CA  . GLY A 1 131 ? -17.90402 -10.00060 -3.74439  1.000 56.79796 ? 131 GLY A CA  1 
ATOM   621  C C   . GLY A 1 131 ? -18.12637 -8.79170  -4.64083  1.000 66.67372 ? 131 GLY A C   1 
ATOM   622  O O   . GLY A 1 131 ? -17.30410 -8.45280  -5.49725  1.000 60.70484 ? 131 GLY A O   1 
ATOM   623  N N   . SER A 1 132 ? -19.26669 -8.13130  -4.43572  1.000 65.04747 ? 132 SER A N   1 
ATOM   624  C CA  . SER A 1 132 ? -19.53404 -6.90623  -5.18009  1.000 85.88249 ? 132 SER A CA  1 
ATOM   625  C C   . SER A 1 132 ? -18.86374 -5.69190  -4.55363  1.000 79.71377 ? 132 SER A C   1 
ATOM   626  O O   . SER A 1 132 ? -18.62192 -4.70176  -5.25362  1.000 83.03435 ? 132 SER A O   1 
ATOM   627  C CB  . SER A 1 132 ? -21.04101 -6.66868  -5.30137  1.000 73.79184 ? 132 SER A CB  1 
ATOM   628  O OG  . SER A 1 132 ? -21.70261 -7.83354  -5.76391  1.000 86.80525 ? 132 SER A OG  1 
ATOM   629  N N   . GLN A 1 133 ? -18.55173 -5.75066  -3.26187  1.000 64.97041 ? 133 GLN A N   1 
ATOM   630  C CA  . GLN A 1 133 ? -17.81154 -4.69736  -2.57322  1.000 59.34736 ? 133 GLN A CA  1 
ATOM   631  C C   . GLN A 1 133 ? -16.37749 -5.18317  -2.37925  1.000 53.29037 ? 133 GLN A C   1 
ATOM   632  O O   . GLN A 1 133 ? -16.07796 -5.90963  -1.42894  1.000 48.54278 ? 133 GLN A O   1 
ATOM   633  C CB  . GLN A 1 133 ? -18.47542 -4.35104  -1.24667  1.000 55.99161 ? 133 GLN A CB  1 
ATOM   634  C CG  . GLN A 1 133 ? -17.83433 -3.17909  -0.53725  1.000 58.64953 ? 133 GLN A CG  1 
ATOM   635  C CD  . GLN A 1 133 ? -18.58247 -2.77956  0.71500   1.000 65.03783 ? 133 GLN A CD  1 
ATOM   636  O OE1 . GLN A 1 133 ? -19.54942 -3.43273  1.11143   1.000 63.07808 ? 133 GLN A OE1 1 
ATOM   637  N NE2 . GLN A 1 133 ? -18.13668 -1.70178  1.34969   1.000 66.25498 ? 133 GLN A NE2 1 
ATOM   638  N N   . GLU A 1 134 ? -15.49313 -4.77384  -3.28407  1.000 45.92867 ? 134 GLU A N   1 
ATOM   639  C CA  . GLU A 1 134 ? -14.11476 -5.24295  -3.28425  1.000 27.63374 ? 134 GLU A CA  1 
ATOM   640  C C   . GLU A 1 134 ? -13.24783 -4.39516  -2.36627  1.000 29.75660 ? 134 GLU A C   1 
ATOM   641  O O   . GLU A 1 134 ? -13.29398 -3.16170  -2.41138  1.000 22.66476 ? 134 GLU A O   1 
ATOM   642  C CB  . GLU A 1 134 ? -13.54114 -5.19200  -4.69514  1.000 35.92924 ? 134 GLU A CB  1 
ATOM   643  C CG  . GLU A 1 134 ? -14.03040 -6.25851  -5.63220  1.000 35.82248 ? 134 GLU A CG  1 
ATOM   644  C CD  . GLU A 1 134 ? -13.29188 -6.18788  -6.94405  1.000 36.43795 ? 134 GLU A CD  1 
ATOM   645  O OE1 . GLU A 1 134 ? -13.48765 -5.18873  -7.66977  1.000 36.86334 ? 134 GLU A OE1 1 
ATOM   646  O OE2 . GLU A 1 134 ? -12.49922 -7.10922  -7.23359  1.000 31.00857 ? 134 GLU A OE2 1 
ATOM   647  N N   . ARG A 1 135 ? -12.42408 -5.06687  -1.56279  1.000 21.71648 ? 135 ARG A N   1 
ATOM   648  C CA  . ARG A 1 135 ? -11.61008 -4.40902  -0.55107  1.000 21.94105 ? 135 ARG A CA  1 
ATOM   649  C C   . ARG A 1 135 ? -10.28751 -5.15056  -0.40236  1.000 17.71652 ? 135 ARG A C   1 
ATOM   650  O O   . ARG A 1 135 ? -10.17802 -6.33571  -0.72662  1.000 19.05875 ? 135 ARG A O   1 
ATOM   651  C CB  . ARG A 1 135 ? -12.32622 -4.37560  0.80742   1.000 21.76990 ? 135 ARG A CB  1 
ATOM   652  C CG  . ARG A 1 135 ? -13.30717 -3.23885  1.01263   1.000 28.36797 ? 135 ARG A CG  1 
ATOM   653  C CD  . ARG A 1 135 ? -14.13504 -3.47452  2.27795   1.000 32.61023 ? 135 ARG A CD  1 
ATOM   654  N NE  . ARG A 1 135 ? -14.70783 -4.81912  2.32365   1.000 34.97748 ? 135 ARG A NE  1 
ATOM   655  C CZ  . ARG A 1 135 ? -14.67459 -5.62009  3.38417   1.000 37.32813 ? 135 ARG A CZ  1 
ATOM   656  N NH1 . ARG A 1 135 ? -15.23313 -6.82355  3.31514   1.000 28.81217 ? 135 ARG A NH1 1 
ATOM   657  N NH2 . ARG A 1 135 ? -14.08481 -5.22102  4.51052   1.000 30.72723 ? 135 ARG A NH2 1 
ATOM   658  N N   . ILE A 1 136 ? -9.28306  -4.44006  0.10778   1.000 18.03212 ? 136 ILE A N   1 
ATOM   659  C CA  . ILE A 1 136 ? -8.05233  -5.04980  0.61034   1.000 20.12852 ? 136 ILE A CA  1 
ATOM   660  C C   . ILE A 1 136 ? -7.80422  -4.50418  2.01165   1.000 19.56799 ? 136 ILE A C   1 
ATOM   661  O O   . ILE A 1 136 ? -7.65901  -3.28900  2.18618   1.000 21.86560 ? 136 ILE A O   1 
ATOM   662  C CB  . ILE A 1 136 ? -6.83531  -4.76815  -0.28984  1.000 20.85461 ? 136 ILE A CB  1 
ATOM   663  C CG1 . ILE A 1 136 ? -7.13265  -5.10255  -1.75236  1.000 17.92368 ? 136 ILE A CG1 1 
ATOM   664  C CG2 . ILE A 1 136 ? -5.61793  -5.55523  0.20773   1.000 20.58910 ? 136 ILE A CG2 1 
ATOM   665  C CD1 . ILE A 1 136 ? -5.96729  -4.85396  -2.67899  1.000 21.04603 ? 136 ILE A CD1 1 
ATOM   666  N N   . VAL A 1 137 ? -7.74888  -5.39110  3.00473   1.000 17.95281 ? 137 VAL A N   1 
ATOM   667  C CA  . VAL A 1 137 ? -7.46573  -5.01323  4.38900   1.000 17.23718 ? 137 VAL A CA  1 
ATOM   668  C C   . VAL A 1 137 ? -6.06336  -5.49850  4.74026   1.000 23.47915 ? 137 VAL A C   1 
ATOM   669  O O   . VAL A 1 137 ? -5.71398  -6.65510  4.47023   1.000 17.67277 ? 137 VAL A O   1 
ATOM   670  C CB  . VAL A 1 137 ? -8.51637  -5.58070  5.36082   1.000 20.09655 ? 137 VAL A CB  1 
ATOM   671  C CG1 . VAL A 1 137 ? -9.83500  -4.82531  5.21772   1.000 21.56723 ? 137 VAL A CG1 1 
ATOM   672  C CG2 . VAL A 1 137 ? -8.72190  -7.07471  5.14117   1.000 16.13132 ? 137 VAL A CG2 1 
ATOM   673  N N   . THR A 1 138 ? -5.25034  -4.61003  5.31709   1.000 17.12342 ? 138 THR A N   1 
ATOM   674  C CA  . THR A 1 138 ? -3.84681  -4.91032  5.57011   1.000 18.89662 ? 138 THR A CA  1 
ATOM   675  C C   . THR A 1 138 ? -3.39688  -4.33906  6.90907   1.000 21.24335 ? 138 THR A C   1 
ATOM   676  O O   . THR A 1 138 ? -4.03153  -3.45179  7.48537   1.000 18.41102 ? 138 THR A O   1 
ATOM   677  C CB  . THR A 1 138 ? -2.91458  -4.33798  4.48336   1.000 19.09562 ? 138 THR A CB  1 
ATOM   678  O OG1 . THR A 1 138 ? -2.87016  -2.91179  4.59660   1.000 19.08669 ? 138 THR A OG1 1 
ATOM   679  C CG2 . THR A 1 138 ? -3.37843  -4.71559  3.07259   1.000 19.94732 ? 138 THR A CG2 1 
ATOM   680  N N   . GLN A 1 139 ? -2.27900  -4.87616  7.39147   1.000 17.86501 ? 139 GLN A N   1 
ATOM   681  C CA  . GLN A 1 139 ? -1.39319  -4.20461  8.33226   1.000 19.76218 ? 139 GLN A CA  1 
ATOM   682  C C   . GLN A 1 139 ? -0.06466  -3.96660  7.62255   1.000 21.48932 ? 139 GLN A C   1 
ATOM   683  O O   . GLN A 1 139 ? 0.37153   -4.79923  6.82045   1.000 20.71648 ? 139 GLN A O   1 
ATOM   684  C CB  . GLN A 1 139 ? -1.17643  -5.03618  9.60954   1.000 23.53682 ? 139 GLN A CB  1 
ATOM   685  C CG  . GLN A 1 139 ? -2.43395  -5.69738  10.14836  1.000 25.72444 ? 139 GLN A CG  1 
ATOM   686  C CD  . GLN A 1 139 ? -3.17398  -4.82626  11.13842  1.000 25.16379 ? 139 GLN A CD  1 
ATOM   687  O OE1 . GLN A 1 139 ? -2.59913  -3.91820  11.74006  1.000 29.23728 ? 139 GLN A OE1 1 
ATOM   688  N NE2 . GLN A 1 139 ? -4.46949  -5.07033  11.28034  1.000 29.71995 ? 139 GLN A NE2 1 
ATOM   689  N N   . TRP A 1 140 ? 0.57224   -2.82577  7.88591   1.000 18.98408 ? 140 TRP A N   1 
ATOM   690  C CA  . TRP A 1 140 ? 1.82496   -2.48988  7.21846   1.000 21.03279 ? 140 TRP A CA  1 
ATOM   691  C C   . TRP A 1 140 ? 2.94632   -2.27051  8.22634   1.000 22.24236 ? 140 TRP A C   1 
ATOM   692  O O   . TRP A 1 140 ? 2.70871   -1.90584  9.38301   1.000 21.15855 ? 140 TRP A O   1 
ATOM   693  C CB  . TRP A 1 140 ? 1.68791   -1.23728  6.32018   1.000 17.58089 ? 140 TRP A CB  1 
ATOM   694  C CG  . TRP A 1 140 ? 1.22677   0.01514   7.01855   1.000 24.49030 ? 140 TRP A CG  1 
ATOM   695  C CD1 . TRP A 1 140 ? -0.04233  0.53360   7.01579   1.000 24.21776 ? 140 TRP A CD1 1 
ATOM   696  C CD2 . TRP A 1 140 ? 2.02763   0.92433   7.79455   1.000 23.08061 ? 140 TRP A CD2 1 
ATOM   697  N NE1 . TRP A 1 140 ? -0.08282  1.69506   7.75152   1.000 22.75236 ? 140 TRP A NE1 1 
ATOM   698  C CE2 . TRP A 1 140 ? 1.17112   1.95789   8.23979   1.000 22.14448 ? 140 TRP A CE2 1 
ATOM   699  C CE3 . TRP A 1 140 ? 3.38076   0.96307   8.15985   1.000 24.25469 ? 140 TRP A CE3 1 
ATOM   700  C CZ2 . TRP A 1 140 ? 1.62068   3.01281   9.03092   1.000 20.34221 ? 140 TRP A CZ2 1 
ATOM   701  C CZ3 . TRP A 1 140 ? 3.82638   2.01376   8.95100   1.000 18.84879 ? 140 TRP A CZ3 1 
ATOM   702  C CH2 . TRP A 1 140 ? 2.94626   3.02371   9.37765   1.000 26.92788 ? 140 TRP A CH2 1 
ATOM   703  N N   . LEU A 1 141 ? 4.17540   -2.49976  7.76265   1.000 16.54154 ? 141 LEU A N   1 
ATOM   704  C CA  . LEU A 1 141 ? 5.39411   -2.20875  8.50240   1.000 17.09431 ? 141 LEU A CA  1 
ATOM   705  C C   . LEU A 1 141 ? 6.28358   -1.31376  7.65172   1.000 16.66997 ? 141 LEU A C   1 
ATOM   706  O O   . LEU A 1 141 ? 6.40551   -1.52375  6.44294   1.000 23.95709 ? 141 LEU A O   1 
ATOM   707  C CB  . LEU A 1 141 ? 6.15481   -3.49428  8.87057   1.000 15.57707 ? 141 LEU A CB  1 
ATOM   708  C CG  . LEU A 1 141 ? 5.41221   -4.60760  9.61659   1.000 23.50188 ? 141 LEU A CG  1 
ATOM   709  C CD1 . LEU A 1 141 ? 6.24330   -5.88749  9.65244   1.000 21.67688 ? 141 LEU A CD1 1 
ATOM   710  C CD2 . LEU A 1 141 ? 5.06411   -4.15673  11.02904  1.000 19.72388 ? 141 LEU A CD2 1 
ATOM   711  N N   . LEU A 1 142 ? 6.90378   -0.31561  8.28187   1.000 16.89437 ? 142 LEU A N   1 
ATOM   712  C CA  . LEU A 1 142 ? 7.83366   0.59182   7.61092   1.000 16.86480 ? 142 LEU A CA  1 
ATOM   713  C C   . LEU A 1 142 ? 9.16078   0.56567   8.35969   1.000 20.09548 ? 142 LEU A C   1 
ATOM   714  O O   . LEU A 1 142 ? 9.23245   1.00276   9.51201   1.000 19.27168 ? 142 LEU A O   1 
ATOM   715  C CB  . LEU A 1 142 ? 7.27161   2.01280   7.55211   1.000 14.43815 ? 142 LEU A CB  1 
ATOM   716  C CG  . LEU A 1 142 ? 8.16204   3.07572   6.90621   1.000 21.54617 ? 142 LEU A CG  1 
ATOM   717  C CD1 . LEU A 1 142 ? 8.18459   2.92235   5.38862   1.000 20.84798 ? 142 LEU A CD1 1 
ATOM   718  C CD2 . LEU A 1 142 ? 7.68421   4.46434   7.30332   1.000 17.01931 ? 142 LEU A CD2 1 
ATOM   719  N N   . SER A 1 143 ? 10.21166  0.07270   7.70680   1.000 19.45203 ? 143 SER A N   1 
ATOM   720  C CA  . SER A 1 143 ? 11.51035  -0.12814  8.34020   1.000 22.09065 ? 143 SER A CA  1 
ATOM   721  C C   . SER A 1 143 ? 12.53693  0.84623   7.77325   1.000 26.09861 ? 143 SER A C   1 
ATOM   722  O O   . SER A 1 143 ? 12.62495  1.01582   6.55307   1.000 22.56393 ? 143 SER A O   1 
ATOM   723  C CB  . SER A 1 143 ? 11.99147  -1.56735  8.14340   1.000 21.95825 ? 143 SER A CB  1 
ATOM   724  O OG  . SER A 1 143 ? 11.47891  -2.42393  9.14802   1.000 18.27456 ? 143 SER A OG  1 
ATOM   725  N N   . TYR A 1 144 ? 13.32051  1.46457   8.66127   1.000 20.05947 ? 144 TYR A N   1 
ATOM   726  C CA  . TYR A 1 144 ? 14.38927  2.39012   8.30246   1.000 21.74255 ? 144 TYR A CA  1 
ATOM   727  C C   . TYR A 1 144 ? 15.75175  1.74962   8.54313   1.000 28.94385 ? 144 TYR A C   1 
ATOM   728  O O   . TYR A 1 144 ? 15.91411  0.91261   9.43675   1.000 20.33993 ? 144 TYR A O   1 
ATOM   729  C CB  . TYR A 1 144 ? 14.31432  3.68563   9.12628   1.000 26.54646 ? 144 TYR A CB  1 
ATOM   730  C CG  . TYR A 1 144 ? 13.26147  4.68269   8.69553   1.000 26.66009 ? 144 TYR A CG  1 
ATOM   731  C CD1 . TYR A 1 144 ? 11.95189  4.58177   9.15645   1.000 27.39027 ? 144 TYR A CD1 1 
ATOM   732  C CD2 . TYR A 1 144 ? 13.57983  5.74318   7.85348   1.000 28.54983 ? 144 TYR A CD2 1 
ATOM   733  C CE1 . TYR A 1 144 ? 10.98615  5.49748   8.77591   1.000 30.20848 ? 144 TYR A CE1 1 
ATOM   734  C CE2 . TYR A 1 144 ? 12.61690  6.66240   7.46548   1.000 28.83121 ? 144 TYR A CE2 1 
ATOM   735  C CZ  . TYR A 1 144 ? 11.32300  6.53529   7.93087   1.000 32.04276 ? 144 TYR A CZ  1 
ATOM   736  O OH  . TYR A 1 144 ? 10.35844  7.44497   7.55157   1.000 27.40879 ? 144 TYR A OH  1 
ATOM   737  N N   . GLY A 1 145 ? 16.73937  2.16583   7.75056   1.000 22.11204 ? 145 GLY A N   1 
ATOM   738  C CA  . GLY A 1 145 ? 18.12481  1.81915   8.03916   1.000 19.72453 ? 145 GLY A CA  1 
ATOM   739  C C   . GLY A 1 145 ? 18.63911  2.65686   9.19633   1.000 22.67336 ? 145 GLY A C   1 
ATOM   740  O O   . GLY A 1 145 ? 18.37793  3.86274   9.26632   1.000 18.79823 ? 145 GLY A O   1 
ATOM   741  N N   . THR A 1 146 ? 19.35270  2.01363   10.12458  1.000 25.98912 ? 146 THR A N   1 
ATOM   742  C CA  . THR A 1 146 ? 19.79883  2.65075   11.36263  1.000 23.32936 ? 146 THR A CA  1 
ATOM   743  C C   . THR A 1 146 ? 21.21350  2.20559   11.71536  1.000 19.93080 ? 146 THR A C   1 
ATOM   744  O O   . THR A 1 146 ? 21.76263  1.26603   11.13255  1.000 25.54313 ? 146 THR A O   1 
ATOM   745  C CB  . THR A 1 146 ? 18.88015  2.31884   12.55589  1.000 24.16821 ? 146 THR A CB  1 
ATOM   746  O OG1 . THR A 1 146 ? 19.13823  0.97899   12.99249  1.000 23.77215 ? 146 THR A OG1 1 
ATOM   747  C CG2 . THR A 1 146 ? 17.39700  2.46574   12.19992  1.000 23.87099 ? 146 THR A CG2 1 
ATOM   748  N N   . THR A 1 147 ? 21.79706  2.89297   12.70154  1.000 16.77307 ? 147 THR A N   1 
ATOM   749  C CA  . THR A 1 147 ? 22.97903  2.39698   13.39157  1.000 23.78330 ? 147 THR A CA  1 
ATOM   750  C C   . THR A 1 147 ? 22.58099  1.27259   14.34529  1.000 25.06915 ? 147 THR A C   1 
ATOM   751  O O   . THR A 1 147 ? 21.40423  1.13096   14.69233  1.000 19.57120 ? 147 THR A O   1 
ATOM   752  C CB  . THR A 1 147 ? 23.65732  3.51629   14.18156  1.000 22.39883 ? 147 THR A CB  1 
ATOM   753  O OG1 . THR A 1 147 ? 22.73834  4.04059   15.14947  1.000 25.15051 ? 147 THR A OG1 1 
ATOM   754  C CG2 . THR A 1 147 ? 24.13010  4.63288   13.26238  1.000 24.24708 ? 147 THR A CG2 1 
ATOM   755  N N   . PRO A 1 148 ? 23.54621  0.45815   14.79113  1.000 28.18811 ? 148 PRO A N   1 
ATOM   756  C CA  . PRO A 1 148 ? 23.20042  -0.62024  15.73455  1.000 23.70872 ? 148 PRO A CA  1 
ATOM   757  C C   . PRO A 1 148 ? 22.49238  -0.14082  16.99167  1.000 22.93373 ? 148 PRO A C   1 
ATOM   758  O O   . PRO A 1 148 ? 21.57080  -0.81691  17.46554  1.000 22.75413 ? 148 PRO A O   1 
ATOM   759  C CB  . PRO A 1 148 ? 24.56487  -1.24696  16.04924  1.000 31.53702 ? 148 PRO A CB  1 
ATOM   760  C CG  . PRO A 1 148 ? 25.36103  -1.01253  14.80687  1.000 24.22169 ? 148 PRO A CG  1 
ATOM   761  C CD  . PRO A 1 148 ? 24.94059  0.34676   14.32080  1.000 25.25303 ? 148 PRO A CD  1 
ATOM   762  N N   . ALA A 1 149 ? 22.87858  1.01553   17.53948  1.000 21.72501 ? 149 ALA A N   1 
ATOM   763  C CA  . ALA A 1 149 ? 22.23379  1.50788   18.75380  1.000 23.64741 ? 149 ALA A CA  1 
ATOM   764  C C   . ALA A 1 149 ? 20.78464  1.92433   18.52744  1.000 25.93580 ? 149 ALA A C   1 
ATOM   765  O O   . ALA A 1 149 ? 20.00146  1.93798   19.48419  1.000 25.32008 ? 149 ALA A O   1 
ATOM   766  C CB  . ALA A 1 149 ? 23.01974  2.68493   19.33606  1.000 26.44786 ? 149 ALA A CB  1 
ATOM   767  N N   . ASP A 1 150 ? 20.40612  2.25479   17.29329  1.000 27.68262 ? 150 ASP A N   1 
ATOM   768  C CA  . ASP A 1 150 ? 19.06709  2.74212   16.99184  1.000 27.09488 ? 150 ASP A CA  1 
ATOM   769  C C   . ASP A 1 150 ? 18.16022  1.66181   16.41350  1.000 23.18821 ? 150 ASP A C   1 
ATOM   770  O O   . ASP A 1 150 ? 17.09573  1.98403   15.87663  1.000 25.92386 ? 150 ASP A O   1 
ATOM   771  C CB  . ASP A 1 150 ? 19.14275  3.92660   16.02659  1.000 27.06915 ? 150 ASP A CB  1 
ATOM   772  C CG  . ASP A 1 150 ? 19.74105  5.16072   16.66505  1.000 29.38804 ? 150 ASP A CG  1 
ATOM   773  O OD1 . ASP A 1 150 ? 19.90871  5.16596   17.90283  1.000 30.05383 ? 150 ASP A OD1 1 
ATOM   774  O OD2 . ASP A 1 150 ? 20.03793  6.12582   15.92923  1.000 25.09067 ? 150 ASP A OD2 1 
ATOM   775  N N   . GLN A 1 151 ? 18.55730  0.38990   16.50139  1.000 21.40536 ? 151 GLN A N   1 
ATOM   776  C CA  . GLN A 1 151 ? 17.77370  -0.66703  15.86798  1.000 27.63770 ? 151 GLN A CA  1 
ATOM   777  C C   . GLN A 1 151 ? 16.37428  -0.79241  16.45614  1.000 24.71242 ? 151 GLN A C   1 
ATOM   778  O O   . GLN A 1 151 ? 15.46195  -1.23496  15.75072  1.000 23.96865 ? 151 GLN A O   1 
ATOM   779  C CB  . GLN A 1 151 ? 18.50687  -2.00772  15.96734  1.000 20.51993 ? 151 GLN A CB  1 
ATOM   780  C CG  . GLN A 1 151 ? 19.70420  -2.10944  15.02939  1.000 26.26074 ? 151 GLN A CG  1 
ATOM   781  C CD  . GLN A 1 151 ? 20.26032  -3.51980  14.92785  1.000 34.13015 ? 151 GLN A CD  1 
ATOM   782  O OE1 . GLN A 1 151 ? 19.73972  -4.45065  15.54399  1.000 27.97719 ? 151 GLN A OE1 1 
ATOM   783  N NE2 . GLN A 1 151 ? 21.33325  -3.68105  14.15863  1.000 25.07968 ? 151 GLN A NE2 1 
ATOM   784  N N   . TRP A 1 152 ? 16.17987  -0.40006  17.71933  1.000 25.28376 ? 152 TRP A N   1 
ATOM   785  C CA  . TRP A 1 152 ? 14.86152  -0.51020  18.33817  1.000 25.42925 ? 152 TRP A CA  1 
ATOM   786  C C   . TRP A 1 152 ? 13.85073  0.44087   17.70712  1.000 26.82701 ? 152 TRP A C   1 
ATOM   787  O O   . TRP A 1 152 ? 12.64519  0.17120   17.74870  1.000 24.24300 ? 152 TRP A O   1 
ATOM   788  C CB  . TRP A 1 152 ? 14.95389  -0.24170  19.84078  1.000 24.36515 ? 152 TRP A CB  1 
ATOM   789  C CG  . TRP A 1 152 ? 15.41187  1.14780   20.16643  1.000 25.89902 ? 152 TRP A CG  1 
ATOM   790  C CD1 . TRP A 1 152 ? 16.70540  1.58114   20.28678  1.000 29.23092 ? 152 TRP A CD1 1 
ATOM   791  C CD2 . TRP A 1 152 ? 14.58266  2.28983   20.40867  1.000 32.92303 ? 152 TRP A CD2 1 
ATOM   792  N NE1 . TRP A 1 152 ? 16.72940  2.92284   20.58446  1.000 26.75516 ? 152 TRP A NE1 1 
ATOM   793  C CE2 . TRP A 1 152 ? 15.43946  3.38118   20.66852  1.000 30.57944 ? 152 TRP A CE2 1 
ATOM   794  C CE3 . TRP A 1 152 ? 13.19852  2.49775   20.43046  1.000 26.85125 ? 152 TRP A CE3 1 
ATOM   795  C CZ2 . TRP A 1 152 ? 14.95604  4.65890   20.94820  1.000 30.22387 ? 152 TRP A CZ2 1 
ATOM   796  C CZ3 . TRP A 1 152 ? 12.72242  3.76809   20.70794  1.000 28.06266 ? 152 TRP A CZ3 1 
ATOM   797  C CH2 . TRP A 1 152 ? 13.59797  4.83156   20.96263  1.000 29.73679 ? 152 TRP A CH2 1 
ATOM   798  N N   . LYS A 1 153 ? 14.30391  1.55822   17.13990  1.000 25.04884 ? 153 LYS A N   1 
ATOM   799  C CA  . LYS A 1 153 ? 13.40158  2.51152   16.49215  1.000 29.48254 ? 153 LYS A CA  1 
ATOM   800  C C   . LYS A 1 153 ? 13.48615  2.42341   14.97320  1.000 30.49099 ? 153 LYS A C   1 
ATOM   801  O O   . LYS A 1 153 ? 13.41915  3.43377   14.27048  1.000 30.77531 ? 153 LYS A O   1 
ATOM   802  C CB  . LYS A 1 153 ? 13.67601  3.93738   16.97488  1.000 30.01563 ? 153 LYS A CB  1 
ATOM   803  C CG  . LYS A 1 153 ? 15.12556  4.39028   16.88972  1.000 36.09085 ? 153 LYS A CG  1 
ATOM   804  C CD  . LYS A 1 153 ? 15.30008  5.78571   17.48773  1.000 39.57542 ? 153 LYS A CD  1 
ATOM   805  C CE  . LYS A 1 153 ? 16.56324  6.45161   16.96283  1.000 40.95329 ? 153 LYS A CE  1 
ATOM   806  N NZ  . LYS A 1 153 ? 16.52000  7.93661   17.07531  1.000 43.11340 ? 153 LYS A NZ  1 
ATOM   807  N N   . SER A 1 154 ? 13.62104  1.20837   14.44429  1.000 21.86249 ? 154 SER A N   1 
ATOM   808  C CA  . SER A 1 154 ? 13.76115  1.00603   13.00913  1.000 27.93911 ? 154 SER A CA  1 
ATOM   809  C C   . SER A 1 154 ? 12.43542  0.75503   12.30082  1.000 25.79991 ? 154 SER A C   1 
ATOM   810  O O   . SER A 1 154 ? 12.32253  1.08028   11.11106  1.000 20.53605 ? 154 SER A O   1 
ATOM   811  C CB  . SER A 1 154 ? 14.71033  -0.16802  12.73135  1.000 22.35667 ? 154 SER A CB  1 
ATOM   812  O OG  . SER A 1 154 ? 14.61881  -0.59887  11.38046  1.000 33.43316 ? 154 SER A OG  1 
ATOM   813  N N   . THR A 1 155 ? 11.43257  0.19896   12.99358  1.000 18.18835 ? 155 THR A N   1 
ATOM   814  C CA  . THR A 1 155 ? 10.21572  -0.28425  12.34590  1.000 23.62950 ? 155 THR A CA  1 
ATOM   815  C C   . THR A 1 155 ? 8.97311   0.31945   12.97913  1.000 20.23845 ? 155 THR A C   1 
ATOM   816  O O   . THR A 1 155 ? 8.71651   0.10376   14.16746  1.000 19.43602 ? 155 THR A O   1 
ATOM   817  C CB  . THR A 1 155 ? 10.12910  -1.80670  12.42267  1.000 22.11879 ? 155 THR A CB  1 
ATOM   818  O OG1 . THR A 1 155 ? 11.37580  -2.38255  12.01666  1.000 23.22098 ? 155 THR A OG1 1 
ATOM   819  C CG2 . THR A 1 155 ? 9.00427   -2.31685  11.52305  1.000 22.15613 ? 155 THR A CG2 1 
ATOM   820  N N   . PHE A 1 156 ? 8.18479   1.02823   12.17290  1.000 20.01360 ? 156 PHE A N   1 
ATOM   821  C CA  . PHE A 1 156 ? 6.84941   1.48113   12.53544  1.000 18.32669 ? 156 PHE A CA  1 
ATOM   822  C C   . PHE A 1 156 ? 5.80067   0.45463   12.10049  1.000 24.98295 ? 156 PHE A C   1 
ATOM   823  O O   . PHE A 1 156 ? 5.99245   -0.29467  11.13958  1.000 23.44903 ? 156 PHE A O   1 
ATOM   824  C CB  . PHE A 1 156 ? 6.53373   2.82637   11.87996  1.000 18.62476 ? 156 PHE A CB  1 
ATOM   825  C CG  . PHE A 1 156 ? 7.38609   3.96914   12.35895  1.000 23.90044 ? 156 PHE A CG  1 
ATOM   826  C CD1 . PHE A 1 156 ? 7.07382   4.63969   13.53156  1.000 27.50657 ? 156 PHE A CD1 1 
ATOM   827  C CD2 . PHE A 1 156 ? 8.47646   4.39833   11.61550  1.000 25.41136 ? 156 PHE A CD2 1 
ATOM   828  C CE1 . PHE A 1 156 ? 7.84272   5.70681   13.96763  1.000 22.82570 ? 156 PHE A CE1 1 
ATOM   829  C CE2 . PHE A 1 156 ? 9.25333   5.46549   12.04453  1.000 33.77302 ? 156 PHE A CE2 1 
ATOM   830  C CZ  . PHE A 1 156 ? 8.93227   6.12468   13.22176  1.000 29.04082 ? 156 PHE A CZ  1 
ATOM   831  N N   . LEU A 1 157 ? 4.67052   0.44674   12.81116  1.000 19.27778 ? 157 LEU A N   1 
ATOM   832  C CA  . LEU A 1 157 ? 3.55080   -0.44447  12.52597  1.000 20.60518 ? 157 LEU A CA  1 
ATOM   833  C C   . LEU A 1 157 ? 2.26756   0.36239   12.36353  1.000 25.63310 ? 157 LEU A C   1 
ATOM   834  O O   . LEU A 1 157 ? 2.04618   1.33632   13.09011  1.000 23.67605 ? 157 LEU A O   1 
ATOM   835  C CB  . LEU A 1 157 ? 3.37357   -1.47500  13.64425  1.000 22.60536 ? 157 LEU A CB  1 
ATOM   836  C CG  . LEU A 1 157 ? 2.02248   -2.17747  13.78670  1.000 23.77428 ? 157 LEU A CG  1 
ATOM   837  C CD1 . LEU A 1 157 ? 1.83545   -3.21972  12.69089  1.000 19.86416 ? 157 LEU A CD1 1 
ATOM   838  C CD2 . LEU A 1 157 ? 1.91011   -2.81509  15.16047  1.000 20.54247 ? 157 LEU A CD2 1 
ATOM   839  N N   . GLY A 1 158 ? 1.42867   -0.04612  11.41128  1.000 21.85870 ? 158 GLY A N   1 
ATOM   840  C CA  . GLY A 1 158 ? 0.14851   0.59156   11.18442  1.000 19.34349 ? 158 GLY A CA  1 
ATOM   841  C C   . GLY A 1 158 ? -0.82238  -0.33064  10.47041  1.000 25.60539 ? 158 GLY A C   1 
ATOM   842  O O   . GLY A 1 158 ? -0.57414  -1.53027  10.32328  1.000 16.85852 ? 158 GLY A O   1 
ATOM   843  N N   . HIS A 1 159 ? -1.94306  0.25411   10.02875  1.000 21.17765 ? 159 HIS A N   1 
ATOM   844  C CA  . HIS A 1 159 ? -2.99944  -0.45880  9.31347   1.000 22.23766 ? 159 HIS A CA  1 
ATOM   845  C C   . HIS A 1 159 ? -3.50759  0.40670   8.16522   1.000 20.17555 ? 159 HIS A C   1 
ATOM   846  O O   . HIS A 1 159 ? -3.41762  1.63481   8.20830   1.000 19.64918 ? 159 HIS A O   1 
ATOM   847  C CB  . HIS A 1 159 ? -4.16763  -0.82864  10.24774  1.000 17.56615 ? 159 HIS A CB  1 
ATOM   848  C CG  . HIS A 1 159 ? -5.04462  0.33150   10.61214  1.000 26.16571 ? 159 HIS A CG  1 
ATOM   849  N ND1 . HIS A 1 159 ? -6.20052  0.63932   9.92460   1.000 22.09234 ? 159 HIS A ND1 1 
ATOM   850  C CD2 . HIS A 1 159 ? -4.93632  1.25662   11.59654  1.000 22.36159 ? 159 HIS A CD2 1 
ATOM   851  C CE1 . HIS A 1 159 ? -6.76135  1.70649   10.46455  1.000 21.05067 ? 159 HIS A CE1 1 
ATOM   852  N NE2 . HIS A 1 159 ? -6.01634  2.09877   11.48269  1.000 21.03560 ? 159 HIS A NE2 1 
ATOM   853  N N   . ASP A 1 160 ? -4.04957  -0.23802  7.13024   1.000 20.36542 ? 160 ASP A N   1 
ATOM   854  C CA  . ASP A 1 160 ? -4.64082  0.50784   6.02208   1.000 19.48709 ? 160 ASP A CA  1 
ATOM   855  C C   . ASP A 1 160 ? -5.64924  -0.36257  5.27881   1.000 16.90068 ? 160 ASP A C   1 
ATOM   856  O O   . ASP A 1 160 ? -5.52342  -1.58814  5.23175   1.000 18.44038 ? 160 ASP A O   1 
ATOM   857  C CB  . ASP A 1 160 ? -3.57722  1.03353   5.05042   1.000 17.89569 ? 160 ASP A CB  1 
ATOM   858  C CG  . ASP A 1 160 ? -3.95784  2.37732   4.43410   1.000 26.40278 ? 160 ASP A CG  1 
ATOM   859  O OD1 . ASP A 1 160 ? -5.10388  2.84663   4.64748   1.000 21.70279 ? 160 ASP A OD1 1 
ATOM   860  O OD2 . ASP A 1 160 ? -3.10609  2.97106   3.73768   1.000 28.89712 ? 160 ASP A OD2 1 
ATOM   861  N N   . GLU A 1 161 ? -6.64935  0.29560   4.69489   1.000 15.93492 ? 161 GLU A N   1 
ATOM   862  C CA  . GLU A 1 161 ? -7.73857  -0.36423  3.98702   1.000 22.51035 ? 161 GLU A CA  1 
ATOM   863  C C   . GLU A 1 161 ? -7.92433  0.29395   2.62619   1.000 25.95291 ? 161 GLU A C   1 
ATOM   864  O O   . GLU A 1 161 ? -7.94809  1.52297   2.52669   1.000 21.06675 ? 161 GLU A O   1 
ATOM   865  C CB  . GLU A 1 161 ? -9.04535  -0.29131  4.79800   1.000 21.17049 ? 161 GLU A CB  1 
ATOM   866  C CG  . GLU A 1 161 ? -8.96228  -0.93861  6.18959   1.000 24.06435 ? 161 GLU A CG  1 
ATOM   867  C CD  . GLU A 1 161 ? -8.30800  -0.04355  7.24188   1.000 27.11719 ? 161 GLU A CD  1 
ATOM   868  O OE1 . GLU A 1 161 ? -8.59200  1.17496   7.26268   1.000 23.28714 ? 161 GLU A OE1 1 
ATOM   869  O OE2 . GLU A 1 161 ? -7.50170  -0.56264  8.04613   1.000 24.15650 ? 161 GLU A OE2 1 
ATOM   870  N N   . PHE A 1 162 ? -8.05784  -0.52112  1.57902   1.000 23.94529 ? 162 PHE A N   1 
ATOM   871  C CA  . PHE A 1 162 ? -8.13581  -0.02725  0.21091   1.000 21.96903 ? 162 PHE A CA  1 
ATOM   872  C C   . PHE A 1 162 ? -9.48620  -0.37621  -0.40249  1.000 19.80065 ? 162 PHE A C   1 
ATOM   873  O O   . PHE A 1 162 ? -10.07813 -1.41619  -0.09802  1.000 18.99375 ? 162 PHE A O   1 
ATOM   874  C CB  . PHE A 1 162 ? -6.99055  -0.59474  -0.64830  1.000 19.77228 ? 162 PHE A CB  1 
ATOM   875  C CG  . PHE A 1 162 ? -5.61749  -0.23242  -0.13771  1.000 19.36153 ? 162 PHE A CG  1 
ATOM   876  C CD1 . PHE A 1 162 ? -5.00681  0.95284   -0.52306  1.000 25.25291 ? 162 PHE A CD1 1 
ATOM   877  C CD2 . PHE A 1 162 ? -4.95310  -1.06090  0.75281   1.000 20.30655 ? 162 PHE A CD2 1 
ATOM   878  C CE1 . PHE A 1 162 ? -3.75067  1.29582   -0.03869  1.000 19.68200 ? 162 PHE A CE1 1 
ATOM   879  C CE2 . PHE A 1 162 ? -3.69889  -0.72534  1.23478   1.000 21.79154 ? 162 PHE A CE2 1 
ATOM   880  C CZ  . PHE A 1 162 ? -3.09695  0.45342   0.83469   1.000 23.41475 ? 162 PHE A CZ  1 
ATOM   881  N N   . THR A 1 163 ? -9.96851  0.50910   -1.27228  1.000 18.50666 ? 163 THR A N   1 
ATOM   882  C CA  . THR A 1 163 ? -11.27219 0.35587   -1.90080  1.000 16.11690 ? 163 THR A CA  1 
ATOM   883  C C   . THR A 1 163 ? -11.16180 0.70290   -3.38050  1.000 20.27698 ? 163 THR A C   1 
ATOM   884  O O   . THR A 1 163 ? -10.22130 1.37422   -3.81370  1.000 24.23105 ? 163 THR A O   1 
ATOM   885  C CB  . THR A 1 163 ? -12.32623 1.24609   -1.21302  1.000 27.39207 ? 163 THR A CB  1 
ATOM   886  O OG1 . THR A 1 163 ? -13.52181 1.28659   -1.99820  1.000 28.16876 ? 163 THR A OG1 1 
ATOM   887  C CG2 . THR A 1 163 ? -11.79898 2.67022   -1.04263  1.000 27.63296 ? 163 THR A CG2 1 
ATOM   888  N N   . ARG A 1 164 ? -12.13157 0.21653   -4.16269  1.000 22.02430 ? 164 ARG A N   1 
ATOM   889  C CA  . ARG A 1 164 ? -12.25172 0.61468   -5.56149  1.000 21.22206 ? 164 ARG A CA  1 
ATOM   890  C C   . ARG A 1 164 ? -12.92031 1.97142   -5.72003  1.000 25.22063 ? 164 ARG A C   1 
ATOM   891  O O   . ARG A 1 164 ? -12.79339 2.59049   -6.78110  1.000 27.72233 ? 164 ARG A O   1 
ATOM   892  C CB  . ARG A 1 164 ? -13.05314 -0.42171  -6.35466  1.000 24.20915 ? 164 ARG A CB  1 
ATOM   893  C CG  . ARG A 1 164 ? -12.47675 -1.81897  -6.33421  1.000 21.86988 ? 164 ARG A CG  1 
ATOM   894  C CD  . ARG A 1 164 ? -11.27291 -1.92762  -7.25519  1.000 25.05070 ? 164 ARG A CD  1 
ATOM   895  N NE  . ARG A 1 164 ? -11.05063 -3.30213  -7.68617  1.000 24.59008 ? 164 ARG A NE  1 
ATOM   896  C CZ  . ARG A 1 164 ? -9.96441  -3.71018  -8.33289  1.000 28.50323 ? 164 ARG A CZ  1 
ATOM   897  N NH1 . ARG A 1 164 ? -8.99930  -2.84355  -8.61674  1.000 23.49941 ? 164 ARG A NH1 1 
ATOM   898  N NH2 . ARG A 1 164 ? -9.84002  -4.98346  -8.68794  1.000 26.59424 ? 164 ARG A NH2 1 
ATOM   899  N N   . VAL A 1 165 ? -13.63240 2.43699   -4.69816  1.000 25.79811 ? 165 VAL A N   1 
ATOM   900  C CA  . VAL A 1 165 ? -14.34269 3.70945   -4.74608  1.000 27.89267 ? 165 VAL A CA  1 
ATOM   901  C C   . VAL A 1 165 ? -13.34837 4.80775   -4.39120  1.000 28.83085 ? 165 VAL A C   1 
ATOM   902  O O   . VAL A 1 165 ? -12.84076 4.85578   -3.26776  1.000 31.44135 ? 165 VAL A O   1 
ATOM   903  C CB  . VAL A 1 165 ? -15.54192 3.71865   -3.78868  1.000 31.19475 ? 165 VAL A CB  1 
ATOM   904  C CG1 . VAL A 1 165 ? -16.25135 5.06409   -3.83353  1.000 26.01856 ? 165 VAL A CG1 1 
ATOM   905  C CG2 . VAL A 1 165 ? -16.50110 2.58527   -4.11649  1.000 30.54277 ? 165 VAL A CG2 1 
ATOM   906  N N   . LYS A 1 166 ? -13.06639 5.68847   -5.34100  1.000 30.09197 ? 166 LYS A N   1 
ATOM   907  C CA  . LYS A 1 166 ? -12.20388 6.82705   -5.04946  1.000 28.79303 ? 166 LYS A CA  1 
ATOM   908  C C   . LYS A 1 166 ? -12.93143 7.78279   -4.11288  1.000 37.71230 ? 166 LYS A C   1 
ATOM   909  O O   . LYS A 1 166 ? -14.00289 8.28859   -4.47207  1.000 30.30415 ? 166 LYS A O   1 
ATOM   910  C CB  . LYS A 1 166 ? -11.79983 7.54545   -6.32871  1.000 31.87448 ? 166 LYS A CB  1 
ATOM   911  C CG  . LYS A 1 166 ? -10.85251 8.70966   -6.09709  1.000 30.68265 ? 166 LYS A CG  1 
ATOM   912  C CD  . LYS A 1 166 ? -10.74669 9.58901   -7.33262  1.000 36.15080 ? 166 LYS A CD  1 
ATOM   913  C CE  . LYS A 1 166 ? -9.29478  9.84266   -7.70206  1.000 41.45568 ? 166 LYS A CE  1 
ATOM   914  N NZ  . LYS A 1 166 ? -8.85489  11.20273  -7.28259  1.000 42.31824 ? 166 LYS A NZ  1 
ATOM   915  N N   . PRO A 1 167 ? -12.40985 8.04939   -2.91774  1.000 34.88799 ? 167 PRO A N   1 
ATOM   916  C CA  . PRO A 1 167 ? -13.10085 8.96120   -2.00173  1.000 35.44613 ? 167 PRO A CA  1 
ATOM   917  C C   . PRO A 1 167 ? -13.09987 10.38775  -2.53099  1.000 37.69323 ? 167 PRO A C   1 
ATOM   918  O O   . PRO A 1 167 ? -12.24280 10.79277  -3.32024  1.000 27.49700 ? 167 PRO A O   1 
ATOM   919  C CB  . PRO A 1 167 ? -12.29001 8.84546   -0.70576  1.000 37.59919 ? 167 PRO A CB  1 
ATOM   920  C CG  . PRO A 1 167 ? -10.92458 8.45718   -1.16238  1.000 36.03535 ? 167 PRO A CG  1 
ATOM   921  C CD  . PRO A 1 167 ? -11.13021 7.57225   -2.36572  1.000 37.18011 ? 167 PRO A CD  1 
ATOM   922  N N   . SER A 1 168 ? -14.09677 11.15095  -2.09085  1.000 40.86468 ? 168 SER A N   1 
ATOM   923  C CA  . SER A 1 168 ? -14.15977 12.55877  -2.44719  1.000 36.18704 ? 168 SER A CA  1 
ATOM   924  C C   . SER A 1 168 ? -13.05100 13.33428  -1.73950  1.000 38.52625 ? 168 SER A C   1 
ATOM   925  O O   . SER A 1 168 ? -12.52760 12.91936  -0.70197  1.000 36.06290 ? 168 SER A O   1 
ATOM   926  C CB  . SER A 1 168 ? -15.52619 13.14750  -2.08843  1.000 38.18503 ? 168 SER A CB  1 
ATOM   927  O OG  . SER A 1 168 ? -15.71378 13.19986  -0.68337  1.000 38.18576 ? 168 SER A OG  1 
ATOM   928  N N   . ALA A 1 169 ? -12.68512 14.47660  -2.32584  1.000 40.25509 ? 169 ALA A N   1 
ATOM   929  C CA  . ALA A 1 169 ? -11.69100 15.33809  -1.69460  1.000 36.36780 ? 169 ALA A CA  1 
ATOM   930  C C   . ALA A 1 169 ? -12.15933 15.81443  -0.32690  1.000 40.18839 ? 169 ALA A C   1 
ATOM   931  O O   . ALA A 1 169 ? -11.34110 15.99768  0.58394   1.000 38.70776 ? 169 ALA A O   1 
ATOM   932  C CB  . ALA A 1 169 ? -11.37900 16.53104  -2.59684  1.000 39.50568 ? 169 ALA A CB  1 
ATOM   933  N N   . ALA A 1 170 ? -13.46869 16.01765  -0.16438  1.000 38.70252 ? 170 ALA A N   1 
ATOM   934  C CA  . ALA A 1 170 ? -14.00855 16.36373  1.14611   1.000 41.88426 ? 170 ALA A CA  1 
ATOM   935  C C   . ALA A 1 170 ? -13.80161 15.22964  2.14054   1.000 39.81867 ? 170 ALA A C   1 
ATOM   936  O O   . ALA A 1 170 ? -13.45850 15.46805  3.30468   1.000 38.34051 ? 170 ALA A O   1 
ATOM   937  C CB  . ALA A 1 170 ? -15.49297 16.70951  1.02797   1.000 34.44938 ? 170 ALA A CB  1 
ATOM   938  N N   . ASP A 1 171 ? -14.00398 13.98567  1.70011   1.000 40.57079 ? 171 ASP A N   1 
ATOM   939  C CA  . ASP A 1 171 ? -13.78594 12.85088  2.58980   1.000 42.80927 ? 171 ASP A CA  1 
ATOM   940  C C   . ASP A 1 171 ? -12.30939 12.66850  2.91311   1.000 37.97536 ? 171 ASP A C   1 
ATOM   941  O O   . ASP A 1 171 ? -11.96894 12.25061  4.02576   1.000 33.22607 ? 171 ASP A O   1 
ATOM   942  C CB  . ASP A 1 171 ? -14.36097 11.57664  1.97027   1.000 46.73162 ? 171 ASP A CB  1 
ATOM   943  C CG  . ASP A 1 171 ? -15.87929 11.57047  1.95636   1.000 50.69474 ? 171 ASP A CG  1 
ATOM   944  O OD1 . ASP A 1 171 ? -16.48360 12.48530  2.55522   1.000 54.69259 ? 171 ASP A OD1 1 
ATOM   945  O OD2 . ASP A 1 171 ? -16.46869 10.65263  1.34800   1.000 54.11980 ? 171 ASP A OD2 1 
ATOM   946  N N   . VAL A 1 172 ? -11.42286 12.97799  1.96412   1.000 30.40345 ? 172 VAL A N   1 
ATOM   947  C CA  . VAL A 1 172 ? -9.99151  12.85535  2.22281   1.000 31.72096 ? 172 VAL A CA  1 
ATOM   948  C C   . VAL A 1 172 ? -9.55270  13.86702  3.27209   1.000 29.49463 ? 172 VAL A C   1 
ATOM   949  O O   . VAL A 1 172 ? -8.74383  13.55633  4.15451   1.000 25.79821 ? 172 VAL A O   1 
ATOM   950  C CB  . VAL A 1 172 ? -9.19741  13.01323  0.91279   1.000 35.36771 ? 172 VAL A CB  1 
ATOM   951  C CG1 . VAL A 1 172 ? -7.72237  13.27040  1.20265   1.000 29.47593 ? 172 VAL A CG1 1 
ATOM   952  C CG2 . VAL A 1 172 ? -9.35889  11.77544  0.04155   1.000 32.86966 ? 172 VAL A CG2 1 
ATOM   953  N N   . GLU A 1 173 ? -10.09342 15.08596  3.20648   1.000 30.24228 ? 173 GLU A N   1 
ATOM   954  C CA  . GLU A 1 173 ? -9.71418  16.12059  4.16400   1.000 32.92008 ? 173 GLU A CA  1 
ATOM   955  C C   . GLU A 1 173 ? -10.22023 15.80363  5.56824   1.000 28.91610 ? 173 GLU A C   1 
ATOM   956  O O   . GLU A 1 173 ? -9.48733  15.98153  6.54874   1.000 29.31351 ? 173 GLU A O   1 
ATOM   957  C CB  . GLU A 1 173 ? -10.23612 17.47974  3.69844   1.000 41.93651 ? 173 GLU A CB  1 
ATOM   958  C CG  . GLU A 1 173 ? -9.90080  18.62204  4.64152   1.000 42.02798 ? 173 GLU A CG  1 
ATOM   959  C CD  . GLU A 1 173 ? -10.45039 19.95163  4.16720   1.000 41.63593 ? 173 GLU A CD  1 
ATOM   960  O OE1 . GLU A 1 173 ? -10.82520 20.78224  5.02240   1.000 39.65282 ? 173 GLU A OE1 1 
ATOM   961  O OE2 . GLU A 1 173 ? -10.50317 20.16528  2.93673   1.000 49.78874 ? 173 GLU A OE2 1 
ATOM   962  N N   . LYS A 1 174 ? -11.47171 15.35039  5.69342   1.000 25.74414 ? 174 LYS A N   1 
ATOM   963  C CA  . LYS A 1 174 ? -11.97980 14.97824  7.01182   1.000 33.04589 ? 174 LYS A CA  1 
ATOM   964  C C   . LYS A 1 174 ? -11.18314 13.81988  7.59743   1.000 34.43863 ? 174 LYS A C   1 
ATOM   965  O O   . LYS A 1 174 ? -10.85328 13.82082  8.79074   1.000 31.21677 ? 174 LYS A O   1 
ATOM   966  C CB  . LYS A 1 174 ? -13.46453 14.61569  6.93480   1.000 40.48083 ? 174 LYS A CB  1 
ATOM   967  C CG  . LYS A 1 174 ? -14.37044 15.72747  6.42052   1.000 54.26274 ? 174 LYS A CG  1 
ATOM   968  C CD  . LYS A 1 174 ? -15.78812 15.21153  6.19147   1.000 56.95929 ? 174 LYS A CD  1 
ATOM   969  C CE  . LYS A 1 174 ? -16.82023 15.96909  7.02283   1.000 66.54660 ? 174 LYS A CE  1 
ATOM   970  N NZ  . LYS A 1 174 ? -16.37039 17.33807  7.40549   1.000 64.64180 ? 174 LYS A NZ  1 
ATOM   971  N N   . ALA A 1 175 ? -10.85301 12.82777  6.76651   1.000 25.75601 ? 175 ALA A N   1 
ATOM   972  C CA  . ALA A 1 175 ? -10.10920 11.66856  7.25088   1.000 32.43363 ? 175 ALA A CA  1 
ATOM   973  C C   . ALA A 1 175 ? -8.69914  12.05257  7.68236   1.000 32.02416 ? 175 ALA A C   1 
ATOM   974  O O   . ALA A 1 175 ? -8.22656  11.61474  8.73790   1.000 31.59658 ? 175 ALA A O   1 
ATOM   975  C CB  . ALA A 1 175 ? -10.06430 10.58459  6.17262   1.000 29.05726 ? 175 ALA A CB  1 
ATOM   976  N N   . ARG A 1 176 ? -8.00941  12.86726  6.87948   1.000 36.03868 ? 176 ARG A N   1 
ATOM   977  C CA  . ARG A 1 176 ? -6.66308  13.29346  7.24790   1.000 37.02636 ? 176 ARG A CA  1 
ATOM   978  C C   . ARG A 1 176 ? -6.67605  14.17419  8.48877   1.000 35.82510 ? 176 ARG A C   1 
ATOM   979  O O   . ARG A 1 176 ? -5.70073  14.18608  9.25010   1.000 26.47812 ? 176 ARG A O   1 
ATOM   980  C CB  . ARG A 1 176 ? -6.00766  14.03196  6.08257   1.000 37.77441 ? 176 ARG A CB  1 
ATOM   981  C CG  . ARG A 1 176 ? -5.61454  13.13687  4.92436   1.000 35.52268 ? 176 ARG A CG  1 
ATOM   982  C CD  . ARG A 1 176 ? -5.01352  13.95040  3.78721   1.000 40.01380 ? 176 ARG A CD  1 
ATOM   983  N NE  . ARG A 1 176 ? -3.61623  14.28048  4.04221   1.000 34.07998 ? 176 ARG A NE  1 
ATOM   984  C CZ  . ARG A 1 176 ? -2.60250  13.44263  3.84714   1.000 48.06220 ? 176 ARG A CZ  1 
ATOM   985  N NH1 . ARG A 1 176 ? -2.82692  12.21578  3.39120   1.000 41.00857 ? 176 ARG A NH1 1 
ATOM   986  N NH2 . ARG A 1 176 ? -1.36204  13.83141  4.10982   1.000 44.72678 ? 176 ARG A NH2 1 
ATOM   987  N N   . GLN A 1 177 ? -7.76724  14.90988  8.71412   1.000 31.55399 ? 177 GLN A N   1 
ATOM   988  C CA  . GLN A 1 177 ? -7.83721  15.75723  9.89775   1.000 36.35097 ? 177 GLN A CA  1 
ATOM   989  C C   . GLN A 1 177 ? -7.98911  14.93112  11.16652  1.000 32.27410 ? 177 GLN A C   1 
ATOM   990  O O   . GLN A 1 177 ? -7.39327  15.26669  12.19486  1.000 34.49549 ? 177 GLN A O   1 
ATOM   991  C CB  . GLN A 1 177 ? -8.98403  16.76054  9.76871   1.000 36.36394 ? 177 GLN A CB  1 
ATOM   992  C CG  . GLN A 1 177 ? -9.07654  17.73924  10.93871  1.000 31.75256 ? 177 GLN A CG  1 
ATOM   993  C CD  . GLN A 1 177 ? -7.79516  18.54016  11.13085  1.000 43.22900 ? 177 GLN A CD  1 
ATOM   994  O OE1 . GLN A 1 177 ? -7.62164  19.60285  10.53271  1.000 42.38557 ? 177 GLN A OE1 1 
ATOM   995  N NE2 . GLN A 1 177 ? -6.88719  18.02834  11.96678  1.000 38.49953 ? 177 GLN A NE2 1 
ATOM   996  N N   . LEU A 1 178 ? -8.77975  13.85593  11.11964  1.000 31.21505 ? 178 LEU A N   1 
ATOM   997  C CA  . LEU A 1 178 ? -8.82517  12.92411  12.24044  1.000 27.05667 ? 178 LEU A CA  1 
ATOM   998  C C   . LEU A 1 178 ? -7.48083  12.24408  12.46965  1.000 33.54218 ? 178 LEU A C   1 
ATOM   999  O O   . LEU A 1 178 ? -7.19998  11.80912  13.59163  1.000 24.87702 ? 178 LEU A O   1 
ATOM   1000 C CB  . LEU A 1 178 ? -9.90683  11.86629  12.00786  1.000 34.33398 ? 178 LEU A CB  1 
ATOM   1001 C CG  . LEU A 1 178 ? -11.37266 12.31356  12.00138  1.000 41.68329 ? 178 LEU A CG  1 
ATOM   1002 C CD1 . LEU A 1 178 ? -12.29304 11.10792  11.84806  1.000 44.68189 ? 178 LEU A CD1 1 
ATOM   1003 C CD2 . LEU A 1 178 ? -11.71042 13.09273  13.26189  1.000 36.06759 ? 178 LEU A CD2 1 
ATOM   1004 N N   . GLY A 1 179 ? -6.64867  12.14290  11.43617  1.000 34.88576 ? 179 GLY A N   1 
ATOM   1005 C CA  . GLY A 1 179 ? -5.34192  11.53634  11.57411  1.000 29.23977 ? 179 GLY A CA  1 
ATOM   1006 C C   . GLY A 1 179 ? -4.85654  10.87217  10.30472  1.000 30.83174 ? 179 GLY A C   1 
ATOM   1007 O O   . GLY A 1 179 ? -5.61551  10.17191  9.62322   1.000 27.94189 ? 179 GLY A O   1 
ATOM   1008 N N   . VAL A 1 180 ? -3.59052  11.08896  9.96887   1.000 24.45394 ? 180 VAL A N   1 
ATOM   1009 C CA  . VAL A 1 180 ? -2.98171  10.43647  8.81620   1.000 28.36451 ? 180 VAL A CA  1 
ATOM   1010 C C   . VAL A 1 180 ? -2.33888  9.14576   9.31141   1.000 30.51979 ? 180 VAL A C   1 
ATOM   1011 O O   . VAL A 1 180 ? -1.29057  9.16769   9.96556   1.000 24.90074 ? 180 VAL A O   1 
ATOM   1012 C CB  . VAL A 1 180 ? -1.97102  11.34924  8.11142   1.000 28.64579 ? 180 VAL A CB  1 
ATOM   1013 C CG1 . VAL A 1 180 ? -1.35843  10.64579  6.90574   1.000 32.68132 ? 180 VAL A CG1 1 
ATOM   1014 C CG2 . VAL A 1 180 ? -2.65181  12.64333  7.67075   1.000 27.60189 ? 180 VAL A CG2 1 
ATOM   1015 N N   . THR A 1 181 ? -2.98077  8.01760   9.00370   1.000 26.88037 ? 181 THR A N   1 
ATOM   1016 C CA  . THR A 1 181 ? -2.60906  6.71668   9.54274   1.000 30.96818 ? 181 THR A CA  1 
ATOM   1017 C C   . THR A 1 181 ? -1.88170  5.83311   8.53756   1.000 32.18496 ? 181 THR A C   1 
ATOM   1018 O O   . THR A 1 181 ? -1.50546  4.70976   8.88123   1.000 27.69424 ? 181 THR A O   1 
ATOM   1019 C CB  . THR A 1 181 ? -3.85517  5.98773   10.06142  1.000 29.60536 ? 181 THR A CB  1 
ATOM   1020 O OG1 . THR A 1 181 ? -4.81604  5.88227   9.00764   1.000 18.25858 ? 181 THR A OG1 1 
ATOM   1021 C CG2 . THR A 1 181 ? -4.47711  6.74961   11.22910  1.000 29.88304 ? 181 THR A CG2 1 
ATOM   1022 N N   . SER A 1 182 ? -1.70186  6.29484   7.30803   1.000 27.71774 ? 182 SER A N   1 
ATOM   1023 C CA  . SER A 1 182 ? -0.86069  5.62895   6.32501   1.000 30.25120 ? 182 SER A CA  1 
ATOM   1024 C C   . SER A 1 182 ? 0.50323   6.30633   6.29118   1.000 35.92605 ? 182 SER A C   1 
ATOM   1025 O O   . SER A 1 182 ? 0.64559   7.47357   6.66874   1.000 32.43449 ? 182 SER A O   1 
ATOM   1026 C CB  . SER A 1 182 ? -1.50523  5.65837   4.93349   1.000 28.22705 ? 182 SER A CB  1 
ATOM   1027 O OG  . SER A 1 182 ? -1.55209  6.99418   4.44538   1.000 35.57572 ? 182 SER A OG  1 
ATOM   1028 N N   . ALA A 1 183 ? 1.51487   5.54484   5.86372   1.000 40.84457 ? 183 ALA A N   1 
ATOM   1029 C CA  . ALA A 1 183 ? 2.89042   6.03262   5.90172   1.000 40.82104 ? 183 ALA A CA  1 
ATOM   1030 C C   . ALA A 1 183 ? 3.06353   7.25714   5.02654   1.000 45.61456 ? 183 ALA A C   1 
ATOM   1031 O O   . ALA A 1 183 ? 2.67143   7.25914   3.85846   1.000 49.44962 ? 183 ALA A O   1 
ATOM   1032 C CB  . ALA A 1 183 ? 3.86847   4.93598   5.47439   1.000 36.44790 ? 183 ALA A CB  1 
ATOM   1033 N N   . ASN A 1 184 ? 3.63919   8.30212   5.61932   1.000 42.89440 ? 184 ASN A N   1 
ATOM   1034 C CA  . ASN A 1 184 ? 3.91936   9.55513   4.91845   1.000 48.50468 ? 184 ASN A CA  1 
ATOM   1035 C C   . ASN A 1 184 ? 5.33863   10.00420  5.23478   1.000 49.23215 ? 184 ASN A C   1 
ATOM   1036 O O   . ASN A 1 184 ? 5.54664   11.08189  5.81344   1.000 52.36125 ? 184 ASN A O   1 
ATOM   1037 C CB  . ASN A 1 184 ? 2.88461   10.60399  5.31995   1.000 51.58683 ? 184 ASN A CB  1 
ATOM   1038 C CG  . ASN A 1 184 ? 3.01890   11.90615  4.52763   1.000 67.27662 ? 184 ASN A CG  1 
ATOM   1039 O OD1 . ASN A 1 184 ? 2.80664   11.92922  3.31012   1.000 61.75908 ? 184 ASN A OD1 1 
ATOM   1040 N ND2 . ASN A 1 184 ? 3.35766   12.99373  5.21710   1.000 65.44670 ? 184 ASN A ND2 1 
ATOM   1041 N N   . PRO A 1 185 ? 6.35074   9.20331   4.89267   1.000 46.34986 ? 185 PRO A N   1 
ATOM   1042 C CA  . PRO A 1 185 ? 7.71334   9.52261   5.30179   1.000 50.97291 ? 185 PRO A CA  1 
ATOM   1043 C C   . PRO A 1 185 ? 8.24834   10.73670  4.56729   1.000 52.95156 ? 185 PRO A C   1 
ATOM   1044 O O   . PRO A 1 185 ? 8.13998   10.82639  3.33963   1.000 49.89049 ? 185 PRO A O   1 
ATOM   1045 C CB  . PRO A 1 185 ? 8.50964   8.25856   4.95547   1.000 43.88503 ? 185 PRO A CB  1 
ATOM   1046 C CG  . PRO A 1 185 ? 7.75757   7.65236   3.84426   1.000 35.35456 ? 185 PRO A CG  1 
ATOM   1047 C CD  . PRO A 1 185 ? 6.30114   7.95310   4.09811   1.000 34.89988 ? 185 PRO A CD  1 
ATOM   1048 N N   . PRO A 1 186 ? 8.80065   11.70780  5.28307   1.000 67.92073 ? 186 PRO A N   1 
ATOM   1049 C CA  . PRO A 1 186 ? 9.29018   12.93410  4.64702   1.000 67.18531 ? 186 PRO A CA  1 
ATOM   1050 C C   . PRO A 1 186 ? 10.67841  12.72524  4.04705   1.000 66.88516 ? 186 PRO A C   1 
ATOM   1051 O O   . PRO A 1 186 ? 11.30489  11.67892  4.21669   1.000 60.93255 ? 186 PRO A O   1 
ATOM   1052 C CB  . PRO A 1 186 ? 9.32252   13.92224  5.81426   1.000 66.17199 ? 186 PRO A CB  1 
ATOM   1053 C CG  . PRO A 1 186 ? 9.65575   13.06441  6.98910   1.000 56.04496 ? 186 PRO A CG  1 
ATOM   1054 C CD  . PRO A 1 186 ? 8.85749   11.79597  6.75630   1.000 56.69895 ? 186 PRO A CD  1 
ATOM   1055 N N   . ALA A 1 187 ? 11.14213  13.75751  3.34360   1.000 67.62576 ? 187 ALA A N   1 
ATOM   1056 C CA  . ALA A 1 187 ? 12.49648  13.85907  2.78694   1.000 56.37270 ? 187 ALA A CA  1 
ATOM   1057 C C   . ALA A 1 187 ? 13.08917  12.53803  2.30396   1.000 55.53211 ? 187 ALA A C   1 
ATOM   1058 O O   . ALA A 1 187 ? 14.02683  12.01342  2.90961   1.000 65.22044 ? 187 ALA A O   1 
ATOM   1059 C CB  . ALA A 1 187 ? 13.43082  14.49282  3.81080   1.000 54.64304 ? 187 ALA A CB  1 
HETATM 1060 O O   . HOH B 2 .   ? -10.30532 11.78363  -3.57845  1.000 38.63169 ? 201 HOH A O   1 
HETATM 1061 O O   . HOH B 2 .   ? -15.89602 10.11149  -0.75738  1.000 48.07399 ? 202 HOH A O   1 
HETATM 1062 O O   . HOH B 2 .   ? 19.55175  -6.67939  15.83522  1.000 62.55894 ? 203 HOH A O   1 
HETATM 1063 O O   . HOH B 2 .   ? 0.47011   5.39031   1.89511   1.000 37.92819 ? 204 HOH A O   1 
HETATM 1064 O O   . HOH B 2 .   ? -0.89712  2.34132   3.33955   1.000 21.93850 ? 205 HOH A O   1 
HETATM 1065 O O   . HOH B 2 .   ? -13.23199 7.98631   5.23151   1.000 32.00344 ? 206 HOH A O   1 
HETATM 1066 O O   . HOH B 2 .   ? -4.31885  4.06917   7.24573   1.000 22.61697 ? 207 HOH A O   1 
HETATM 1067 O O   . HOH B 2 .   ? 9.98069   0.71384   -4.86273  1.000 19.03927 ? 208 HOH A O   1 
HETATM 1068 O O   . HOH B 2 .   ? 11.56670  -1.08249  15.75722  1.000 28.18096 ? 209 HOH A O   1 
HETATM 1069 O O   . HOH B 2 .   ? -7.93386  -18.86378 1.05105   1.000 24.70865 ? 210 HOH A O   1 
HETATM 1070 O O   . HOH B 2 .   ? 10.13803  -3.26640  4.86590   1.000 21.66049 ? 211 HOH A O   1 
HETATM 1071 O O   . HOH B 2 .   ? 3.92910   2.61785   3.54924   1.000 43.31485 ? 212 HOH A O   1 
HETATM 1072 O O   . HOH B 2 .   ? 11.30503  9.68341   6.46161   1.000 39.04478 ? 213 HOH A O   1 
HETATM 1073 O O   . HOH B 2 .   ? 7.40893   -7.99733  -2.38112  0.50  22.94009 ? 214 HOH A O   1 
HETATM 1074 O O   . HOH B 2 .   ? -10.87814 -14.87674 -2.58059  1.000 29.97329 ? 215 HOH A O   1 
HETATM 1075 O O   . HOH B 2 .   ? 6.84115   -12.59386 -8.21128  1.000 26.05107 ? 216 HOH A O   1 
HETATM 1076 O O   . HOH B 2 .   ? 17.15758  9.28771   -5.43428  1.000 35.29958 ? 217 HOH A O   1 
HETATM 1077 O O   . HOH B 2 .   ? -11.90960 15.62947  10.50307  1.000 45.29325 ? 218 HOH A O   1 
HETATM 1078 O O   . HOH B 2 .   ? 18.62107  5.67063   7.26713   1.000 24.41908 ? 219 HOH A O   1 
HETATM 1079 O O   . HOH B 2 .   ? -7.03873  -3.23754  7.98828   1.000 22.02431 ? 220 HOH A O   1 
HETATM 1080 O O   . HOH B 2 .   ? -7.46129  6.39947   9.38993   1.000 33.82763 ? 221 HOH A O   1 
HETATM 1081 O O   . HOH B 2 .   ? 0.20353   -18.25464 -5.39870  1.000 18.85273 ? 222 HOH A O   1 
HETATM 1082 O O   . HOH B 2 .   ? -2.06473  3.10535   11.04520  1.000 25.03944 ? 223 HOH A O   1 
HETATM 1083 O O   . HOH B 2 .   ? 5.63896   11.07337  2.19370   1.000 44.57213 ? 224 HOH A O   1 
HETATM 1084 O O   . HOH B 2 .   ? -14.97194 -1.32736  -3.61510  1.000 23.58194 ? 225 HOH A O   1 
HETATM 1085 O O   . HOH B 2 .   ? 0.16719   11.50930  2.59859   1.000 45.99416 ? 226 HOH A O   1 
HETATM 1086 O O   . HOH B 2 .   ? -10.36191 2.75140   1.96276   1.000 28.29203 ? 227 HOH A O   1 
HETATM 1087 O O   . HOH B 2 .   ? 1.22018   2.86926   5.21261   1.000 22.64654 ? 228 HOH A O   1 
HETATM 1088 O O   . HOH B 2 .   ? -8.10419  9.00322   10.02149  1.000 34.62720 ? 229 HOH A O   1 
HETATM 1089 O O   . HOH B 2 .   ? 6.31438   -1.05841  -11.81693 1.000 27.76883 ? 230 HOH A O   1 
HETATM 1090 O O   . HOH B 2 .   ? 20.48050  5.62592   13.20669  1.000 24.01967 ? 231 HOH A O   1 
HETATM 1091 O O   . HOH B 2 .   ? -11.16188 2.09024   6.61123   1.000 40.55698 ? 232 HOH A O   1 
HETATM 1092 O O   . HOH B 2 .   ? -12.83898 -17.26048 -2.62608  1.000 37.33047 ? 233 HOH A O   1 
HETATM 1093 O O   . HOH B 2 .   ? -5.71388  -16.90457 0.48407   1.000 22.55530 ? 234 HOH A O   1 
HETATM 1094 O O   . HOH B 2 .   ? -3.48692  -1.03956  -13.85028 1.000 27.56069 ? 235 HOH A O   1 
HETATM 1095 O O   . HOH B 2 .   ? 18.03324  10.56341  -10.18542 1.000 33.61927 ? 236 HOH A O   1 
HETATM 1096 O O   . HOH B 2 .   ? -7.50123  4.82561   4.61638   1.000 28.55269 ? 237 HOH A O   1 
HETATM 1097 O O   . HOH B 2 .   ? -13.95197 5.73509   -0.81410  1.000 31.57298 ? 238 HOH A O   1 
HETATM 1098 O O   . HOH B 2 .   ? -5.90307  -16.90863 -9.54454  1.000 36.04571 ? 239 HOH A O   1 
HETATM 1099 O O   . HOH B 2 .   ? 10.70372  3.58786   -7.13526  1.000 26.16761 ? 240 HOH A O   1 
HETATM 1100 O O   . HOH B 2 .   ? -6.38335  -15.25159 -6.64914  1.000 34.72562 ? 241 HOH A O   1 
HETATM 1101 O O   . HOH B 2 .   ? 0.12346   4.17946   -8.06907  1.000 34.68633 ? 242 HOH A O   1 
HETATM 1102 O O   . HOH B 2 .   ? 21.90338  7.11578   18.46173  1.000 44.83478 ? 243 HOH A O   1 
HETATM 1103 O O   . HOH B 2 .   ? 20.44507  2.62612   22.21455  1.000 27.58093 ? 244 HOH A O   1 
HETATM 1104 O O   . HOH B 2 .   ? 12.33788  -5.04229  11.65471  1.000 23.80462 ? 245 HOH A O   1 
HETATM 1105 O O   . HOH B 2 .   ? 9.56233   10.76289  0.85841   1.000 43.00479 ? 246 HOH A O   1 
HETATM 1106 O O   . HOH B 2 .   ? -10.98688 1.62896   -8.80063  1.000 18.99229 ? 247 HOH A O   1 
HETATM 1107 O O   . HOH B 2 .   ? 14.92244  -3.46234  11.30348  1.000 27.35999 ? 248 HOH A O   1 
HETATM 1108 O O   . HOH B 2 .   ? -8.71042  16.89532  -0.22748  1.000 37.82347 ? 249 HOH A O   1 
HETATM 1109 O O   . HOH B 2 .   ? -13.68191 10.56270  5.64313   1.000 28.93049 ? 250 HOH A O   1 
HETATM 1110 O O   . HOH B 2 .   ? -8.05643  -13.67372 -6.17535  1.000 33.90421 ? 251 HOH A O   1 
HETATM 1111 O O   . HOH B 2 .   ? 13.48029  2.08092   -5.38628  1.000 25.49783 ? 252 HOH A O   1 
HETATM 1112 O O   . HOH B 2 .   ? 18.70658  5.08202   20.67117  1.000 33.48264 ? 253 HOH A O   1 
HETATM 1113 O O   . HOH B 2 .   ? -7.11346  7.96074   -10.20256 1.000 28.77516 ? 254 HOH A O   1 
HETATM 1114 O O   . HOH B 2 .   ? 19.94049  8.64266   -1.55928  1.000 40.22219 ? 255 HOH A O   1 
HETATM 1115 O O   . HOH B 2 .   ? -3.49369  16.11718  9.46552   1.000 31.17615 ? 256 HOH A O   1 
HETATM 1116 O O   . HOH B 2 .   ? 14.81842  3.66547   0.43312   1.000 25.28010 ? 257 HOH A O   1 
HETATM 1117 O O   . HOH B 2 .   ? 4.02350   -0.99424  -14.09111 1.000 38.64318 ? 258 HOH A O   1 
HETATM 1118 O O   . HOH B 2 .   ? -8.32625  -9.84098  7.95234   1.000 33.33983 ? 259 HOH A O   1 
HETATM 1119 O O   . HOH B 2 .   ? 22.41876  -1.38022  12.63468  1.000 27.77425 ? 260 HOH A O   1 
HETATM 1120 O O   . HOH B 2 .   ? -2.13694  -6.89151  -17.41725 1.000 32.96015 ? 261 HOH A O   1 
HETATM 1121 O O   . HOH B 2 .   ? 10.98638  9.12586   -0.58123  1.000 36.14553 ? 262 HOH A O   1 
HETATM 1122 O O   . HOH B 2 .   ? -12.65700 -2.63512  5.19473   1.000 36.89000 ? 263 HOH A O   1 
HETATM 1123 O O   . HOH B 2 .   ? -7.40192  -24.36033 -3.79502  1.000 36.16141 ? 264 HOH A O   1 
HETATM 1124 O O   . HOH B 2 .   ? -15.46890 16.96899  -2.25327  1.000 40.90903 ? 265 HOH A O   1 
HETATM 1125 O O   . HOH B 2 .   ? -16.93380 8.73580   -3.75359  1.000 39.28712 ? 266 HOH A O   1 
HETATM 1126 O O   . HOH B 2 .   ? -11.71941 -7.51994  -10.17039 1.000 44.20340 ? 267 HOH A O   1 
HETATM 1127 O O   . HOH B 2 .   ? 11.72807  7.48137   -10.56970 1.000 34.07708 ? 268 HOH A O   1 
HETATM 1128 O O   . HOH B 2 .   ? -8.08466  9.14218   12.30133  1.000 49.97369 ? 269 HOH A O   1 
HETATM 1129 O O   . HOH B 2 .   ? -5.77496  4.25774   13.69053  1.000 22.06451 ? 270 HOH A O   1 
HETATM 1130 O O   . HOH B 2 .   ? 15.48178  12.81677  -0.52367  1.000 36.23627 ? 271 HOH A O   1 
HETATM 1131 O O   . HOH B 2 .   ? 19.17291  9.57830   -7.34153  1.000 46.45327 ? 272 HOH A O   1 
HETATM 1132 O O   . HOH B 2 .   ? 5.37716   -16.72802 -10.34150 1.000 41.55890 ? 273 HOH A O   1 
HETATM 1133 O O   . HOH B 2 .   ? -2.08832  -9.36412  -15.95306 1.000 31.25197 ? 274 HOH A O   1 
HETATM 1134 O O   . HOH B 2 .   ? 24.50776  5.82453   17.11402  1.000 47.53219 ? 275 HOH A O   1 
HETATM 1135 O O   . HOH B 2 .   ? 13.07964  -3.37087  15.86793  1.000 42.98985 ? 276 HOH A O   1 
HETATM 1136 O O   . HOH B 2 .   ? -6.09218  -12.21794 -7.28636  1.000 41.04069 ? 277 HOH A O   1 
HETATM 1137 O O   . HOH B 2 .   ? -10.12025 -0.26462  -10.88082 0.50  27.42502 ? 278 HOH A O   1 
HETATM 1138 O O   . HOH B 2 .   ? 24.51179  -0.53841  11.18474  1.000 32.69100 ? 279 HOH A O   1 
HETATM 1139 O O   . HOH B 2 .   ? -12.58152 -4.70389  -10.96337 0.50  39.11634 ? 280 HOH A O   1 
HETATM 1140 O O   . HOH B 2 .   ? -15.99374 7.79956   -0.68980  1.000 47.84222 ? 281 HOH A O   1 
HETATM 1141 O O   . HOH B 2 .   ? -14.79268 -13.71582 -0.25786  1.000 46.40177 ? 282 HOH A O   1 
HETATM 1142 O O   . HOH B 2 .   ? 16.13815  5.74898   -8.68989  1.000 48.23457 ? 283 HOH A O   1 
HETATM 1143 O O   . HOH B 2 .   ? 14.39930  15.48104  -1.70719  1.000 49.00694 ? 284 HOH A O   1 
HETATM 1144 O O   . HOH B 2 .   ? -10.85071 8.91734   9.54379   1.000 35.43349 ? 285 HOH A O   1 
HETATM 1145 O O   . HOH B 2 .   ? -13.46815 10.29855  8.33122   1.000 34.57608 ? 286 HOH A O   1 
HETATM 1146 O O   . HOH B 2 .   ? -9.02398  4.86603   11.06238  1.000 29.64605 ? 287 HOH A O   1 
HETATM 1147 O O   . HOH B 2 .   ? -12.08582 18.09942  9.13359   1.000 46.15954 ? 288 HOH A O   1 
HETATM 1148 O O   . HOH B 2 .   ? -11.49086 7.09131   6.91795   1.000 36.90047 ? 289 HOH A O   1 
HETATM 1149 O O   . HOH B 2 .   ? -13.25941 -0.86876  3.89389   1.000 48.56995 ? 290 HOH A O   1 
HETATM 1150 O O   . HOH B 2 .   ? -11.55067 -3.22525  7.65112   1.000 34.74782 ? 291 HOH A O   1 
HETATM 1151 O O   . HOH B 2 .   ? 21.96433  7.64205   11.91077  1.000 42.72987 ? 292 HOH A O   1 
HETATM 1152 O O   . HOH B 2 .   ? -16.66285 12.09689  -5.94214  1.000 39.08200 ? 293 HOH A O   1 
HETATM 1153 O O   . HOH B 2 .   ? 8.11461   -2.75282  -12.19529 1.000 37.32896 ? 294 HOH A O   1 
HETATM 1154 O O   . HOH B 2 .   ? 9.94284   -5.49421  -10.76831 1.000 48.08464 ? 295 HOH A O   1 
HETATM 1155 O O   . HOH B 2 .   ? -17.39022 15.33056  -4.94590  1.000 46.87602 ? 296 HOH A O   1 
HETATM 1156 O O   . HOH B 2 .   ? -14.78020 -0.62788  7.06549   1.000 43.27594 ? 297 HOH A O   1 
# 
loop_
_pdbx_poly_seq_scheme.asym_id 
_pdbx_poly_seq_scheme.entity_id 
_pdbx_poly_seq_scheme.seq_id 
_pdbx_poly_seq_scheme.mon_id 
_pdbx_poly_seq_scheme.ndb_seq_num 
_pdbx_poly_seq_scheme.pdb_seq_num 
_pdbx_poly_seq_scheme.auth_seq_num 
_pdbx_poly_seq_scheme.pdb_mon_id 
_pdbx_poly_seq_scheme.auth_mon_id 
_pdbx_poly_seq_scheme.pdb_strand_id 
_pdbx_poly_seq_scheme.pdb_ins_code 
_pdbx_poly_seq_scheme.hetero 
A 1 1   MET 1   1   ?   ?   ?   A . n 
A 1 2   THR 2   2   ?   ?   ?   A . n 
A 1 3   ARG 3   3   ?   ?   ?   A . n 
A 1 4   VAL 4   4   ?   ?   ?   A . n 
A 1 5   ARG 5   5   ?   ?   ?   A . n 
A 1 6   GLN 6   6   ?   ?   ?   A . n 
A 1 7   ALA 7   7   ?   ?   ?   A . n 
A 1 8   LEU 8   8   ?   ?   ?   A . n 
A 1 9   VAL 9   9   ?   ?   ?   A . n 
A 1 10  ALA 10  10  ?   ?   ?   A . n 
A 1 11  LEU 11  11  ?   ?   ?   A . n 
A 1 12  CYS 12  12  ?   ?   ?   A . n 
A 1 13  ALA 13  13  ?   ?   ?   A . n 
A 1 14  LEU 14  14  ?   ?   ?   A . n 
A 1 15  SER 15  15  ?   ?   ?   A . n 
A 1 16  LEU 16  16  ?   ?   ?   A . n 
A 1 17  THR 17  17  ?   ?   ?   A . n 
A 1 18  PHE 18  18  ?   ?   ?   A . n 
A 1 19  VAL 19  19  ?   ?   ?   A . n 
A 1 20  THR 20  20  ?   ?   ?   A . n 
A 1 21  VAL 21  21  ?   ?   ?   A . n 
A 1 22  SER 22  22  ?   ?   ?   A . n 
A 1 23  ALA 23  23  ?   ?   ?   A . n 
A 1 24  SER 24  24  ?   ?   ?   A . n 
A 1 25  ALA 25  25  ?   ?   ?   A . n 
A 1 26  SER 26  26  ?   ?   ?   A . n 
A 1 27  ALA 27  27  ?   ?   ?   A . n 
A 1 28  ASP 28  28  ?   ?   ?   A . n 
A 1 29  PRO 29  29  ?   ?   ?   A . n 
A 1 30  ARG 30  30  ?   ?   ?   A . n 
A 1 31  GLU 31  31  ?   ?   ?   A . n 
A 1 32  THR 32  32  ?   ?   ?   A . n 
A 1 33  VAL 33  33  ?   ?   ?   A . n 
A 1 34  SER 34  34  ?   ?   ?   A . n 
A 1 35  ALA 35  35  ?   ?   ?   A . n 
A 1 36  ASP 36  36  ?   ?   ?   A . n 
A 1 37  ALA 37  37  ?   ?   ?   A . n 
A 1 38  ALA 38  38  ?   ?   ?   A . n 
A 1 39  GLU 39  39  ?   ?   ?   A . n 
A 1 40  THR 40  40  ?   ?   ?   A . n 
A 1 41  GLY 41  41  ?   ?   ?   A . n 
A 1 42  SER 42  42  ?   ?   ?   A . n 
A 1 43  ALA 43  43  ?   ?   ?   A . n 
A 1 44  THR 44  44  ?   ?   ?   A . n 
A 1 45  GLU 45  45  ?   ?   ?   A . n 
A 1 46  SER 46  46  ?   ?   ?   A . n 
A 1 47  ARG 47  47  ?   ?   ?   A . n 
A 1 48  PRO 48  48  48  PRO PRO A . n 
A 1 49  GLY 49  49  49  GLY GLY A . n 
A 1 50  ILE 50  50  50  ILE ILE A . n 
A 1 51  LEU 51  51  51  LEU LEU A . n 
A 1 52  GLY 52  52  52  GLY GLY A . n 
A 1 53  THR 53  53  53  THR THR A . n 
A 1 54  TRP 54  54  54  TRP TRP A . n 
A 1 55  TYR 55  55  55  TYR TYR A . n 
A 1 56  ASN 56  56  56  ASN ASN A . n 
A 1 57  GLN 57  57  57  GLN GLN A . n 
A 1 58  LEU 58  58  58  LEU LEU A . n 
A 1 59  GLY 59  59  59  GLY GLY A . n 
A 1 60  SER 60  60  60  SER SER A . n 
A 1 61  VAL 61  61  61  VAL VAL A . n 
A 1 62  MET 62  62  62  MET MET A . n 
A 1 63  VAL 63  63  63  VAL VAL A . n 
A 1 64  VAL 64  64  64  VAL VAL A . n 
A 1 65  THR 65  65  65  THR THR A . n 
A 1 66  ARG 66  66  66  ARG ARG A . n 
A 1 67  ALA 67  67  67  ALA ALA A . n 
A 1 68  ALA 68  68  68  ALA ALA A . n 
A 1 69  ASN 69  69  69  ASN ASN A . n 
A 1 70  GLY 70  70  70  GLY GLY A . n 
A 1 71  GLY 71  71  71  GLY GLY A . n 
A 1 72  PHE 72  72  72  PHE PHE A . n 
A 1 73  VAL 73  73  73  VAL VAL A . n 
A 1 74  GLY 74  74  74  GLY GLY A . n 
A 1 75  THR 75  75  75  THR THR A . n 
A 1 76  TYR 76  76  76  TYR TYR A . n 
A 1 77  GLU 77  77  77  GLU GLU A . n 
A 1 78  SER 78  78  78  SER SER A . n 
A 1 79  ALA 79  79  79  ALA ALA A . n 
A 1 80  VAL 80  80  80  VAL VAL A . n 
A 1 81  GLY 81  81  81  GLY GLY A . n 
A 1 82  ASN 82  82  82  ASN ASN A . n 
A 1 83  ALA 83  83  83  ALA ALA A . n 
A 1 84  GLU 84  84  84  GLU GLU A . n 
A 1 85  LYS 85  85  85  LYS LYS A . n 
A 1 86  ARG 86  86  86  ARG ARG A . n 
A 1 87  TYR 87  87  87  TYR TYR A . n 
A 1 88  VAL 88  88  88  VAL VAL A . n 
A 1 89  MET 89  89  89  MET MET A . n 
A 1 90  THR 90  90  90  THR THR A . n 
A 1 91  GLY 91  91  91  GLY GLY A . n 
A 1 92  ARG 92  92  92  ARG ARG A . n 
A 1 93  TYR 93  93  93  TYR TYR A . n 
A 1 94  ASP 94  94  94  ASP ASP A . n 
A 1 95  SER 95  95  95  SER SER A . n 
A 1 96  ALA 96  96  96  ALA ALA A . n 
A 1 97  PRO 97  97  97  PRO PRO A . n 
A 1 98  ALA 98  98  98  ALA ALA A . n 
A 1 99  ASP 99  99  99  ASP ASP A . n 
A 1 100 GLY 100 100 100 GLY GLY A . n 
A 1 101 THR 101 101 101 THR THR A . n 
A 1 102 GLY 102 102 102 GLY GLY A . n 
A 1 103 THR 103 103 103 THR THR A . n 
A 1 104 ALA 104 104 104 ALA ALA A . n 
A 1 105 VAL 105 105 105 VAL VAL A . n 
A 1 106 GLY 106 106 106 GLY GLY A . n 
A 1 107 TRP 107 107 107 TRP TRP A . n 
A 1 108 THR 108 108 108 THR THR A . n 
A 1 109 VAL 109 109 109 VAL VAL A . n 
A 1 110 ALA 110 110 110 ALA ALA A . n 
A 1 111 TYR 111 111 111 TYR TYR A . n 
A 1 112 ARG 112 112 112 ARG ARG A . n 
A 1 113 ASN 113 113 113 ASN ASN A . n 
A 1 114 ALA 114 114 114 ALA ALA A . n 
A 1 115 HIS 115 115 115 HIS HIS A . n 
A 1 116 ARG 116 116 116 ARG ARG A . n 
A 1 117 ASN 117 117 117 ASN ASN A . n 
A 1 118 ALA 118 118 118 ALA ALA A . n 
A 1 119 HIS 119 119 119 HIS HIS A . n 
A 1 120 SER 120 120 120 SER SER A . n 
A 1 121 VAL 121 121 121 VAL VAL A . n 
A 1 122 ALA 122 122 122 ALA ALA A . n 
A 1 123 THR 123 123 123 THR THR A . n 
A 1 124 TRP 124 124 124 TRP TRP A . n 
A 1 125 SER 125 125 125 SER SER A . n 
A 1 126 GLY 126 126 126 GLY GLY A . n 
A 1 127 GLN 127 127 127 GLN GLN A . n 
A 1 128 TYR 128 128 128 TYR TYR A . n 
A 1 129 VAL 129 129 129 VAL VAL A . n 
A 1 130 GLY 130 130 130 GLY GLY A . n 
A 1 131 GLY 131 131 131 GLY GLY A . n 
A 1 132 SER 132 132 132 SER SER A . n 
A 1 133 GLN 133 133 133 GLN GLN A . n 
A 1 134 GLU 134 134 134 GLU GLU A . n 
A 1 135 ARG 135 135 135 ARG ARG A . n 
A 1 136 ILE 136 136 136 ILE ILE A . n 
A 1 137 VAL 137 137 137 VAL VAL A . n 
A 1 138 THR 138 138 138 THR THR A . n 
A 1 139 GLN 139 139 139 GLN GLN A . n 
A 1 140 TRP 140 140 140 TRP TRP A . n 
A 1 141 LEU 141 141 141 LEU LEU A . n 
A 1 142 LEU 142 142 142 LEU LEU A . n 
A 1 143 SER 143 143 143 SER SER A . n 
A 1 144 TYR 144 144 144 TYR TYR A . n 
A 1 145 GLY 145 145 145 GLY GLY A . n 
A 1 146 THR 146 146 146 THR THR A . n 
A 1 147 THR 147 147 147 THR THR A . n 
A 1 148 PRO 148 148 148 PRO PRO A . n 
A 1 149 ALA 149 149 149 ALA ALA A . n 
A 1 150 ASP 150 150 150 ASP ASP A . n 
A 1 151 GLN 151 151 151 GLN GLN A . n 
A 1 152 TRP 152 152 152 TRP TRP A . n 
A 1 153 LYS 153 153 153 LYS LYS A . n 
A 1 154 SER 154 154 154 SER SER A . n 
A 1 155 THR 155 155 155 THR THR A . n 
A 1 156 PHE 156 156 156 PHE PHE A . n 
A 1 157 LEU 157 157 157 LEU LEU A . n 
A 1 158 GLY 158 158 158 GLY GLY A . n 
A 1 159 HIS 159 159 159 HIS HIS A . n 
A 1 160 ASP 160 160 160 ASP ASP A . n 
A 1 161 GLU 161 161 161 GLU GLU A . n 
A 1 162 PHE 162 162 162 PHE PHE A . n 
A 1 163 THR 163 163 163 THR THR A . n 
A 1 164 ARG 164 164 164 ARG ARG A . n 
A 1 165 VAL 165 165 165 VAL VAL A . n 
A 1 166 LYS 166 166 166 LYS LYS A . n 
A 1 167 PRO 167 167 167 PRO PRO A . n 
A 1 168 SER 168 168 168 SER SER A . n 
A 1 169 ALA 169 169 169 ALA ALA A . n 
A 1 170 ALA 170 170 170 ALA ALA A . n 
A 1 171 ASP 171 171 171 ASP ASP A . n 
A 1 172 VAL 172 172 172 VAL VAL A . n 
A 1 173 GLU 173 173 173 GLU GLU A . n 
A 1 174 LYS 174 174 174 LYS LYS A . n 
A 1 175 ALA 175 175 175 ALA ALA A . n 
A 1 176 ARG 176 176 176 ARG ARG A . n 
A 1 177 GLN 177 177 177 GLN GLN A . n 
A 1 178 LEU 178 178 178 LEU LEU A . n 
A 1 179 GLY 179 179 179 GLY GLY A . n 
A 1 180 VAL 180 180 180 VAL VAL A . n 
A 1 181 THR 181 181 181 THR THR A . n 
A 1 182 SER 182 182 182 SER SER A . n 
A 1 183 ALA 183 183 183 ALA ALA A . n 
A 1 184 ASN 184 184 184 ASN ASN A . n 
A 1 185 PRO 185 185 185 PRO PRO A . n 
A 1 186 PRO 186 186 186 PRO PRO A . n 
A 1 187 ALA 187 187 187 ALA ALA A . n 
A 1 188 SER 188 188 ?   ?   ?   A . n 
A 1 189 ASP 189 189 ?   ?   ?   A . n 
A 1 190 GLY 190 190 ?   ?   ?   A . n 
A 1 191 GLU 191 191 ?   ?   ?   A . n 
# 
loop_
_pdbx_nonpoly_scheme.asym_id 
_pdbx_nonpoly_scheme.entity_id 
_pdbx_nonpoly_scheme.mon_id 
_pdbx_nonpoly_scheme.ndb_seq_num 
_pdbx_nonpoly_scheme.pdb_seq_num 
_pdbx_nonpoly_scheme.auth_seq_num 
_pdbx_nonpoly_scheme.pdb_mon_id 
_pdbx_nonpoly_scheme.auth_mon_id 
_pdbx_nonpoly_scheme.pdb_strand_id 
_pdbx_nonpoly_scheme.pdb_ins_code 
B 2 HOH 1  201 11 HOH HOH A . 
B 2 HOH 2  202 41 HOH HOH A . 
B 2 HOH 3  203 94 HOH HOH A . 
B 2 HOH 4  204 87 HOH HOH A . 
B 2 HOH 5  205 67 HOH HOH A . 
B 2 HOH 6  206 51 HOH HOH A . 
B 2 HOH 7  207 30 HOH HOH A . 
B 2 HOH 8  208 5  HOH HOH A . 
B 2 HOH 9  209 78 HOH HOH A . 
B 2 HOH 10 210 16 HOH HOH A . 
B 2 HOH 11 211 3  HOH HOH A . 
B 2 HOH 12 212 77 HOH HOH A . 
B 2 HOH 13 213 49 HOH HOH A . 
B 2 HOH 14 214 6  HOH HOH A . 
B 2 HOH 15 215 23 HOH HOH A . 
B 2 HOH 16 216 28 HOH HOH A . 
B 2 HOH 17 217 38 HOH HOH A . 
B 2 HOH 18 218 86 HOH HOH A . 
B 2 HOH 19 219 13 HOH HOH A . 
B 2 HOH 20 220 7  HOH HOH A . 
B 2 HOH 21 221 26 HOH HOH A . 
B 2 HOH 22 222 8  HOH HOH A . 
B 2 HOH 23 223 58 HOH HOH A . 
B 2 HOH 24 224 89 HOH HOH A . 
B 2 HOH 25 225 19 HOH HOH A . 
B 2 HOH 26 226 73 HOH HOH A . 
B 2 HOH 27 227 79 HOH HOH A . 
B 2 HOH 28 228 96 HOH HOH A . 
B 2 HOH 29 229 97 HOH HOH A . 
B 2 HOH 30 230 18 HOH HOH A . 
B 2 HOH 31 231 10 HOH HOH A . 
B 2 HOH 32 232 70 HOH HOH A . 
B 2 HOH 33 233 54 HOH HOH A . 
B 2 HOH 34 234 2  HOH HOH A . 
B 2 HOH 35 235 15 HOH HOH A . 
B 2 HOH 36 236 35 HOH HOH A . 
B 2 HOH 37 237 80 HOH HOH A . 
B 2 HOH 38 238 39 HOH HOH A . 
B 2 HOH 39 239 33 HOH HOH A . 
B 2 HOH 40 240 20 HOH HOH A . 
B 2 HOH 41 241 14 HOH HOH A . 
B 2 HOH 42 242 48 HOH HOH A . 
B 2 HOH 43 243 66 HOH HOH A . 
B 2 HOH 44 244 32 HOH HOH A . 
B 2 HOH 45 245 21 HOH HOH A . 
B 2 HOH 46 246 82 HOH HOH A . 
B 2 HOH 47 247 4  HOH HOH A . 
B 2 HOH 48 248 22 HOH HOH A . 
B 2 HOH 49 249 36 HOH HOH A . 
B 2 HOH 50 250 55 HOH HOH A . 
B 2 HOH 51 251 74 HOH HOH A . 
B 2 HOH 52 252 17 HOH HOH A . 
B 2 HOH 53 253 29 HOH HOH A . 
B 2 HOH 54 254 25 HOH HOH A . 
B 2 HOH 55 255 65 HOH HOH A . 
B 2 HOH 56 256 52 HOH HOH A . 
B 2 HOH 57 257 34 HOH HOH A . 
B 2 HOH 58 258 42 HOH HOH A . 
B 2 HOH 59 259 47 HOH HOH A . 
B 2 HOH 60 260 1  HOH HOH A . 
B 2 HOH 61 261 81 HOH HOH A . 
B 2 HOH 62 262 56 HOH HOH A . 
B 2 HOH 63 263 68 HOH HOH A . 
B 2 HOH 64 264 40 HOH HOH A . 
B 2 HOH 65 265 59 HOH HOH A . 
B 2 HOH 66 266 57 HOH HOH A . 
B 2 HOH 67 267 61 HOH HOH A . 
B 2 HOH 68 268 27 HOH HOH A . 
B 2 HOH 69 269 43 HOH HOH A . 
B 2 HOH 70 270 9  HOH HOH A . 
B 2 HOH 71 271 71 HOH HOH A . 
B 2 HOH 72 272 69 HOH HOH A . 
B 2 HOH 73 273 88 HOH HOH A . 
B 2 HOH 74 274 44 HOH HOH A . 
B 2 HOH 75 275 37 HOH HOH A . 
B 2 HOH 76 276 63 HOH HOH A . 
B 2 HOH 77 277 76 HOH HOH A . 
B 2 HOH 78 278 62 HOH HOH A . 
B 2 HOH 79 279 24 HOH HOH A . 
B 2 HOH 80 280 50 HOH HOH A . 
B 2 HOH 81 281 83 HOH HOH A . 
B 2 HOH 82 282 60 HOH HOH A . 
B 2 HOH 83 283 93 HOH HOH A . 
B 2 HOH 84 284 84 HOH HOH A . 
B 2 HOH 85 285 45 HOH HOH A . 
B 2 HOH 86 286 64 HOH HOH A . 
B 2 HOH 87 287 12 HOH HOH A . 
B 2 HOH 88 288 90 HOH HOH A . 
B 2 HOH 89 289 53 HOH HOH A . 
B 2 HOH 90 290 91 HOH HOH A . 
B 2 HOH 91 291 31 HOH HOH A . 
B 2 HOH 92 292 75 HOH HOH A . 
B 2 HOH 93 293 85 HOH HOH A . 
B 2 HOH 94 294 46 HOH HOH A . 
B 2 HOH 95 295 92 HOH HOH A . 
B 2 HOH 96 296 95 HOH HOH A . 
B 2 HOH 97 297 72 HOH HOH A . 
# 
_pdbx_struct_assembly.id                   1 
_pdbx_struct_assembly.details              author_and_software_defined_assembly 
_pdbx_struct_assembly.method_details       PISA 
_pdbx_struct_assembly.oligomeric_details   tetrameric 
_pdbx_struct_assembly.oligomeric_count     4 
# 
_pdbx_struct_assembly_gen.assembly_id       1 
_pdbx_struct_assembly_gen.oper_expression   1,2,3,4 
_pdbx_struct_assembly_gen.asym_id_list      A,B 
# 
loop_
_pdbx_struct_assembly_prop.biol_id 
_pdbx_struct_assembly_prop.type 
_pdbx_struct_assembly_prop.value 
_pdbx_struct_assembly_prop.details 
1 'ABSA (A^2)' 11090 ? 
1 MORE         -56   ? 
1 'SSA (A^2)'  21880 ? 
# 
loop_
_pdbx_struct_oper_list.id 
_pdbx_struct_oper_list.type 
_pdbx_struct_oper_list.name 
_pdbx_struct_oper_list.symmetry_operation 
_pdbx_struct_oper_list.matrix[1][1] 
_pdbx_struct_oper_list.matrix[1][2] 
_pdbx_struct_oper_list.matrix[1][3] 
_pdbx_struct_oper_list.vector[1] 
_pdbx_struct_oper_list.matrix[2][1] 
_pdbx_struct_oper_list.matrix[2][2] 
_pdbx_struct_oper_list.matrix[2][3] 
_pdbx_struct_oper_list.vector[2] 
_pdbx_struct_oper_list.matrix[3][1] 
_pdbx_struct_oper_list.matrix[3][2] 
_pdbx_struct_oper_list.matrix[3][3] 
_pdbx_struct_oper_list.vector[3] 
1 'identity operation'         1_555 x,y,z       1.0000000000  0.0000000000  0.0000000000  0.0000000000  0.0000000000  1.0000000000  0.0000000000  0.0000000000   0.0000000000  0.0000000000  1.0000000000  0.0000000000  
2 'crystal symmetry operation' 2_645 -x+1,-y-1,z -0.5298847184 0.8479230791  0.0157682318  9.4938031940  0.8479230791  0.5293558330  0.0284403596  -5.8102004719  0.0157682318  0.0284403596  -0.9994711145 29.3895421035 
3 'crystal symmetry operation' 7_645 y+1,x-1,-z  0.4100044111  -0.7902208332 0.4554639587  -9.5235773706 -0.7902208332 -0.5571297790 -0.2552595624 -3.0378235499  0.4554639587  -0.2552595624 -0.8528746321 24.2120906246 
4 'crystal symmetry operation' 8_555 -y,-x,-z    -0.8801196927 -0.0577022459 -0.4712321906 12.3461424670 -0.0577022459 -0.9722260540 0.2268192028  -14.8049505713 -0.4712321906 0.2268192028  0.8523457466  4.9536901316 
# 
loop_
_pdbx_struct_special_symmetry.id 
_pdbx_struct_special_symmetry.PDB_model_num 
_pdbx_struct_special_symmetry.auth_asym_id 
_pdbx_struct_special_symmetry.auth_comp_id 
_pdbx_struct_special_symmetry.auth_seq_id 
_pdbx_struct_special_symmetry.PDB_ins_code 
_pdbx_struct_special_symmetry.label_asym_id 
_pdbx_struct_special_symmetry.label_comp_id 
_pdbx_struct_special_symmetry.label_seq_id 
1 1 A HOH 214 ? B HOH . 
2 1 A HOH 278 ? B HOH . 
3 1 A HOH 280 ? B HOH . 
# 
loop_
_pdbx_audit_revision_history.ordinal 
_pdbx_audit_revision_history.data_content_type 
_pdbx_audit_revision_history.major_revision 
_pdbx_audit_revision_history.minor_revision 
_pdbx_audit_revision_history.revision_date 
1 'Structure model' 1 0 2021-07-14 
2 'Structure model' 1 1 2021-07-21 
3 'Structure model' 1 2 2023-11-29 
# 
_pdbx_audit_revision_details.ordinal             1 
_pdbx_audit_revision_details.revision_ordinal    1 
_pdbx_audit_revision_details.data_content_type   'Structure model' 
_pdbx_audit_revision_details.provider            repository 
_pdbx_audit_revision_details.type                'Initial release' 
_pdbx_audit_revision_details.description         ? 
_pdbx_audit_revision_details.details             ? 
# 
loop_
_pdbx_audit_revision_group.ordinal 
_pdbx_audit_revision_group.revision_ordinal 
_pdbx_audit_revision_group.data_content_type 
_pdbx_audit_revision_group.group 
1 2 'Structure model' 'Derived calculations'   
2 3 'Structure model' 'Data collection'        
3 3 'Structure model' 'Database references'    
4 3 'Structure model' 'Refinement description' 
# 
loop_
_pdbx_audit_revision_category.ordinal 
_pdbx_audit_revision_category.revision_ordinal 
_pdbx_audit_revision_category.data_content_type 
_pdbx_audit_revision_category.category 
1 2 'Structure model' pdbx_struct_assembly          
2 2 'Structure model' pdbx_struct_assembly_gen      
3 2 'Structure model' pdbx_struct_assembly_prop     
4 2 'Structure model' pdbx_struct_oper_list         
5 3 'Structure model' chem_comp_atom                
6 3 'Structure model' chem_comp_bond                
7 3 'Structure model' database_2                    
8 3 'Structure model' pdbx_initial_refinement_model 
# 
loop_
_pdbx_audit_revision_item.ordinal 
_pdbx_audit_revision_item.revision_ordinal 
_pdbx_audit_revision_item.data_content_type 
_pdbx_audit_revision_item.item 
1 2 'Structure model' '_pdbx_struct_assembly.details'             
2 2 'Structure model' '_pdbx_struct_assembly.method_details'      
3 2 'Structure model' '_pdbx_struct_assembly.oligomeric_count'    
4 2 'Structure model' '_pdbx_struct_assembly.oligomeric_details'  
5 2 'Structure model' '_pdbx_struct_assembly_gen.oper_expression' 
6 3 'Structure model' '_database_2.pdbx_DOI'                      
7 3 'Structure model' '_database_2.pdbx_database_accession'       
# 
loop_
_space_group_symop.id 
_space_group_symop.operation_xyz 
1 x,y,z               
2 -y+1/2,x+1/2,z+1/2  
3 y+1/2,-x+1/2,z+1/2  
4 x+1/2,-y+1/2,-z+1/2 
5 -x+1/2,y+1/2,-z+1/2 
6 -x,-y,z             
7 y,x,-z              
8 -y,-x,-z            
# 
loop_
_software.citation_id 
_software.classification 
_software.compiler_name 
_software.compiler_version 
_software.contact_author 
_software.contact_author_email 
_software.date 
_software.description 
_software.dependencies 
_software.hardware 
_software.language 
_software.location 
_software.mods 
_software.name 
_software.os 
_software.os_version 
_software.type 
_software.version 
_software.pdbx_ordinal 
? refinement       ? ? ? ? ? ? ? ? ? ? ? PHENIX ? ? ? 1.17.1_3660 1 
? 'data reduction' ? ? ? ? ? ? ? ? ? ? ? DIALS  ? ? ? .           2 
? 'data scaling'   ? ? ? ? ? ? ? ? ? ? ? DIALS  ? ? ? .           3 
? phasing          ? ? ? ? ? ? ? ? ? ? ? PHASER ? ? ? .           4 
# 
_pdbx_validate_close_contact.id               1 
_pdbx_validate_close_contact.PDB_model_num    1 
_pdbx_validate_close_contact.auth_atom_id_1   O 
_pdbx_validate_close_contact.auth_asym_id_1   A 
_pdbx_validate_close_contact.auth_comp_id_1   PRO 
_pdbx_validate_close_contact.auth_seq_id_1    167 
_pdbx_validate_close_contact.PDB_ins_code_1   ? 
_pdbx_validate_close_contact.label_alt_id_1   ? 
_pdbx_validate_close_contact.auth_atom_id_2   O 
_pdbx_validate_close_contact.auth_asym_id_2   A 
_pdbx_validate_close_contact.auth_comp_id_2   HOH 
_pdbx_validate_close_contact.auth_seq_id_2    201 
_pdbx_validate_close_contact.PDB_ins_code_2   ? 
_pdbx_validate_close_contact.label_alt_id_2   ? 
_pdbx_validate_close_contact.dist             2.19 
# 
loop_
_pdbx_validate_torsion.id 
_pdbx_validate_torsion.PDB_model_num 
_pdbx_validate_torsion.auth_comp_id 
_pdbx_validate_torsion.auth_asym_id 
_pdbx_validate_torsion.auth_seq_id 
_pdbx_validate_torsion.PDB_ins_code 
_pdbx_validate_torsion.label_alt_id 
_pdbx_validate_torsion.phi 
_pdbx_validate_torsion.psi 
1 1 ALA A 79 ? ? -106.41 -156.67 
2 1 ALA A 83 ? ? -69.96  1.67    
3 1 ALA A 96 ? ? -154.23 69.70   
# 
loop_
_pdbx_unobs_or_zero_occ_residues.id 
_pdbx_unobs_or_zero_occ_residues.PDB_model_num 
_pdbx_unobs_or_zero_occ_residues.polymer_flag 
_pdbx_unobs_or_zero_occ_residues.occupancy_flag 
_pdbx_unobs_or_zero_occ_residues.auth_asym_id 
_pdbx_unobs_or_zero_occ_residues.auth_comp_id 
_pdbx_unobs_or_zero_occ_residues.auth_seq_id 
_pdbx_unobs_or_zero_occ_residues.PDB_ins_code 
_pdbx_unobs_or_zero_occ_residues.label_asym_id 
_pdbx_unobs_or_zero_occ_residues.label_comp_id 
_pdbx_unobs_or_zero_occ_residues.label_seq_id 
1  1 Y 1 A MET 1   ? A MET 1   
2  1 Y 1 A THR 2   ? A THR 2   
3  1 Y 1 A ARG 3   ? A ARG 3   
4  1 Y 1 A VAL 4   ? A VAL 4   
5  1 Y 1 A ARG 5   ? A ARG 5   
6  1 Y 1 A GLN 6   ? A GLN 6   
7  1 Y 1 A ALA 7   ? A ALA 7   
8  1 Y 1 A LEU 8   ? A LEU 8   
9  1 Y 1 A VAL 9   ? A VAL 9   
10 1 Y 1 A ALA 10  ? A ALA 10  
11 1 Y 1 A LEU 11  ? A LEU 11  
12 1 Y 1 A CYS 12  ? A CYS 12  
13 1 Y 1 A ALA 13  ? A ALA 13  
14 1 Y 1 A LEU 14  ? A LEU 14  
15 1 Y 1 A SER 15  ? A SER 15  
16 1 Y 1 A LEU 16  ? A LEU 16  
17 1 Y 1 A THR 17  ? A THR 17  
18 1 Y 1 A PHE 18  ? A PHE 18  
19 1 Y 1 A VAL 19  ? A VAL 19  
20 1 Y 1 A THR 20  ? A THR 20  
21 1 Y 1 A VAL 21  ? A VAL 21  
22 1 Y 1 A SER 22  ? A SER 22  
23 1 Y 1 A ALA 23  ? A ALA 23  
24 1 Y 1 A SER 24  ? A SER 24  
25 1 Y 1 A ALA 25  ? A ALA 25  
26 1 Y 1 A SER 26  ? A SER 26  
27 1 Y 1 A ALA 27  ? A ALA 27  
28 1 Y 1 A ASP 28  ? A ASP 28  
29 1 Y 1 A PRO 29  ? A PRO 29  
30 1 Y 1 A ARG 30  ? A ARG 30  
31 1 Y 1 A GLU 31  ? A GLU 31  
32 1 Y 1 A THR 32  ? A THR 32  
33 1 Y 1 A VAL 33  ? A VAL 33  
34 1 Y 1 A SER 34  ? A SER 34  
35 1 Y 1 A ALA 35  ? A ALA 35  
36 1 Y 1 A ASP 36  ? A ASP 36  
37 1 Y 1 A ALA 37  ? A ALA 37  
38 1 Y 1 A ALA 38  ? A ALA 38  
39 1 Y 1 A GLU 39  ? A GLU 39  
40 1 Y 1 A THR 40  ? A THR 40  
41 1 Y 1 A GLY 41  ? A GLY 41  
42 1 Y 1 A SER 42  ? A SER 42  
43 1 Y 1 A ALA 43  ? A ALA 43  
44 1 Y 1 A THR 44  ? A THR 44  
45 1 Y 1 A GLU 45  ? A GLU 45  
46 1 Y 1 A SER 46  ? A SER 46  
47 1 Y 1 A ARG 47  ? A ARG 47  
48 1 Y 1 A SER 188 ? A SER 188 
49 1 Y 1 A ASP 189 ? A ASP 189 
50 1 Y 1 A GLY 190 ? A GLY 190 
51 1 Y 1 A GLU 191 ? A GLU 191 
# 
loop_
_chem_comp_atom.comp_id 
_chem_comp_atom.atom_id 
_chem_comp_atom.type_symbol 
_chem_comp_atom.pdbx_aromatic_flag 
_chem_comp_atom.pdbx_stereo_config 
_chem_comp_atom.pdbx_ordinal 
ALA N    N N N 1   
ALA CA   C N S 2   
ALA C    C N N 3   
ALA O    O N N 4   
ALA CB   C N N 5   
ALA OXT  O N N 6   
ALA H    H N N 7   
ALA H2   H N N 8   
ALA HA   H N N 9   
ALA HB1  H N N 10  
ALA HB2  H N N 11  
ALA HB3  H N N 12  
ALA HXT  H N N 13  
ARG N    N N N 14  
ARG CA   C N S 15  
ARG C    C N N 16  
ARG O    O N N 17  
ARG CB   C N N 18  
ARG CG   C N N 19  
ARG CD   C N N 20  
ARG NE   N N N 21  
ARG CZ   C N N 22  
ARG NH1  N N N 23  
ARG NH2  N N N 24  
ARG OXT  O N N 25  
ARG H    H N N 26  
ARG H2   H N N 27  
ARG HA   H N N 28  
ARG HB2  H N N 29  
ARG HB3  H N N 30  
ARG HG2  H N N 31  
ARG HG3  H N N 32  
ARG HD2  H N N 33  
ARG HD3  H N N 34  
ARG HE   H N N 35  
ARG HH11 H N N 36  
ARG HH12 H N N 37  
ARG HH21 H N N 38  
ARG HH22 H N N 39  
ARG HXT  H N N 40  
ASN N    N N N 41  
ASN CA   C N S 42  
ASN C    C N N 43  
ASN O    O N N 44  
ASN CB   C N N 45  
ASN CG   C N N 46  
ASN OD1  O N N 47  
ASN ND2  N N N 48  
ASN OXT  O N N 49  
ASN H    H N N 50  
ASN H2   H N N 51  
ASN HA   H N N 52  
ASN HB2  H N N 53  
ASN HB3  H N N 54  
ASN HD21 H N N 55  
ASN HD22 H N N 56  
ASN HXT  H N N 57  
ASP N    N N N 58  
ASP CA   C N S 59  
ASP C    C N N 60  
ASP O    O N N 61  
ASP CB   C N N 62  
ASP CG   C N N 63  
ASP OD1  O N N 64  
ASP OD2  O N N 65  
ASP OXT  O N N 66  
ASP H    H N N 67  
ASP H2   H N N 68  
ASP HA   H N N 69  
ASP HB2  H N N 70  
ASP HB3  H N N 71  
ASP HD2  H N N 72  
ASP HXT  H N N 73  
CYS N    N N N 74  
CYS CA   C N R 75  
CYS C    C N N 76  
CYS O    O N N 77  
CYS CB   C N N 78  
CYS SG   S N N 79  
CYS OXT  O N N 80  
CYS H    H N N 81  
CYS H2   H N N 82  
CYS HA   H N N 83  
CYS HB2  H N N 84  
CYS HB3  H N N 85  
CYS HG   H N N 86  
CYS HXT  H N N 87  
GLN N    N N N 88  
GLN CA   C N S 89  
GLN C    C N N 90  
GLN O    O N N 91  
GLN CB   C N N 92  
GLN CG   C N N 93  
GLN CD   C N N 94  
GLN OE1  O N N 95  
GLN NE2  N N N 96  
GLN OXT  O N N 97  
GLN H    H N N 98  
GLN H2   H N N 99  
GLN HA   H N N 100 
GLN HB2  H N N 101 
GLN HB3  H N N 102 
GLN HG2  H N N 103 
GLN HG3  H N N 104 
GLN HE21 H N N 105 
GLN HE22 H N N 106 
GLN HXT  H N N 107 
GLU N    N N N 108 
GLU CA   C N S 109 
GLU C    C N N 110 
GLU O    O N N 111 
GLU CB   C N N 112 
GLU CG   C N N 113 
GLU CD   C N N 114 
GLU OE1  O N N 115 
GLU OE2  O N N 116 
GLU OXT  O N N 117 
GLU H    H N N 118 
GLU H2   H N N 119 
GLU HA   H N N 120 
GLU HB2  H N N 121 
GLU HB3  H N N 122 
GLU HG2  H N N 123 
GLU HG3  H N N 124 
GLU HE2  H N N 125 
GLU HXT  H N N 126 
GLY N    N N N 127 
GLY CA   C N N 128 
GLY C    C N N 129 
GLY O    O N N 130 
GLY OXT  O N N 131 
GLY H    H N N 132 
GLY H2   H N N 133 
GLY HA2  H N N 134 
GLY HA3  H N N 135 
GLY HXT  H N N 136 
HIS N    N N N 137 
HIS CA   C N S 138 
HIS C    C N N 139 
HIS O    O N N 140 
HIS CB   C N N 141 
HIS CG   C Y N 142 
HIS ND1  N Y N 143 
HIS CD2  C Y N 144 
HIS CE1  C Y N 145 
HIS NE2  N Y N 146 
HIS OXT  O N N 147 
HIS H    H N N 148 
HIS H2   H N N 149 
HIS HA   H N N 150 
HIS HB2  H N N 151 
HIS HB3  H N N 152 
HIS HD1  H N N 153 
HIS HD2  H N N 154 
HIS HE1  H N N 155 
HIS HE2  H N N 156 
HIS HXT  H N N 157 
HOH O    O N N 158 
HOH H1   H N N 159 
HOH H2   H N N 160 
ILE N    N N N 161 
ILE CA   C N S 162 
ILE C    C N N 163 
ILE O    O N N 164 
ILE CB   C N S 165 
ILE CG1  C N N 166 
ILE CG2  C N N 167 
ILE CD1  C N N 168 
ILE OXT  O N N 169 
ILE H    H N N 170 
ILE H2   H N N 171 
ILE HA   H N N 172 
ILE HB   H N N 173 
ILE HG12 H N N 174 
ILE HG13 H N N 175 
ILE HG21 H N N 176 
ILE HG22 H N N 177 
ILE HG23 H N N 178 
ILE HD11 H N N 179 
ILE HD12 H N N 180 
ILE HD13 H N N 181 
ILE HXT  H N N 182 
LEU N    N N N 183 
LEU CA   C N S 184 
LEU C    C N N 185 
LEU O    O N N 186 
LEU CB   C N N 187 
LEU CG   C N N 188 
LEU CD1  C N N 189 
LEU CD2  C N N 190 
LEU OXT  O N N 191 
LEU H    H N N 192 
LEU H2   H N N 193 
LEU HA   H N N 194 
LEU HB2  H N N 195 
LEU HB3  H N N 196 
LEU HG   H N N 197 
LEU HD11 H N N 198 
LEU HD12 H N N 199 
LEU HD13 H N N 200 
LEU HD21 H N N 201 
LEU HD22 H N N 202 
LEU HD23 H N N 203 
LEU HXT  H N N 204 
LYS N    N N N 205 
LYS CA   C N S 206 
LYS C    C N N 207 
LYS O    O N N 208 
LYS CB   C N N 209 
LYS CG   C N N 210 
LYS CD   C N N 211 
LYS CE   C N N 212 
LYS NZ   N N N 213 
LYS OXT  O N N 214 
LYS H    H N N 215 
LYS H2   H N N 216 
LYS HA   H N N 217 
LYS HB2  H N N 218 
LYS HB3  H N N 219 
LYS HG2  H N N 220 
LYS HG3  H N N 221 
LYS HD2  H N N 222 
LYS HD3  H N N 223 
LYS HE2  H N N 224 
LYS HE3  H N N 225 
LYS HZ1  H N N 226 
LYS HZ2  H N N 227 
LYS HZ3  H N N 228 
LYS HXT  H N N 229 
MET N    N N N 230 
MET CA   C N S 231 
MET C    C N N 232 
MET O    O N N 233 
MET CB   C N N 234 
MET CG   C N N 235 
MET SD   S N N 236 
MET CE   C N N 237 
MET OXT  O N N 238 
MET H    H N N 239 
MET H2   H N N 240 
MET HA   H N N 241 
MET HB2  H N N 242 
MET HB3  H N N 243 
MET HG2  H N N 244 
MET HG3  H N N 245 
MET HE1  H N N 246 
MET HE2  H N N 247 
MET HE3  H N N 248 
MET HXT  H N N 249 
PHE N    N N N 250 
PHE CA   C N S 251 
PHE C    C N N 252 
PHE O    O N N 253 
PHE CB   C N N 254 
PHE CG   C Y N 255 
PHE CD1  C Y N 256 
PHE CD2  C Y N 257 
PHE CE1  C Y N 258 
PHE CE2  C Y N 259 
PHE CZ   C Y N 260 
PHE OXT  O N N 261 
PHE H    H N N 262 
PHE H2   H N N 263 
PHE HA   H N N 264 
PHE HB2  H N N 265 
PHE HB3  H N N 266 
PHE HD1  H N N 267 
PHE HD2  H N N 268 
PHE HE1  H N N 269 
PHE HE2  H N N 270 
PHE HZ   H N N 271 
PHE HXT  H N N 272 
PRO N    N N N 273 
PRO CA   C N S 274 
PRO C    C N N 275 
PRO O    O N N 276 
PRO CB   C N N 277 
PRO CG   C N N 278 
PRO CD   C N N 279 
PRO OXT  O N N 280 
PRO H    H N N 281 
PRO HA   H N N 282 
PRO HB2  H N N 283 
PRO HB3  H N N 284 
PRO HG2  H N N 285 
PRO HG3  H N N 286 
PRO HD2  H N N 287 
PRO HD3  H N N 288 
PRO HXT  H N N 289 
SER N    N N N 290 
SER CA   C N S 291 
SER C    C N N 292 
SER O    O N N 293 
SER CB   C N N 294 
SER OG   O N N 295 
SER OXT  O N N 296 
SER H    H N N 297 
SER H2   H N N 298 
SER HA   H N N 299 
SER HB2  H N N 300 
SER HB3  H N N 301 
SER HG   H N N 302 
SER HXT  H N N 303 
THR N    N N N 304 
THR CA   C N S 305 
THR C    C N N 306 
THR O    O N N 307 
THR CB   C N R 308 
THR OG1  O N N 309 
THR CG2  C N N 310 
THR OXT  O N N 311 
THR H    H N N 312 
THR H2   H N N 313 
THR HA   H N N 314 
THR HB   H N N 315 
THR HG1  H N N 316 
THR HG21 H N N 317 
THR HG22 H N N 318 
THR HG23 H N N 319 
THR HXT  H N N 320 
TRP N    N N N 321 
TRP CA   C N S 322 
TRP C    C N N 323 
TRP O    O N N 324 
TRP CB   C N N 325 
TRP CG   C Y N 326 
TRP CD1  C Y N 327 
TRP CD2  C Y N 328 
TRP NE1  N Y N 329 
TRP CE2  C Y N 330 
TRP CE3  C Y N 331 
TRP CZ2  C Y N 332 
TRP CZ3  C Y N 333 
TRP CH2  C Y N 334 
TRP OXT  O N N 335 
TRP H    H N N 336 
TRP H2   H N N 337 
TRP HA   H N N 338 
TRP HB2  H N N 339 
TRP HB3  H N N 340 
TRP HD1  H N N 341 
TRP HE1  H N N 342 
TRP HE3  H N N 343 
TRP HZ2  H N N 344 
TRP HZ3  H N N 345 
TRP HH2  H N N 346 
TRP HXT  H N N 347 
TYR N    N N N 348 
TYR CA   C N S 349 
TYR C    C N N 350 
TYR O    O N N 351 
TYR CB   C N N 352 
TYR CG   C Y N 353 
TYR CD1  C Y N 354 
TYR CD2  C Y N 355 
TYR CE1  C Y N 356 
TYR CE2  C Y N 357 
TYR CZ   C Y N 358 
TYR OH   O N N 359 
TYR OXT  O N N 360 
TYR H    H N N 361 
TYR H2   H N N 362 
TYR HA   H N N 363 
TYR HB2  H N N 364 
TYR HB3  H N N 365 
TYR HD1  H N N 366 
TYR HD2  H N N 367 
TYR HE1  H N N 368 
TYR HE2  H N N 369 
TYR HH   H N N 370 
TYR HXT  H N N 371 
VAL N    N N N 372 
VAL CA   C N S 373 
VAL C    C N N 374 
VAL O    O N N 375 
VAL CB   C N N 376 
VAL CG1  C N N 377 
VAL CG2  C N N 378 
VAL OXT  O N N 379 
VAL H    H N N 380 
VAL H2   H N N 381 
VAL HA   H N N 382 
VAL HB   H N N 383 
VAL HG11 H N N 384 
VAL HG12 H N N 385 
VAL HG13 H N N 386 
VAL HG21 H N N 387 
VAL HG22 H N N 388 
VAL HG23 H N N 389 
VAL HXT  H N N 390 
# 
loop_
_chem_comp_bond.comp_id 
_chem_comp_bond.atom_id_1 
_chem_comp_bond.atom_id_2 
_chem_comp_bond.value_order 
_chem_comp_bond.pdbx_aromatic_flag 
_chem_comp_bond.pdbx_stereo_config 
_chem_comp_bond.pdbx_ordinal 
ALA N   CA   sing N N 1   
ALA N   H    sing N N 2   
ALA N   H2   sing N N 3   
ALA CA  C    sing N N 4   
ALA CA  CB   sing N N 5   
ALA CA  HA   sing N N 6   
ALA C   O    doub N N 7   
ALA C   OXT  sing N N 8   
ALA CB  HB1  sing N N 9   
ALA CB  HB2  sing N N 10  
ALA CB  HB3  sing N N 11  
ALA OXT HXT  sing N N 12  
ARG N   CA   sing N N 13  
ARG N   H    sing N N 14  
ARG N   H2   sing N N 15  
ARG CA  C    sing N N 16  
ARG CA  CB   sing N N 17  
ARG CA  HA   sing N N 18  
ARG C   O    doub N N 19  
ARG C   OXT  sing N N 20  
ARG CB  CG   sing N N 21  
ARG CB  HB2  sing N N 22  
ARG CB  HB3  sing N N 23  
ARG CG  CD   sing N N 24  
ARG CG  HG2  sing N N 25  
ARG CG  HG3  sing N N 26  
ARG CD  NE   sing N N 27  
ARG CD  HD2  sing N N 28  
ARG CD  HD3  sing N N 29  
ARG NE  CZ   sing N N 30  
ARG NE  HE   sing N N 31  
ARG CZ  NH1  sing N N 32  
ARG CZ  NH2  doub N N 33  
ARG NH1 HH11 sing N N 34  
ARG NH1 HH12 sing N N 35  
ARG NH2 HH21 sing N N 36  
ARG NH2 HH22 sing N N 37  
ARG OXT HXT  sing N N 38  
ASN N   CA   sing N N 39  
ASN N   H    sing N N 40  
ASN N   H2   sing N N 41  
ASN CA  C    sing N N 42  
ASN CA  CB   sing N N 43  
ASN CA  HA   sing N N 44  
ASN C   O    doub N N 45  
ASN C   OXT  sing N N 46  
ASN CB  CG   sing N N 47  
ASN CB  HB2  sing N N 48  
ASN CB  HB3  sing N N 49  
ASN CG  OD1  doub N N 50  
ASN CG  ND2  sing N N 51  
ASN ND2 HD21 sing N N 52  
ASN ND2 HD22 sing N N 53  
ASN OXT HXT  sing N N 54  
ASP N   CA   sing N N 55  
ASP N   H    sing N N 56  
ASP N   H2   sing N N 57  
ASP CA  C    sing N N 58  
ASP CA  CB   sing N N 59  
ASP CA  HA   sing N N 60  
ASP C   O    doub N N 61  
ASP C   OXT  sing N N 62  
ASP CB  CG   sing N N 63  
ASP CB  HB2  sing N N 64  
ASP CB  HB3  sing N N 65  
ASP CG  OD1  doub N N 66  
ASP CG  OD2  sing N N 67  
ASP OD2 HD2  sing N N 68  
ASP OXT HXT  sing N N 69  
CYS N   CA   sing N N 70  
CYS N   H    sing N N 71  
CYS N   H2   sing N N 72  
CYS CA  C    sing N N 73  
CYS CA  CB   sing N N 74  
CYS CA  HA   sing N N 75  
CYS C   O    doub N N 76  
CYS C   OXT  sing N N 77  
CYS CB  SG   sing N N 78  
CYS CB  HB2  sing N N 79  
CYS CB  HB3  sing N N 80  
CYS SG  HG   sing N N 81  
CYS OXT HXT  sing N N 82  
GLN N   CA   sing N N 83  
GLN N   H    sing N N 84  
GLN N   H2   sing N N 85  
GLN CA  C    sing N N 86  
GLN CA  CB   sing N N 87  
GLN CA  HA   sing N N 88  
GLN C   O    doub N N 89  
GLN C   OXT  sing N N 90  
GLN CB  CG   sing N N 91  
GLN CB  HB2  sing N N 92  
GLN CB  HB3  sing N N 93  
GLN CG  CD   sing N N 94  
GLN CG  HG2  sing N N 95  
GLN CG  HG3  sing N N 96  
GLN CD  OE1  doub N N 97  
GLN CD  NE2  sing N N 98  
GLN NE2 HE21 sing N N 99  
GLN NE2 HE22 sing N N 100 
GLN OXT HXT  sing N N 101 
GLU N   CA   sing N N 102 
GLU N   H    sing N N 103 
GLU N   H2   sing N N 104 
GLU CA  C    sing N N 105 
GLU CA  CB   sing N N 106 
GLU CA  HA   sing N N 107 
GLU C   O    doub N N 108 
GLU C   OXT  sing N N 109 
GLU CB  CG   sing N N 110 
GLU CB  HB2  sing N N 111 
GLU CB  HB3  sing N N 112 
GLU CG  CD   sing N N 113 
GLU CG  HG2  sing N N 114 
GLU CG  HG3  sing N N 115 
GLU CD  OE1  doub N N 116 
GLU CD  OE2  sing N N 117 
GLU OE2 HE2  sing N N 118 
GLU OXT HXT  sing N N 119 
GLY N   CA   sing N N 120 
GLY N   H    sing N N 121 
GLY N   H2   sing N N 122 
GLY CA  C    sing N N 123 
GLY CA  HA2  sing N N 124 
GLY CA  HA3  sing N N 125 
GLY C   O    doub N N 126 
GLY C   OXT  sing N N 127 
GLY OXT HXT  sing N N 128 
HIS N   CA   sing N N 129 
HIS N   H    sing N N 130 
HIS N   H2   sing N N 131 
HIS CA  C    sing N N 132 
HIS CA  CB   sing N N 133 
HIS CA  HA   sing N N 134 
HIS C   O    doub N N 135 
HIS C   OXT  sing N N 136 
HIS CB  CG   sing N N 137 
HIS CB  HB2  sing N N 138 
HIS CB  HB3  sing N N 139 
HIS CG  ND1  sing Y N 140 
HIS CG  CD2  doub Y N 141 
HIS ND1 CE1  doub Y N 142 
HIS ND1 HD1  sing N N 143 
HIS CD2 NE2  sing Y N 144 
HIS CD2 HD2  sing N N 145 
HIS CE1 NE2  sing Y N 146 
HIS CE1 HE1  sing N N 147 
HIS NE2 HE2  sing N N 148 
HIS OXT HXT  sing N N 149 
HOH O   H1   sing N N 150 
HOH O   H2   sing N N 151 
ILE N   CA   sing N N 152 
ILE N   H    sing N N 153 
ILE N   H2   sing N N 154 
ILE CA  C    sing N N 155 
ILE CA  CB   sing N N 156 
ILE CA  HA   sing N N 157 
ILE C   O    doub N N 158 
ILE C   OXT  sing N N 159 
ILE CB  CG1  sing N N 160 
ILE CB  CG2  sing N N 161 
ILE CB  HB   sing N N 162 
ILE CG1 CD1  sing N N 163 
ILE CG1 HG12 sing N N 164 
ILE CG1 HG13 sing N N 165 
ILE CG2 HG21 sing N N 166 
ILE CG2 HG22 sing N N 167 
ILE CG2 HG23 sing N N 168 
ILE CD1 HD11 sing N N 169 
ILE CD1 HD12 sing N N 170 
ILE CD1 HD13 sing N N 171 
ILE OXT HXT  sing N N 172 
LEU N   CA   sing N N 173 
LEU N   H    sing N N 174 
LEU N   H2   sing N N 175 
LEU CA  C    sing N N 176 
LEU CA  CB   sing N N 177 
LEU CA  HA   sing N N 178 
LEU C   O    doub N N 179 
LEU C   OXT  sing N N 180 
LEU CB  CG   sing N N 181 
LEU CB  HB2  sing N N 182 
LEU CB  HB3  sing N N 183 
LEU CG  CD1  sing N N 184 
LEU CG  CD2  sing N N 185 
LEU CG  HG   sing N N 186 
LEU CD1 HD11 sing N N 187 
LEU CD1 HD12 sing N N 188 
LEU CD1 HD13 sing N N 189 
LEU CD2 HD21 sing N N 190 
LEU CD2 HD22 sing N N 191 
LEU CD2 HD23 sing N N 192 
LEU OXT HXT  sing N N 193 
LYS N   CA   sing N N 194 
LYS N   H    sing N N 195 
LYS N   H2   sing N N 196 
LYS CA  C    sing N N 197 
LYS CA  CB   sing N N 198 
LYS CA  HA   sing N N 199 
LYS C   O    doub N N 200 
LYS C   OXT  sing N N 201 
LYS CB  CG   sing N N 202 
LYS CB  HB2  sing N N 203 
LYS CB  HB3  sing N N 204 
LYS CG  CD   sing N N 205 
LYS CG  HG2  sing N N 206 
LYS CG  HG3  sing N N 207 
LYS CD  CE   sing N N 208 
LYS CD  HD2  sing N N 209 
LYS CD  HD3  sing N N 210 
LYS CE  NZ   sing N N 211 
LYS CE  HE2  sing N N 212 
LYS CE  HE3  sing N N 213 
LYS NZ  HZ1  sing N N 214 
LYS NZ  HZ2  sing N N 215 
LYS NZ  HZ3  sing N N 216 
LYS OXT HXT  sing N N 217 
MET N   CA   sing N N 218 
MET N   H    sing N N 219 
MET N   H2   sing N N 220 
MET CA  C    sing N N 221 
MET CA  CB   sing N N 222 
MET CA  HA   sing N N 223 
MET C   O    doub N N 224 
MET C   OXT  sing N N 225 
MET CB  CG   sing N N 226 
MET CB  HB2  sing N N 227 
MET CB  HB3  sing N N 228 
MET CG  SD   sing N N 229 
MET CG  HG2  sing N N 230 
MET CG  HG3  sing N N 231 
MET SD  CE   sing N N 232 
MET CE  HE1  sing N N 233 
MET CE  HE2  sing N N 234 
MET CE  HE3  sing N N 235 
MET OXT HXT  sing N N 236 
PHE N   CA   sing N N 237 
PHE N   H    sing N N 238 
PHE N   H2   sing N N 239 
PHE CA  C    sing N N 240 
PHE CA  CB   sing N N 241 
PHE CA  HA   sing N N 242 
PHE C   O    doub N N 243 
PHE C   OXT  sing N N 244 
PHE CB  CG   sing N N 245 
PHE CB  HB2  sing N N 246 
PHE CB  HB3  sing N N 247 
PHE CG  CD1  doub Y N 248 
PHE CG  CD2  sing Y N 249 
PHE CD1 CE1  sing Y N 250 
PHE CD1 HD1  sing N N 251 
PHE CD2 CE2  doub Y N 252 
PHE CD2 HD2  sing N N 253 
PHE CE1 CZ   doub Y N 254 
PHE CE1 HE1  sing N N 255 
PHE CE2 CZ   sing Y N 256 
PHE CE2 HE2  sing N N 257 
PHE CZ  HZ   sing N N 258 
PHE OXT HXT  sing N N 259 
PRO N   CA   sing N N 260 
PRO N   CD   sing N N 261 
PRO N   H    sing N N 262 
PRO CA  C    sing N N 263 
PRO CA  CB   sing N N 264 
PRO CA  HA   sing N N 265 
PRO C   O    doub N N 266 
PRO C   OXT  sing N N 267 
PRO CB  CG   sing N N 268 
PRO CB  HB2  sing N N 269 
PRO CB  HB3  sing N N 270 
PRO CG  CD   sing N N 271 
PRO CG  HG2  sing N N 272 
PRO CG  HG3  sing N N 273 
PRO CD  HD2  sing N N 274 
PRO CD  HD3  sing N N 275 
PRO OXT HXT  sing N N 276 
SER N   CA   sing N N 277 
SER N   H    sing N N 278 
SER N   H2   sing N N 279 
SER CA  C    sing N N 280 
SER CA  CB   sing N N 281 
SER CA  HA   sing N N 282 
SER C   O    doub N N 283 
SER C   OXT  sing N N 284 
SER CB  OG   sing N N 285 
SER CB  HB2  sing N N 286 
SER CB  HB3  sing N N 287 
SER OG  HG   sing N N 288 
SER OXT HXT  sing N N 289 
THR N   CA   sing N N 290 
THR N   H    sing N N 291 
THR N   H2   sing N N 292 
THR CA  C    sing N N 293 
THR CA  CB   sing N N 294 
THR CA  HA   sing N N 295 
THR C   O    doub N N 296 
THR C   OXT  sing N N 297 
THR CB  OG1  sing N N 298 
THR CB  CG2  sing N N 299 
THR CB  HB   sing N N 300 
THR OG1 HG1  sing N N 301 
THR CG2 HG21 sing N N 302 
THR CG2 HG22 sing N N 303 
THR CG2 HG23 sing N N 304 
THR OXT HXT  sing N N 305 
TRP N   CA   sing N N 306 
TRP N   H    sing N N 307 
TRP N   H2   sing N N 308 
TRP CA  C    sing N N 309 
TRP CA  CB   sing N N 310 
TRP CA  HA   sing N N 311 
TRP C   O    doub N N 312 
TRP C   OXT  sing N N 313 
TRP CB  CG   sing N N 314 
TRP CB  HB2  sing N N 315 
TRP CB  HB3  sing N N 316 
TRP CG  CD1  doub Y N 317 
TRP CG  CD2  sing Y N 318 
TRP CD1 NE1  sing Y N 319 
TRP CD1 HD1  sing N N 320 
TRP CD2 CE2  doub Y N 321 
TRP CD2 CE3  sing Y N 322 
TRP NE1 CE2  sing Y N 323 
TRP NE1 HE1  sing N N 324 
TRP CE2 CZ2  sing Y N 325 
TRP CE3 CZ3  doub Y N 326 
TRP CE3 HE3  sing N N 327 
TRP CZ2 CH2  doub Y N 328 
TRP CZ2 HZ2  sing N N 329 
TRP CZ3 CH2  sing Y N 330 
TRP CZ3 HZ3  sing N N 331 
TRP CH2 HH2  sing N N 332 
TRP OXT HXT  sing N N 333 
TYR N   CA   sing N N 334 
TYR N   H    sing N N 335 
TYR N   H2   sing N N 336 
TYR CA  C    sing N N 337 
TYR CA  CB   sing N N 338 
TYR CA  HA   sing N N 339 
TYR C   O    doub N N 340 
TYR C   OXT  sing N N 341 
TYR CB  CG   sing N N 342 
TYR CB  HB2  sing N N 343 
TYR CB  HB3  sing N N 344 
TYR CG  CD1  doub Y N 345 
TYR CG  CD2  sing Y N 346 
TYR CD1 CE1  sing Y N 347 
TYR CD1 HD1  sing N N 348 
TYR CD2 CE2  doub Y N 349 
TYR CD2 HD2  sing N N 350 
TYR CE1 CZ   doub Y N 351 
TYR CE1 HE1  sing N N 352 
TYR CE2 CZ   sing Y N 353 
TYR CE2 HE2  sing N N 354 
TYR CZ  OH   sing N N 355 
TYR OH  HH   sing N N 356 
TYR OXT HXT  sing N N 357 
VAL N   CA   sing N N 358 
VAL N   H    sing N N 359 
VAL N   H2   sing N N 360 
VAL CA  C    sing N N 361 
VAL CA  CB   sing N N 362 
VAL CA  HA   sing N N 363 
VAL C   O    doub N N 364 
VAL C   OXT  sing N N 365 
VAL CB  CG1  sing N N 366 
VAL CB  CG2  sing N N 367 
VAL CB  HB   sing N N 368 
VAL CG1 HG11 sing N N 369 
VAL CG1 HG12 sing N N 370 
VAL CG1 HG13 sing N N 371 
VAL CG2 HG21 sing N N 372 
VAL CG2 HG22 sing N N 373 
VAL CG2 HG23 sing N N 374 
VAL OXT HXT  sing N N 375 
# 
_pdbx_entity_nonpoly.entity_id   2 
_pdbx_entity_nonpoly.name        water 
_pdbx_entity_nonpoly.comp_id     HOH 
# 
_pdbx_initial_refinement_model.id               1 
_pdbx_initial_refinement_model.entity_id_list   ? 
_pdbx_initial_refinement_model.type             'experimental model' 
_pdbx_initial_refinement_model.source_name      PDB 
_pdbx_initial_refinement_model.accession_code   6HDS 
_pdbx_initial_refinement_model.details          ? 
# 
_pdbx_struct_assembly_auth_evidence.id                     1 
_pdbx_struct_assembly_auth_evidence.assembly_id            1 
_pdbx_struct_assembly_auth_evidence.experimental_support   'gel filtration' 
_pdbx_struct_assembly_auth_evidence.details                ? 
# 
_space_group.name_H-M_alt     'P 42 21 2' 
_space_group.name_Hall        'P 4n 2n' 
_space_group.IT_number        94 
_space_group.crystal_system   tetragonal 
_space_group.id               1 
# 
